data_2BR4
#
_entry.id   2BR4
#
_cell.length_a   91.541
_cell.length_b   102.364
_cell.length_c   181.905
_cell.angle_alpha   90.00
_cell.angle_beta   90.00
_cell.angle_gamma   90.00
#
_symmetry.space_group_name_H-M   'P 21 21 21'
#
loop_
_entity.id
_entity.type
_entity.pdbx_description
1 polymer 'CEPHALOSPORIN HYDROXYLASE CMCI'
2 non-polymer 'MAGNESIUM ION'
3 non-polymer S-ADENOSYLMETHIONINE
4 non-polymer DI(HYDROXYETHYL)ETHER
5 non-polymer 'O-ACETALDEHYDYL-HEXAETHYLENE GLYCOL'
6 water water
#
_entity_poly.entity_id   1
_entity_poly.type   'polypeptide(L)'
_entity_poly.pdbx_seq_one_letter_code
;MNDYSRQNFLDLNLFRGLGEDPAYHPPVLTDRPRDWPLDRWAEAPRDLGYSDFSPYQWRGLRMLKDPDTQAVYHDMLWEL
RPRTIVELGVYNGGSLAWFRDLTKIMGIDCQVIGIDRDLSRCQIPASDMENITLHQGDCSDLTTFEHLREMAHPLIFIDD
AHANTFNIMKWAVDHLLEEGDYFIIEDMIPYWYRYAPQLFSEYLGAFRDVLSMDMLYANASSQLDRGVLRRVAAKQ
;
_entity_poly.pdbx_strand_id   A,B,C,D,E,F
#
# COMPACT_ATOMS: atom_id res chain seq x y z
N ASP A 3 24.80 34.47 7.13
CA ASP A 3 23.43 34.50 6.54
C ASP A 3 22.35 34.57 7.62
N TYR A 4 22.41 33.63 8.57
CA TYR A 4 21.43 33.52 9.64
C TYR A 4 21.45 34.71 10.60
N SER A 5 22.63 35.27 10.84
CA SER A 5 22.79 36.40 11.77
C SER A 5 22.24 37.70 11.19
N ARG A 6 22.44 37.91 9.88
CA ARG A 6 21.92 39.09 9.18
C ARG A 6 20.62 38.74 8.45
N GLN A 7 19.63 38.31 9.22
CA GLN A 7 18.30 37.97 8.72
C GLN A 7 17.35 37.68 9.87
N ASN A 8 16.26 38.43 9.96
CA ASN A 8 15.18 38.13 10.91
C ASN A 8 14.16 37.23 10.24
N PHE A 9 13.71 36.20 10.95
CA PHE A 9 12.90 35.13 10.35
C PHE A 9 11.41 35.27 10.63
N LEU A 10 10.61 35.00 9.60
CA LEU A 10 9.16 34.91 9.75
C LEU A 10 8.81 33.58 10.43
N ASP A 11 7.72 33.60 11.19
CA ASP A 11 7.15 32.39 11.76
C ASP A 11 6.45 31.65 10.62
N LEU A 12 6.88 30.44 10.32
CA LEU A 12 6.28 29.68 9.20
C LEU A 12 4.87 29.20 9.54
N ASN A 13 4.46 29.33 10.80
CA ASN A 13 3.07 29.08 11.20
C ASN A 13 2.04 29.98 10.52
N LEU A 14 2.47 31.18 10.10
CA LEU A 14 1.60 32.11 9.35
C LEU A 14 1.10 31.54 8.02
N PHE A 15 1.86 30.61 7.44
CA PHE A 15 1.54 30.00 6.14
C PHE A 15 0.83 28.64 6.29
N ARG A 16 0.29 28.37 7.47
CA ARG A 16 -0.36 27.08 7.77
C ARG A 16 -1.53 26.84 6.85
N GLY A 17 -1.40 25.82 6.00
CA GLY A 17 -2.43 25.44 5.06
C GLY A 17 -2.82 26.48 4.02
N LEU A 18 -2.01 27.53 3.90
CA LEU A 18 -2.28 28.63 2.97
C LEU A 18 -1.27 28.65 1.85
N GLY A 19 0.00 28.75 2.23
CA GLY A 19 1.08 28.94 1.29
C GLY A 19 1.86 30.19 1.64
N GLU A 20 2.85 30.49 0.82
CA GLU A 20 3.79 31.59 1.06
C GLU A 20 3.27 32.88 0.45
N ASP A 21 2.50 32.75 -0.64
CA ASP A 21 2.05 33.86 -1.44
C ASP A 21 0.60 33.66 -1.86
N PRO A 22 -0.30 34.57 -1.48
CA PRO A 22 -1.71 34.48 -1.90
C PRO A 22 -1.91 34.66 -3.41
N ALA A 23 -0.98 35.38 -4.06
CA ALA A 23 -1.01 35.54 -5.51
C ALA A 23 -0.60 34.26 -6.23
N TYR A 24 -1.30 33.94 -7.32
CA TYR A 24 -1.01 32.73 -8.10
C TYR A 24 0.18 32.95 -9.02
N HIS A 25 1.05 31.94 -9.04
CA HIS A 25 2.18 31.87 -9.98
C HIS A 25 2.24 30.44 -10.53
N PRO A 26 2.32 30.28 -11.85
CA PRO A 26 2.40 28.95 -12.43
C PRO A 26 3.64 28.18 -11.93
N PRO A 27 3.53 26.86 -11.80
CA PRO A 27 4.67 26.05 -11.36
C PRO A 27 5.87 26.13 -12.30
N VAL A 28 7.06 26.09 -11.72
CA VAL A 28 8.31 26.11 -12.47
C VAL A 28 8.93 24.72 -12.38
N LEU A 29 9.34 24.17 -13.52
CA LEU A 29 10.10 22.92 -13.58
C LEU A 29 11.59 23.19 -13.34
N THR A 30 12.17 22.56 -12.31
CA THR A 30 13.57 22.81 -11.92
C THR A 30 14.56 21.76 -12.40
N ASP A 31 14.11 20.53 -12.67
CA ASP A 31 15.02 19.44 -13.03
C ASP A 31 14.74 18.75 -14.36
N ARG A 32 13.81 19.30 -15.15
CA ARG A 32 13.62 18.84 -16.53
C ARG A 32 13.17 19.97 -17.43
N PRO A 33 13.34 19.78 -18.74
CA PRO A 33 12.80 20.72 -19.72
C PRO A 33 11.30 20.55 -19.78
N ARG A 34 10.59 21.59 -20.23
CA ARG A 34 9.15 21.49 -20.36
C ARG A 34 8.79 20.66 -21.58
N ASP A 35 9.52 20.84 -22.67
CA ASP A 35 9.29 20.06 -23.87
C ASP A 35 10.22 18.86 -23.92
N TRP A 36 9.72 17.72 -23.46
CA TRP A 36 10.48 16.47 -23.46
C TRP A 36 10.40 15.87 -24.86
N PRO A 37 11.55 15.49 -25.44
CA PRO A 37 11.57 14.96 -26.81
C PRO A 37 11.04 13.52 -26.91
N LEU A 38 10.22 13.25 -27.93
CA LEU A 38 9.46 12.01 -28.02
C LEU A 38 10.31 10.79 -28.31
N ASP A 39 11.51 11.01 -28.83
CA ASP A 39 12.47 9.93 -29.06
C ASP A 39 13.06 9.40 -27.77
N ARG A 40 12.97 10.17 -26.69
CA ARG A 40 13.35 9.73 -25.35
C ARG A 40 12.12 9.62 -24.44
N TRP A 41 10.95 9.34 -25.02
CA TRP A 41 9.68 9.36 -24.28
C TRP A 41 9.66 8.46 -23.02
N ALA A 42 10.23 7.26 -23.13
CA ALA A 42 10.17 6.27 -22.05
C ALA A 42 11.05 6.63 -20.84
N GLU A 43 12.05 7.48 -21.07
CA GLU A 43 13.00 7.88 -20.04
C GLU A 43 12.54 9.14 -19.30
N ALA A 44 11.40 9.70 -19.70
CA ALA A 44 10.88 10.90 -19.06
C ALA A 44 10.45 10.60 -17.63
N PRO A 45 10.77 11.47 -16.69
CA PRO A 45 10.42 11.22 -15.29
C PRO A 45 8.91 11.24 -15.10
N ARG A 46 8.42 10.39 -14.21
CA ARG A 46 7.00 10.12 -14.05
C ARG A 46 6.34 11.00 -12.99
N ASP A 47 7.14 11.61 -12.11
CA ASP A 47 6.62 12.46 -11.03
C ASP A 47 6.14 13.83 -11.53
N LEU A 48 5.41 14.52 -10.66
CA LEU A 48 4.74 15.78 -10.99
C LEU A 48 5.71 16.84 -11.53
N GLY A 49 6.87 16.96 -10.90
CA GLY A 49 7.88 17.92 -11.30
C GLY A 49 7.91 19.21 -10.49
N TYR A 50 7.02 19.32 -9.49
CA TYR A 50 6.99 20.51 -8.66
C TYR A 50 6.29 20.30 -7.31
N SER A 51 6.77 21.04 -6.31
CA SER A 51 6.36 20.87 -4.92
C SER A 51 5.28 21.86 -4.47
N ASP A 52 4.94 22.81 -5.34
CA ASP A 52 3.89 23.83 -5.11
C ASP A 52 2.72 23.28 -4.27
N PHE A 53 2.42 23.97 -3.17
CA PHE A 53 1.60 23.38 -2.09
C PHE A 53 0.24 22.88 -2.56
N SER A 54 -0.57 23.81 -3.04
CA SER A 54 -1.91 23.50 -3.53
C SER A 54 -1.96 24.20 -4.88
N PRO A 55 -1.52 23.51 -5.93
CA PRO A 55 -1.30 24.14 -7.23
C PRO A 55 -2.58 24.18 -8.07
N TYR A 56 -3.63 24.75 -7.49
CA TYR A 56 -4.92 24.82 -8.14
C TYR A 56 -5.34 26.27 -8.20
N GLN A 57 -6.06 26.62 -9.25
CA GLN A 57 -6.41 27.99 -9.51
C GLN A 57 -7.69 28.07 -10.30
N TRP A 58 -8.39 29.18 -10.14
CA TRP A 58 -9.51 29.53 -10.97
C TRP A 58 -9.29 30.94 -11.53
N ARG A 59 -9.03 31.00 -12.83
CA ARG A 59 -8.96 32.25 -13.57
C ARG A 59 -7.89 33.19 -13.00
N GLY A 60 -6.73 32.62 -12.72
CA GLY A 60 -5.60 33.40 -12.26
C GLY A 60 -5.52 33.55 -10.75
N LEU A 61 -6.49 33.01 -10.03
CA LEU A 61 -6.53 33.12 -8.58
C LEU A 61 -6.27 31.76 -7.95
N ARG A 62 -5.39 31.73 -6.97
CA ARG A 62 -5.15 30.51 -6.20
C ARG A 62 -6.46 29.97 -5.62
N MET A 63 -6.56 28.64 -5.59
CA MET A 63 -7.71 27.93 -5.04
C MET A 63 -7.18 26.93 -4.03
N LEU A 64 -7.66 27.01 -2.79
CA LEU A 64 -7.29 26.02 -1.78
C LEU A 64 -8.23 24.82 -1.79
N LYS A 65 -9.35 24.94 -2.49
CA LYS A 65 -10.22 23.79 -2.67
C LYS A 65 -9.65 22.93 -3.81
N ASP A 66 -9.31 21.69 -3.50
CA ASP A 66 -8.70 20.83 -4.49
C ASP A 66 -9.81 20.18 -5.35
N PRO A 67 -9.46 19.60 -6.50
CA PRO A 67 -10.45 19.16 -7.50
C PRO A 67 -11.58 18.27 -7.01
N ASP A 68 -11.32 17.40 -6.03
CA ASP A 68 -12.37 16.53 -5.53
C ASP A 68 -13.40 17.32 -4.74
N THR A 69 -12.91 18.26 -3.93
CA THR A 69 -13.77 19.21 -3.25
C THR A 69 -14.58 20.04 -4.25
N GLN A 70 -13.98 20.40 -5.37
CA GLN A 70 -14.65 21.19 -6.39
C GLN A 70 -15.81 20.44 -7.03
N ALA A 71 -15.66 19.14 -7.22
CA ALA A 71 -16.70 18.33 -7.84
C ALA A 71 -17.91 18.13 -6.90
N VAL A 72 -17.64 18.02 -5.60
CA VAL A 72 -18.69 17.92 -4.62
C VAL A 72 -19.51 19.22 -4.62
N TYR A 73 -18.84 20.36 -4.61
CA TYR A 73 -19.55 21.66 -4.62
C TYR A 73 -20.30 21.83 -5.93
N HIS A 74 -19.73 21.39 -7.05
CA HIS A 74 -20.47 21.40 -8.30
C HIS A 74 -21.82 20.71 -8.13
N ASP A 75 -21.78 19.47 -7.65
CA ASP A 75 -22.96 18.64 -7.49
C ASP A 75 -23.93 19.27 -6.51
N MET A 76 -23.39 19.87 -5.45
CA MET A 76 -24.19 20.45 -4.40
C MET A 76 -24.90 21.70 -4.92
N LEU A 77 -24.17 22.55 -5.64
CA LEU A 77 -24.78 23.73 -6.26
C LEU A 77 -25.84 23.35 -7.29
N TRP A 78 -25.57 22.30 -8.07
CA TRP A 78 -26.49 21.86 -9.11
C TRP A 78 -27.84 21.39 -8.54
N GLU A 79 -27.79 20.68 -7.42
CA GLU A 79 -28.97 20.12 -6.79
C GLU A 79 -29.76 21.17 -5.95
N LEU A 80 -29.04 21.90 -5.11
CA LEU A 80 -29.62 22.86 -4.17
C LEU A 80 -30.07 24.16 -4.84
N ARG A 81 -29.31 24.59 -5.86
CA ARG A 81 -29.50 25.89 -6.51
C ARG A 81 -29.57 26.99 -5.47
N PRO A 82 -28.47 27.16 -4.74
CA PRO A 82 -28.42 28.07 -3.59
C PRO A 82 -28.49 29.53 -4.00
N ARG A 83 -29.25 30.30 -3.22
CA ARG A 83 -29.41 31.72 -3.42
C ARG A 83 -28.35 32.51 -2.66
N THR A 84 -27.69 31.86 -1.68
CA THR A 84 -26.61 32.49 -0.92
C THR A 84 -25.51 31.48 -0.58
N ILE A 85 -24.26 31.86 -0.83
CA ILE A 85 -23.11 31.09 -0.38
C ILE A 85 -22.23 31.99 0.48
N VAL A 86 -22.13 31.67 1.77
CA VAL A 86 -21.28 32.41 2.70
C VAL A 86 -19.99 31.65 2.97
N GLU A 87 -18.85 32.30 2.73
CA GLU A 87 -17.55 31.71 3.02
C GLU A 87 -16.92 32.41 4.23
N LEU A 88 -16.70 31.67 5.31
CA LEU A 88 -15.97 32.15 6.50
C LEU A 88 -14.48 31.86 6.28
N GLY A 89 -13.70 32.90 6.00
CA GLY A 89 -12.31 32.74 5.62
C GLY A 89 -12.15 32.96 4.11
N VAL A 90 -11.54 34.09 3.74
CA VAL A 90 -11.43 34.49 2.33
C VAL A 90 -10.07 34.18 1.68
N TYR A 91 -8.98 34.58 2.34
CA TYR A 91 -7.63 34.53 1.78
C TYR A 91 -7.49 35.35 0.49
N ASN A 92 -7.32 34.68 -0.64
CA ASN A 92 -7.09 35.35 -1.90
C ASN A 92 -8.39 35.58 -2.67
N GLY A 93 -9.48 34.99 -2.20
CA GLY A 93 -10.79 35.19 -2.79
C GLY A 93 -11.06 34.29 -3.99
N GLY A 94 -10.16 33.35 -4.26
CA GLY A 94 -10.29 32.51 -5.44
C GLY A 94 -11.55 31.67 -5.41
N SER A 95 -11.84 31.07 -4.27
CA SER A 95 -13.05 30.26 -4.14
C SER A 95 -14.32 31.13 -4.15
N LEU A 96 -14.20 32.40 -3.74
CA LEU A 96 -15.29 33.37 -3.88
C LEU A 96 -15.66 33.55 -5.36
N ALA A 97 -14.65 33.78 -6.19
CA ALA A 97 -14.85 34.03 -7.61
C ALA A 97 -15.33 32.76 -8.31
N TRP A 98 -14.88 31.62 -7.81
CA TRP A 98 -15.25 30.32 -8.35
C TRP A 98 -16.74 30.06 -8.11
N PHE A 99 -17.20 30.29 -6.89
CA PHE A 99 -18.59 30.06 -6.51
C PHE A 99 -19.56 30.96 -7.26
N ARG A 100 -19.21 32.23 -7.40
CA ARG A 100 -20.03 33.18 -8.16
C ARG A 100 -20.05 32.79 -9.64
N ASP A 101 -18.90 32.41 -10.18
CA ASP A 101 -18.82 32.02 -11.58
C ASP A 101 -19.60 30.75 -11.86
N LEU A 102 -19.53 29.78 -10.94
CA LEU A 102 -20.22 28.50 -11.14
C LEU A 102 -21.74 28.65 -11.12
N THR A 103 -22.24 29.40 -10.15
CA THR A 103 -23.66 29.70 -10.08
C THR A 103 -24.13 30.51 -11.28
N LYS A 104 -23.29 31.40 -11.77
CA LYS A 104 -23.63 32.22 -12.94
C LYS A 104 -23.85 31.32 -14.17
N ILE A 105 -22.94 30.38 -14.41
CA ILE A 105 -23.03 29.45 -15.55
C ILE A 105 -24.20 28.48 -15.41
N MET A 106 -24.60 28.17 -14.17
CA MET A 106 -25.72 27.27 -13.91
C MET A 106 -27.05 28.02 -13.91
N GLY A 107 -27.00 29.34 -14.09
CA GLY A 107 -28.21 30.15 -14.10
C GLY A 107 -28.85 30.35 -12.73
N ILE A 108 -28.09 30.13 -11.66
CA ILE A 108 -28.54 30.35 -10.29
C ILE A 108 -28.21 31.76 -9.83
N ASP A 109 -29.23 32.50 -9.41
CA ASP A 109 -29.05 33.87 -8.96
C ASP A 109 -28.53 33.87 -7.51
N CYS A 110 -27.21 33.81 -7.36
CA CYS A 110 -26.58 33.58 -6.06
C CYS A 110 -25.70 34.75 -5.63
N GLN A 111 -25.89 35.19 -4.40
CA GLN A 111 -25.04 36.18 -3.77
C GLN A 111 -23.96 35.47 -2.99
N VAL A 112 -22.70 35.77 -3.29
CA VAL A 112 -21.59 35.15 -2.60
C VAL A 112 -21.05 36.15 -1.61
N ILE A 113 -21.02 35.76 -0.34
CA ILE A 113 -20.56 36.61 0.73
C ILE A 113 -19.31 36.01 1.35
N GLY A 114 -18.25 36.79 1.47
CA GLY A 114 -17.00 36.33 2.06
C GLY A 114 -16.66 37.14 3.28
N ILE A 115 -16.37 36.48 4.38
CA ILE A 115 -15.99 37.13 5.63
C ILE A 115 -14.58 36.72 6.04
N ASP A 116 -13.75 37.69 6.40
CA ASP A 116 -12.38 37.49 6.85
C ASP A 116 -11.98 38.60 7.80
N ARG A 117 -11.03 38.31 8.70
CA ARG A 117 -10.42 39.34 9.54
C ARG A 117 -9.49 40.25 8.73
N ASP A 118 -8.91 39.67 7.67
CA ASP A 118 -7.86 40.30 6.90
C ASP A 118 -8.14 40.13 5.39
N LEU A 119 -8.74 41.16 4.79
CA LEU A 119 -9.10 41.15 3.37
C LEU A 119 -8.00 41.68 2.46
N SER A 120 -6.85 42.06 3.04
CA SER A 120 -5.73 42.62 2.27
C SER A 120 -5.16 41.61 1.29
N ARG A 121 -5.28 40.32 1.60
CA ARG A 121 -4.80 39.25 0.71
C ARG A 121 -5.69 39.00 -0.51
N CYS A 122 -6.91 39.53 -0.52
CA CYS A 122 -7.86 39.28 -1.61
C CYS A 122 -7.41 39.84 -2.95
N GLN A 123 -7.24 38.96 -3.94
CA GLN A 123 -6.65 39.27 -5.23
C GLN A 123 -7.69 39.61 -6.31
N ILE A 124 -8.97 39.47 -5.99
CA ILE A 124 -10.02 39.72 -6.98
C ILE A 124 -10.06 41.22 -7.31
N PRO A 125 -9.93 41.58 -8.60
CA PRO A 125 -10.08 42.98 -9.01
C PRO A 125 -11.50 43.52 -8.80
N ALA A 126 -11.62 44.85 -8.72
CA ALA A 126 -12.90 45.51 -8.46
C ALA A 126 -13.90 45.31 -9.60
N SER A 127 -13.38 45.26 -10.83
CA SER A 127 -14.21 45.09 -12.04
C SER A 127 -14.79 43.66 -12.21
N ASP A 128 -14.47 42.76 -11.29
CA ASP A 128 -14.91 41.37 -11.36
C ASP A 128 -15.60 40.96 -10.03
N MET A 129 -16.29 41.90 -9.41
CA MET A 129 -16.89 41.68 -8.08
C MET A 129 -18.41 41.63 -8.12
N GLU A 130 -19.02 41.36 -9.27
CA GLU A 130 -20.48 41.31 -9.34
C GLU A 130 -20.99 40.10 -8.56
N ASN A 131 -22.00 40.33 -7.72
CA ASN A 131 -22.59 39.30 -6.85
C ASN A 131 -21.61 38.75 -5.80
N ILE A 132 -20.61 39.55 -5.42
CA ILE A 132 -19.66 39.18 -4.37
C ILE A 132 -19.51 40.35 -3.39
N THR A 133 -19.93 40.15 -2.14
CA THR A 133 -19.70 41.08 -1.04
C THR A 133 -18.62 40.55 -0.07
N LEU A 134 -17.69 41.42 0.32
CA LEU A 134 -16.74 41.14 1.40
C LEU A 134 -17.21 41.80 2.72
N HIS A 135 -16.69 41.33 3.85
CA HIS A 135 -16.99 41.89 5.18
C HIS A 135 -15.82 41.60 6.13
N GLN A 136 -15.14 42.65 6.59
CA GLN A 136 -14.04 42.46 7.54
C GLN A 136 -14.58 42.22 8.95
N GLY A 137 -13.83 41.47 9.75
CA GLY A 137 -14.27 41.06 11.07
C GLY A 137 -13.66 39.73 11.51
N ASP A 138 -13.58 39.52 12.82
CA ASP A 138 -13.08 38.27 13.40
C ASP A 138 -14.20 37.22 13.53
N CYS A 139 -13.82 35.95 13.55
CA CYS A 139 -14.71 34.83 13.87
C CYS A 139 -14.60 34.52 15.37
N SER A 140 -13.43 34.82 15.93
CA SER A 140 -13.22 34.96 17.37
C SER A 140 -14.32 35.80 18.09
N ASP A 141 -15.23 36.42 17.35
CA ASP A 141 -16.44 36.99 17.95
C ASP A 141 -17.65 37.09 16.99
N LEU A 142 -18.84 36.78 17.53
CA LEU A 142 -20.08 36.67 16.75
C LEU A 142 -20.70 38.01 16.33
N THR A 143 -20.16 39.14 16.80
CA THR A 143 -20.70 40.45 16.39
C THR A 143 -20.50 40.64 14.88
N THR A 144 -19.48 39.98 14.33
CA THR A 144 -19.21 39.95 12.90
C THR A 144 -20.42 39.50 12.07
N PHE A 145 -21.05 38.41 12.50
CA PHE A 145 -22.11 37.77 11.72
C PHE A 145 -23.47 38.44 11.84
N GLU A 146 -23.71 39.13 12.95
CA GLU A 146 -25.01 39.78 13.17
C GLU A 146 -25.28 40.94 12.21
N HIS A 147 -24.21 41.54 11.67
CA HIS A 147 -24.32 42.63 10.71
C HIS A 147 -24.50 42.06 9.29
N LEU A 148 -25.60 41.34 9.08
CA LEU A 148 -25.87 40.67 7.80
C LEU A 148 -27.27 41.03 7.31
N ARG A 149 -27.35 41.79 6.22
CA ARG A 149 -28.62 42.13 5.56
C ARG A 149 -29.31 40.83 5.14
N GLU A 150 -30.43 40.51 5.80
CA GLU A 150 -30.99 39.15 5.76
C GLU A 150 -31.20 38.62 4.35
N MET A 151 -30.40 37.61 4.01
CA MET A 151 -30.20 37.11 2.66
C MET A 151 -31.13 35.95 2.31
N ALA A 152 -31.16 35.61 1.03
CA ALA A 152 -32.10 34.62 0.51
C ALA A 152 -31.64 33.18 0.70
N HIS A 153 -32.60 32.27 0.60
CA HIS A 153 -32.39 30.84 0.76
C HIS A 153 -32.82 30.12 -0.53
N PRO A 154 -32.32 28.91 -0.79
CA PRO A 154 -31.39 28.17 0.07
C PRO A 154 -30.02 28.82 0.28
N LEU A 155 -29.31 28.38 1.31
CA LEU A 155 -28.04 28.98 1.75
C LEU A 155 -27.01 27.91 2.10
N ILE A 156 -25.75 28.14 1.71
CA ILE A 156 -24.65 27.26 2.10
C ILE A 156 -23.65 28.09 2.91
N PHE A 157 -23.39 27.66 4.13
CA PHE A 157 -22.48 28.36 5.04
C PHE A 157 -21.24 27.49 5.22
N ILE A 158 -20.08 28.01 4.81
CA ILE A 158 -18.83 27.24 4.77
C ILE A 158 -17.84 27.77 5.80
N ASP A 159 -17.50 26.96 6.80
CA ASP A 159 -16.42 27.32 7.72
C ASP A 159 -15.05 26.97 7.16
N ASP A 160 -14.30 28.00 6.81
CA ASP A 160 -12.94 27.88 6.32
C ASP A 160 -11.92 28.64 7.16
N ALA A 161 -12.35 29.14 8.32
CA ALA A 161 -11.48 29.88 9.24
C ALA A 161 -11.16 29.10 10.52
N HIS A 162 -12.00 28.12 10.85
CA HIS A 162 -11.70 27.12 11.89
C HIS A 162 -11.48 27.67 13.28
N ALA A 163 -12.10 28.80 13.57
CA ALA A 163 -12.00 29.40 14.91
C ALA A 163 -13.39 29.44 15.53
N ASN A 164 -13.50 29.05 16.79
CA ASN A 164 -14.74 29.21 17.54
C ASN A 164 -15.90 28.47 16.88
N THR A 165 -15.58 27.41 16.15
CA THR A 165 -16.49 26.82 15.15
C THR A 165 -17.86 26.39 15.68
N PHE A 166 -17.89 25.63 16.77
CA PHE A 166 -19.16 25.17 17.29
C PHE A 166 -20.05 26.31 17.81
N ASN A 167 -19.45 27.35 18.38
CA ASN A 167 -20.22 28.54 18.79
C ASN A 167 -20.82 29.25 17.57
N ILE A 168 -20.12 29.18 16.44
CA ILE A 168 -20.62 29.74 15.18
C ILE A 168 -21.73 28.87 14.59
N MET A 169 -21.60 27.56 14.72
CA MET A 169 -22.62 26.63 14.24
C MET A 169 -23.91 26.83 15.05
N LYS A 170 -23.75 27.05 16.35
CA LYS A 170 -24.85 27.41 17.24
C LYS A 170 -25.50 28.71 16.78
N TRP A 171 -24.67 29.71 16.54
CA TRP A 171 -25.15 30.99 16.04
C TRP A 171 -25.94 30.82 14.75
N ALA A 172 -25.44 29.94 13.87
CA ALA A 172 -26.04 29.75 12.55
C ALA A 172 -27.40 29.06 12.64
N VAL A 173 -27.54 28.11 13.56
CA VAL A 173 -28.81 27.42 13.76
C VAL A 173 -29.84 28.39 14.38
N ASP A 174 -29.41 29.22 15.32
CA ASP A 174 -30.32 30.10 16.04
C ASP A 174 -30.75 31.35 15.26
N HIS A 175 -30.02 31.71 14.21
CA HIS A 175 -30.22 33.00 13.54
C HIS A 175 -30.50 32.93 12.04
N LEU A 176 -29.89 31.96 11.35
CA LEU A 176 -29.72 32.02 9.89
C LEU A 176 -30.26 30.81 9.11
N LEU A 177 -29.96 29.61 9.58
CA LEU A 177 -30.18 28.41 8.78
C LEU A 177 -31.65 28.01 8.76
N GLU A 178 -32.09 27.57 7.60
CA GLU A 178 -33.44 27.12 7.37
C GLU A 178 -33.39 25.70 6.85
N GLU A 179 -34.48 24.95 7.00
CA GLU A 179 -34.55 23.58 6.51
C GLU A 179 -33.93 23.46 5.11
N GLY A 180 -32.94 22.60 4.97
CA GLY A 180 -32.31 22.31 3.68
C GLY A 180 -30.96 22.97 3.49
N ASP A 181 -30.70 24.04 4.23
CA ASP A 181 -29.44 24.78 4.16
C ASP A 181 -28.28 23.98 4.70
N TYR A 182 -27.09 24.22 4.17
CA TYR A 182 -25.90 23.49 4.57
C TYR A 182 -25.02 24.32 5.51
N PHE A 183 -24.40 23.63 6.46
CA PHE A 183 -23.29 24.13 7.24
C PHE A 183 -22.12 23.15 7.07
N ILE A 184 -21.00 23.65 6.55
CA ILE A 184 -19.88 22.81 6.13
C ILE A 184 -18.61 23.19 6.87
N ILE A 185 -17.94 22.20 7.47
CA ILE A 185 -16.69 22.43 8.16
C ILE A 185 -15.58 21.80 7.33
N GLU A 186 -14.79 22.61 6.65
CA GLU A 186 -13.69 22.06 5.85
C GLU A 186 -12.50 21.76 6.74
N ASP A 187 -11.89 20.60 6.50
CA ASP A 187 -10.58 20.20 7.00
C ASP A 187 -10.49 19.69 8.41
N MET A 188 -11.16 20.35 9.35
CA MET A 188 -10.88 20.18 10.76
C MET A 188 -11.46 18.94 11.42
N ILE A 189 -12.59 18.44 10.92
CA ILE A 189 -13.36 17.40 11.60
C ILE A 189 -12.52 16.16 11.97
N PRO A 190 -11.81 15.55 11.02
CA PRO A 190 -11.04 14.34 11.31
C PRO A 190 -9.94 14.57 12.34
N TYR A 191 -9.38 15.78 12.36
CA TYR A 191 -8.34 16.13 13.33
C TYR A 191 -8.93 16.35 14.72
N TRP A 192 -10.08 16.99 14.79
CA TRP A 192 -10.76 17.22 16.07
C TRP A 192 -11.24 15.94 16.72
N TYR A 193 -11.65 14.96 15.91
CA TYR A 193 -12.10 13.67 16.43
C TYR A 193 -10.90 12.89 16.91
N ARG A 194 -9.80 13.04 16.19
CA ARG A 194 -8.53 12.40 16.53
C ARG A 194 -8.03 12.90 17.87
N TYR A 195 -8.00 14.22 18.04
CA TYR A 195 -7.36 14.84 19.20
C TYR A 195 -8.26 14.87 20.43
N ALA A 196 -9.55 15.05 20.21
CA ALA A 196 -10.53 15.17 21.29
C ALA A 196 -11.82 14.37 20.99
N PRO A 197 -11.72 13.04 20.86
CA PRO A 197 -12.88 12.23 20.49
C PRO A 197 -14.12 12.47 21.35
N GLN A 198 -13.96 12.59 22.66
CA GLN A 198 -15.10 12.67 23.58
C GLN A 198 -15.87 13.98 23.49
N LEU A 199 -15.16 15.11 23.58
CA LEU A 199 -15.80 16.42 23.46
C LEU A 199 -16.40 16.58 22.08
N PHE A 200 -15.65 16.20 21.05
CA PHE A 200 -16.14 16.28 19.68
C PHE A 200 -17.45 15.53 19.51
N SER A 201 -17.48 14.28 19.96
CA SER A 201 -18.68 13.44 19.88
C SER A 201 -19.87 14.09 20.57
N GLU A 202 -19.63 14.72 21.71
CA GLU A 202 -20.67 15.34 22.52
C GLU A 202 -21.16 16.63 21.87
N TYR A 203 -20.22 17.45 21.43
CA TYR A 203 -20.52 18.75 20.84
C TYR A 203 -21.33 18.56 19.57
N LEU A 204 -20.86 17.70 18.68
CA LEU A 204 -21.60 17.36 17.46
C LEU A 204 -22.96 16.74 17.78
N GLY A 205 -23.03 15.94 18.83
CA GLY A 205 -24.27 15.28 19.24
C GLY A 205 -25.29 16.24 19.83
N ALA A 206 -24.84 17.39 20.31
CA ALA A 206 -25.73 18.42 20.84
C ALA A 206 -26.58 19.05 19.73
N PHE A 207 -26.15 18.89 18.49
CA PHE A 207 -26.90 19.36 17.32
C PHE A 207 -27.73 18.25 16.64
N ARG A 208 -28.02 17.15 17.33
CA ARG A 208 -28.72 16.01 16.71
C ARG A 208 -30.12 16.30 16.16
N ASP A 209 -30.85 17.21 16.80
CA ASP A 209 -32.22 17.54 16.39
C ASP A 209 -32.32 18.63 15.34
N VAL A 210 -31.19 19.28 15.00
CA VAL A 210 -31.20 20.40 14.06
C VAL A 210 -30.36 20.20 12.81
N LEU A 211 -29.23 19.50 12.93
CA LEU A 211 -28.38 19.19 11.77
C LEU A 211 -28.20 17.68 11.59
N SER A 212 -28.07 17.25 10.34
CA SER A 212 -27.68 15.89 9.99
C SER A 212 -26.45 15.91 9.11
N MET A 213 -25.79 14.78 8.94
CA MET A 213 -24.63 14.66 8.08
C MET A 213 -25.06 14.09 6.74
N ASP A 214 -24.79 14.83 5.68
CA ASP A 214 -25.26 14.45 4.35
C ASP A 214 -24.31 13.40 3.77
N MET A 215 -24.77 12.16 3.77
CA MET A 215 -23.97 11.02 3.36
C MET A 215 -23.83 10.86 1.85
N LEU A 216 -24.40 11.79 1.07
CA LEU A 216 -24.15 11.85 -0.37
C LEU A 216 -22.80 12.50 -0.65
N TYR A 217 -22.48 13.54 0.12
CA TYR A 217 -21.30 14.35 -0.10
C TYR A 217 -20.23 14.22 0.98
N ALA A 218 -20.57 13.62 2.11
CA ALA A 218 -19.67 13.64 3.27
C ALA A 218 -18.41 12.83 3.08
N ASN A 219 -18.49 11.76 2.31
CA ASN A 219 -17.31 10.92 2.07
C ASN A 219 -16.67 11.10 0.69
N ALA A 220 -17.03 12.17 -0.02
CA ALA A 220 -16.65 12.31 -1.43
C ALA A 220 -15.37 13.11 -1.65
N SER A 221 -14.94 13.87 -0.65
CA SER A 221 -13.66 14.56 -0.70
C SER A 221 -12.97 14.51 0.64
N SER A 222 -11.65 14.63 0.63
CA SER A 222 -10.88 14.53 1.86
C SER A 222 -10.94 15.84 2.68
N GLN A 223 -11.13 16.95 2.00
CA GLN A 223 -11.27 18.26 2.67
C GLN A 223 -12.64 18.38 3.36
N LEU A 224 -13.68 17.82 2.77
CA LEU A 224 -15.03 17.94 3.32
C LEU A 224 -15.41 16.73 4.17
N ASP A 225 -14.46 15.81 4.29
CA ASP A 225 -14.60 14.53 4.98
C ASP A 225 -15.40 14.64 6.29
N ARG A 226 -16.59 14.04 6.27
CA ARG A 226 -17.49 13.98 7.43
C ARG A 226 -17.84 15.34 8.05
N GLY A 227 -17.89 16.38 7.22
CA GLY A 227 -18.12 17.74 7.67
C GLY A 227 -19.19 18.47 6.89
N VAL A 228 -19.95 17.75 6.08
CA VAL A 228 -21.06 18.33 5.34
C VAL A 228 -22.32 18.11 6.15
N LEU A 229 -22.89 19.21 6.65
CA LEU A 229 -24.09 19.14 7.49
C LEU A 229 -25.18 19.97 6.87
N ARG A 230 -26.43 19.54 7.03
CA ARG A 230 -27.55 20.36 6.62
C ARG A 230 -28.67 20.40 7.68
N ARG A 231 -29.47 21.46 7.60
CA ARG A 231 -30.56 21.69 8.54
C ARG A 231 -31.75 20.77 8.24
N VAL A 232 -32.08 19.90 9.19
CA VAL A 232 -33.22 18.99 9.08
C VAL A 232 -34.53 19.69 9.45
N ALA A 233 -35.66 19.08 9.09
CA ALA A 233 -36.98 19.69 9.26
C ALA A 233 -37.32 20.08 10.71
N ASP B 3 -35.83 -14.29 -16.57
CA ASP B 3 -35.59 -15.59 -17.27
C ASP B 3 -34.65 -15.42 -18.48
N TYR B 4 -33.84 -16.45 -18.74
CA TYR B 4 -32.78 -16.39 -19.75
C TYR B 4 -33.21 -16.91 -21.13
N SER B 5 -34.18 -17.83 -21.15
CA SER B 5 -34.68 -18.41 -22.40
C SER B 5 -35.39 -17.36 -23.26
N ARG B 6 -36.24 -16.56 -22.61
CA ARG B 6 -36.88 -15.40 -23.25
C ARG B 6 -35.82 -14.45 -23.79
N GLN B 7 -34.99 -13.95 -22.88
CA GLN B 7 -34.01 -12.90 -23.17
C GLN B 7 -33.14 -13.12 -24.41
N ASN B 8 -32.77 -12.01 -25.04
CA ASN B 8 -31.63 -11.92 -25.96
C ASN B 8 -30.69 -10.87 -25.37
N PHE B 9 -29.42 -11.23 -25.21
CA PHE B 9 -28.48 -10.46 -24.41
C PHE B 9 -27.58 -9.58 -25.24
N LEU B 10 -27.60 -8.28 -24.93
CA LEU B 10 -26.69 -7.32 -25.54
C LEU B 10 -25.23 -7.62 -25.18
N ASP B 11 -24.31 -7.23 -26.06
CA ASP B 11 -22.89 -7.39 -25.82
C ASP B 11 -22.47 -6.26 -24.88
N LEU B 12 -22.05 -6.61 -23.66
CA LEU B 12 -21.70 -5.61 -22.65
C LEU B 12 -20.48 -4.74 -23.02
N ASN B 13 -19.69 -5.18 -24.00
CA ASN B 13 -18.54 -4.41 -24.48
C ASN B 13 -18.95 -3.08 -25.13
N LEU B 14 -20.21 -3.00 -25.54
CA LEU B 14 -20.82 -1.74 -25.97
C LEU B 14 -20.67 -0.62 -24.92
N PHE B 15 -20.53 -1.00 -23.66
CA PHE B 15 -20.53 -0.06 -22.54
C PHE B 15 -19.13 0.15 -21.93
N ARG B 16 -18.13 -0.45 -22.55
CA ARG B 16 -16.77 -0.41 -22.03
C ARG B 16 -16.27 1.03 -21.87
N GLY B 17 -15.80 1.35 -20.66
CA GLY B 17 -15.33 2.69 -20.33
C GLY B 17 -16.36 3.80 -20.49
N LEU B 18 -17.64 3.44 -20.54
CA LEU B 18 -18.71 4.40 -20.81
C LEU B 18 -19.79 4.41 -19.75
N GLY B 19 -20.39 3.25 -19.49
CA GLY B 19 -21.59 3.14 -18.67
C GLY B 19 -22.73 2.65 -19.53
N GLU B 20 -23.92 2.50 -18.96
CA GLU B 20 -25.08 1.98 -19.69
C GLU B 20 -26.09 3.05 -20.09
N ASP B 21 -25.98 4.22 -19.46
CA ASP B 21 -26.87 5.33 -19.74
C ASP B 21 -26.06 6.61 -19.96
N PRO B 22 -26.06 7.17 -21.17
CA PRO B 22 -25.39 8.46 -21.39
C PRO B 22 -26.01 9.58 -20.56
N ALA B 23 -27.27 9.43 -20.16
CA ALA B 23 -27.93 10.40 -19.29
C ALA B 23 -27.43 10.29 -17.84
N TYR B 24 -27.22 11.45 -17.23
CA TYR B 24 -26.72 11.53 -15.87
C TYR B 24 -27.85 11.25 -14.88
N HIS B 25 -27.51 10.52 -13.83
CA HIS B 25 -28.41 10.39 -12.68
C HIS B 25 -27.58 10.48 -11.42
N PRO B 26 -28.04 11.26 -10.44
CA PRO B 26 -27.36 11.34 -9.14
C PRO B 26 -27.12 9.94 -8.57
N PRO B 27 -26.04 9.75 -7.82
CA PRO B 27 -25.84 8.48 -7.13
C PRO B 27 -27.00 8.15 -6.20
N VAL B 28 -27.17 6.86 -5.95
CA VAL B 28 -28.23 6.36 -5.10
C VAL B 28 -27.54 5.64 -3.94
N LEU B 29 -27.88 6.04 -2.72
CA LEU B 29 -27.37 5.36 -1.54
C LEU B 29 -28.14 4.05 -1.37
N THR B 30 -27.41 2.98 -1.10
CA THR B 30 -27.98 1.62 -1.04
C THR B 30 -28.04 1.05 0.37
N ASP B 31 -26.99 1.29 1.15
CA ASP B 31 -26.84 0.70 2.48
C ASP B 31 -26.80 1.73 3.62
N ARG B 32 -27.26 2.95 3.36
CA ARG B 32 -27.37 3.96 4.42
C ARG B 32 -28.36 5.06 4.07
N PRO B 33 -28.87 5.76 5.09
CA PRO B 33 -29.73 6.90 4.85
C PRO B 33 -28.88 8.06 4.41
N ARG B 34 -29.50 9.02 3.74
CA ARG B 34 -28.78 10.20 3.33
C ARG B 34 -28.47 11.10 4.52
N ASP B 35 -29.34 11.13 5.52
CA ASP B 35 -29.19 12.03 6.66
C ASP B 35 -28.78 11.25 7.89
N TRP B 36 -27.48 11.17 8.14
CA TRP B 36 -26.98 10.47 9.31
C TRP B 36 -27.20 11.29 10.59
N PRO B 37 -27.72 10.67 11.65
CA PRO B 37 -27.92 11.39 12.92
C PRO B 37 -26.57 11.72 13.56
N LEU B 38 -26.45 12.92 14.11
CA LEU B 38 -25.17 13.41 14.61
C LEU B 38 -24.77 12.76 15.94
N ASP B 39 -25.75 12.34 16.74
CA ASP B 39 -25.47 11.59 17.98
C ASP B 39 -24.78 10.24 17.70
N ARG B 40 -24.83 9.78 16.45
CA ARG B 40 -24.14 8.55 16.05
C ARG B 40 -23.12 8.84 14.96
N TRP B 41 -22.51 10.02 15.00
CA TRP B 41 -21.59 10.44 13.95
C TRP B 41 -20.44 9.46 13.74
N ALA B 42 -19.92 8.90 14.82
CA ALA B 42 -18.73 8.06 14.79
C ALA B 42 -18.97 6.68 14.16
N GLU B 43 -20.22 6.24 14.14
CA GLU B 43 -20.60 4.93 13.59
C GLU B 43 -20.98 4.98 12.11
N ALA B 44 -20.81 6.11 11.46
CA ALA B 44 -21.22 6.28 10.07
C ALA B 44 -20.20 5.64 9.13
N PRO B 45 -20.67 4.95 8.10
CA PRO B 45 -19.75 4.30 7.15
C PRO B 45 -18.88 5.34 6.46
N ARG B 46 -17.63 4.97 6.20
CA ARG B 46 -16.61 5.92 5.74
C ARG B 46 -16.33 5.85 4.24
N ASP B 47 -16.70 4.75 3.61
CA ASP B 47 -16.52 4.58 2.17
C ASP B 47 -17.47 5.49 1.40
N LEU B 48 -17.32 5.54 0.08
CA LEU B 48 -17.99 6.54 -0.73
C LEU B 48 -19.52 6.40 -0.68
N GLY B 49 -20.01 5.17 -0.67
CA GLY B 49 -21.45 4.89 -0.63
C GLY B 49 -22.07 4.57 -1.98
N TYR B 50 -21.23 4.60 -3.02
CA TYR B 50 -21.64 4.21 -4.39
C TYR B 50 -20.41 3.93 -5.26
N SER B 51 -20.67 3.39 -6.45
CA SER B 51 -19.61 3.04 -7.39
C SER B 51 -18.80 4.27 -7.78
N ASP B 52 -17.48 4.14 -7.76
CA ASP B 52 -16.60 5.23 -8.16
C ASP B 52 -16.29 5.23 -9.67
N PHE B 53 -16.99 4.41 -10.45
CA PHE B 53 -16.62 4.27 -11.86
C PHE B 53 -16.57 5.64 -12.57
N SER B 54 -17.71 6.23 -12.87
CA SER B 54 -17.67 7.55 -13.53
C SER B 54 -18.80 8.42 -13.00
N PRO B 55 -18.63 8.90 -11.78
CA PRO B 55 -19.67 9.62 -11.06
C PRO B 55 -19.70 11.13 -11.31
N TYR B 56 -19.03 11.61 -12.36
CA TYR B 56 -18.86 13.05 -12.53
C TYR B 56 -19.84 13.65 -13.54
N GLN B 57 -20.07 14.95 -13.41
CA GLN B 57 -21.03 15.66 -14.23
C GLN B 57 -20.73 17.15 -14.36
N TRP B 58 -21.32 17.77 -15.36
CA TRP B 58 -21.29 19.21 -15.53
C TRP B 58 -22.68 19.69 -15.93
N ARG B 59 -23.35 20.44 -15.06
CA ARG B 59 -24.69 20.96 -15.32
C ARG B 59 -25.68 19.90 -15.78
N GLY B 60 -25.78 18.78 -15.06
CA GLY B 60 -26.68 17.71 -15.42
C GLY B 60 -26.27 16.81 -16.58
N LEU B 61 -25.10 17.07 -17.18
CA LEU B 61 -24.57 16.21 -18.24
C LEU B 61 -23.44 15.38 -17.67
N ARG B 62 -23.41 14.09 -17.99
CA ARG B 62 -22.32 13.23 -17.58
C ARG B 62 -21.00 13.78 -18.13
N MET B 63 -19.95 13.69 -17.31
CA MET B 63 -18.60 14.12 -17.69
C MET B 63 -17.63 12.98 -17.46
N LEU B 64 -17.03 12.44 -18.53
CA LEU B 64 -16.08 11.35 -18.37
C LEU B 64 -14.65 11.84 -18.11
N LYS B 65 -14.51 13.11 -17.74
CA LYS B 65 -13.22 13.68 -17.40
C LYS B 65 -13.21 13.91 -15.90
N ASP B 66 -12.32 13.25 -15.19
CA ASP B 66 -12.41 13.29 -13.75
C ASP B 66 -11.73 14.56 -13.20
N PRO B 67 -11.93 14.88 -11.93
CA PRO B 67 -11.49 16.17 -11.37
C PRO B 67 -10.03 16.57 -11.63
N ASP B 68 -9.10 15.63 -11.52
CA ASP B 68 -7.70 15.98 -11.74
C ASP B 68 -7.47 16.34 -13.24
N THR B 69 -8.26 15.76 -14.13
CA THR B 69 -8.20 16.08 -15.55
C THR B 69 -8.76 17.49 -15.81
N GLN B 70 -9.88 17.79 -15.16
CA GLN B 70 -10.50 19.12 -15.27
C GLN B 70 -9.52 20.21 -14.87
N ALA B 71 -8.73 19.97 -13.81
CA ALA B 71 -7.75 20.94 -13.32
C ALA B 71 -6.62 21.22 -14.32
N VAL B 72 -6.14 20.16 -14.98
CA VAL B 72 -5.13 20.29 -16.02
C VAL B 72 -5.68 21.07 -17.20
N TYR B 73 -6.92 20.76 -17.61
CA TYR B 73 -7.55 21.49 -18.71
C TYR B 73 -7.88 22.95 -18.36
N HIS B 74 -8.18 23.25 -17.10
CA HIS B 74 -8.43 24.64 -16.72
C HIS B 74 -7.15 25.43 -16.91
N ASP B 75 -6.06 24.94 -16.33
CA ASP B 75 -4.74 25.58 -16.42
C ASP B 75 -4.27 25.75 -17.87
N MET B 76 -4.53 24.72 -18.67
CA MET B 76 -4.14 24.72 -20.07
C MET B 76 -4.93 25.78 -20.83
N LEU B 77 -6.23 25.88 -20.54
CA LEU B 77 -7.10 26.85 -21.22
C LEU B 77 -6.70 28.26 -20.81
N TRP B 78 -6.44 28.45 -19.51
CA TRP B 78 -6.00 29.73 -18.97
C TRP B 78 -4.68 30.19 -19.59
N GLU B 79 -3.79 29.25 -19.88
CA GLU B 79 -2.47 29.57 -20.40
C GLU B 79 -2.46 29.84 -21.91
N LEU B 80 -3.01 28.90 -22.66
CA LEU B 80 -3.02 28.94 -24.12
C LEU B 80 -4.01 29.96 -24.65
N ARG B 81 -5.16 30.06 -23.98
CA ARG B 81 -6.33 30.81 -24.47
C ARG B 81 -6.74 30.37 -25.88
N PRO B 82 -7.10 29.10 -26.02
CA PRO B 82 -7.34 28.50 -27.34
C PRO B 82 -8.62 29.05 -27.97
N ARG B 83 -8.57 29.24 -29.28
CA ARG B 83 -9.70 29.73 -30.06
C ARG B 83 -10.55 28.60 -30.60
N THR B 84 -9.97 27.40 -30.70
CA THR B 84 -10.70 26.21 -31.11
C THR B 84 -10.30 25.02 -30.24
N ILE B 85 -11.29 24.27 -29.75
CA ILE B 85 -11.04 22.97 -29.16
C ILE B 85 -11.80 21.91 -29.96
N VAL B 86 -11.06 20.92 -30.47
CA VAL B 86 -11.64 19.78 -31.16
C VAL B 86 -11.58 18.54 -30.27
N GLU B 87 -12.69 17.83 -30.15
CA GLU B 87 -12.70 16.59 -29.40
C GLU B 87 -13.24 15.43 -30.21
N LEU B 88 -12.40 14.40 -30.40
CA LEU B 88 -12.80 13.11 -30.96
C LEU B 88 -13.45 12.30 -29.87
N GLY B 89 -14.66 11.81 -30.12
CA GLY B 89 -15.45 11.16 -29.09
C GLY B 89 -16.26 12.18 -28.32
N VAL B 90 -17.56 12.23 -28.60
CA VAL B 90 -18.47 13.17 -27.94
C VAL B 90 -19.24 12.49 -26.81
N TYR B 91 -19.76 11.29 -27.09
CA TYR B 91 -20.64 10.58 -26.18
C TYR B 91 -21.83 11.46 -25.80
N ASN B 92 -21.91 11.88 -24.54
CA ASN B 92 -23.09 12.60 -24.06
C ASN B 92 -22.97 14.12 -24.20
N GLY B 93 -21.78 14.62 -24.52
CA GLY B 93 -21.56 16.03 -24.75
C GLY B 93 -21.11 16.81 -23.53
N GLY B 94 -21.02 16.16 -22.37
CA GLY B 94 -20.60 16.82 -21.15
C GLY B 94 -19.33 17.65 -21.26
N SER B 95 -18.26 17.07 -21.80
CA SER B 95 -17.00 17.80 -21.93
C SER B 95 -17.06 18.93 -22.98
N LEU B 96 -17.89 18.77 -24.01
CA LEU B 96 -18.10 19.81 -25.01
C LEU B 96 -18.72 21.07 -24.39
N ALA B 97 -19.76 20.88 -23.60
CA ALA B 97 -20.44 21.97 -22.89
C ALA B 97 -19.52 22.61 -21.85
N TRP B 98 -18.65 21.78 -21.26
CA TRP B 98 -17.75 22.21 -20.22
C TRP B 98 -16.65 23.09 -20.81
N PHE B 99 -16.03 22.62 -21.89
CA PHE B 99 -14.99 23.39 -22.59
C PHE B 99 -15.56 24.73 -23.09
N ARG B 100 -16.77 24.69 -23.62
CA ARG B 100 -17.40 25.90 -24.11
C ARG B 100 -17.64 26.85 -22.95
N ASP B 101 -18.12 26.31 -21.84
CA ASP B 101 -18.46 27.13 -20.67
C ASP B 101 -17.21 27.75 -20.06
N LEU B 102 -16.17 26.95 -19.92
CA LEU B 102 -14.93 27.39 -19.27
C LEU B 102 -14.20 28.45 -20.07
N THR B 103 -14.20 28.31 -21.38
CA THR B 103 -13.65 29.33 -22.27
C THR B 103 -14.50 30.60 -22.22
N LYS B 104 -15.81 30.45 -22.14
CA LYS B 104 -16.69 31.61 -22.09
C LYS B 104 -16.50 32.44 -20.81
N ILE B 105 -16.39 31.79 -19.65
CA ILE B 105 -16.23 32.51 -18.39
C ILE B 105 -14.82 33.08 -18.24
N MET B 106 -13.89 32.61 -19.08
CA MET B 106 -12.53 33.16 -19.15
C MET B 106 -12.44 34.33 -20.12
N GLY B 107 -13.52 34.63 -20.84
CA GLY B 107 -13.54 35.71 -21.82
C GLY B 107 -12.85 35.34 -23.13
N ILE B 108 -12.64 34.05 -23.34
CA ILE B 108 -12.02 33.54 -24.56
C ILE B 108 -13.09 33.24 -25.60
N ASP B 109 -12.86 33.71 -26.81
CA ASP B 109 -13.73 33.41 -27.93
C ASP B 109 -13.29 32.04 -28.53
N CYS B 110 -13.98 30.98 -28.12
CA CYS B 110 -13.58 29.63 -28.46
C CYS B 110 -14.73 28.80 -29.04
N GLN B 111 -14.56 28.35 -30.28
CA GLN B 111 -15.47 27.38 -30.88
C GLN B 111 -15.05 25.98 -30.40
N VAL B 112 -16.02 25.21 -29.90
CA VAL B 112 -15.80 23.82 -29.53
C VAL B 112 -16.37 22.92 -30.64
N ILE B 113 -15.57 21.99 -31.13
CA ILE B 113 -15.98 21.10 -32.23
C ILE B 113 -15.93 19.64 -31.77
N GLY B 114 -17.03 18.92 -31.99
CA GLY B 114 -17.11 17.52 -31.58
C GLY B 114 -17.27 16.61 -32.78
N ILE B 115 -16.50 15.52 -32.80
CA ILE B 115 -16.55 14.51 -33.87
C ILE B 115 -16.87 13.14 -33.26
N ASP B 116 -17.72 12.37 -33.92
CA ASP B 116 -18.20 11.08 -33.39
C ASP B 116 -18.92 10.32 -34.49
N ARG B 117 -18.84 8.98 -34.47
CA ARG B 117 -19.58 8.15 -35.43
C ARG B 117 -21.06 8.04 -35.02
N ASP B 118 -21.35 8.34 -33.75
CA ASP B 118 -22.68 8.21 -33.19
C ASP B 118 -23.02 9.41 -32.28
N LEU B 119 -23.79 10.35 -32.81
CA LEU B 119 -24.21 11.52 -32.05
C LEU B 119 -25.54 11.29 -31.34
N SER B 120 -26.15 10.12 -31.53
CA SER B 120 -27.44 9.82 -30.93
C SER B 120 -27.43 9.79 -29.39
N ARG B 121 -26.25 9.73 -28.77
CA ARG B 121 -26.18 9.76 -27.31
C ARG B 121 -25.91 11.15 -26.72
N CYS B 122 -25.58 12.13 -27.55
CA CYS B 122 -25.38 13.49 -27.08
C CYS B 122 -26.70 14.04 -26.53
N GLN B 123 -26.62 14.77 -25.42
CA GLN B 123 -27.80 15.18 -24.66
C GLN B 123 -27.77 16.64 -24.20
N ILE B 124 -26.96 17.46 -24.87
CA ILE B 124 -26.89 18.88 -24.56
C ILE B 124 -28.10 19.52 -25.22
N PRO B 125 -29.00 20.13 -24.45
CA PRO B 125 -30.15 20.81 -25.05
C PRO B 125 -29.71 21.90 -26.02
N ALA B 126 -30.43 22.08 -27.12
CA ALA B 126 -30.08 23.08 -28.13
C ALA B 126 -29.97 24.49 -27.58
N SER B 127 -30.76 24.78 -26.53
CA SER B 127 -30.68 26.07 -25.84
C SER B 127 -29.30 26.35 -25.22
N ASP B 128 -28.52 25.29 -25.05
CA ASP B 128 -27.22 25.33 -24.40
C ASP B 128 -26.12 24.91 -25.38
N MET B 129 -26.34 25.12 -26.68
CA MET B 129 -25.43 24.60 -27.69
C MET B 129 -24.61 25.66 -28.41
N GLU B 130 -24.70 26.90 -27.96
CA GLU B 130 -23.95 28.00 -28.56
C GLU B 130 -22.46 27.63 -28.66
N ASN B 131 -21.86 27.97 -29.79
CA ASN B 131 -20.45 27.75 -30.04
C ASN B 131 -20.04 26.27 -29.95
N ILE B 132 -20.95 25.37 -30.31
CA ILE B 132 -20.62 23.95 -30.40
C ILE B 132 -21.10 23.42 -31.74
N THR B 133 -20.19 22.73 -32.44
CA THR B 133 -20.48 22.15 -33.73
C THR B 133 -20.19 20.66 -33.67
N LEU B 134 -21.22 19.86 -33.92
CA LEU B 134 -21.09 18.40 -33.96
C LEU B 134 -20.91 17.93 -35.40
N HIS B 135 -20.11 16.88 -35.57
CA HIS B 135 -19.85 16.26 -36.87
C HIS B 135 -19.97 14.74 -36.74
N GLN B 136 -20.69 14.07 -37.65
CA GLN B 136 -20.75 12.60 -37.66
C GLN B 136 -19.71 12.06 -38.63
N GLY B 137 -19.02 10.99 -38.24
CA GLY B 137 -17.95 10.41 -39.04
C GLY B 137 -17.11 9.41 -38.26
N ASP B 138 -16.63 8.37 -38.95
CA ASP B 138 -15.76 7.38 -38.32
C ASP B 138 -14.30 7.89 -38.29
N CYS B 139 -13.64 7.70 -37.16
CA CYS B 139 -12.26 8.13 -36.95
C CYS B 139 -11.31 7.26 -37.76
N SER B 140 -11.68 6.00 -37.94
CA SER B 140 -10.91 5.08 -38.78
C SER B 140 -10.80 5.55 -40.23
N ASP B 141 -11.68 6.46 -40.63
CA ASP B 141 -11.65 7.02 -41.98
C ASP B 141 -11.14 8.45 -41.97
N LEU B 142 -10.04 8.69 -42.70
CA LEU B 142 -9.38 9.99 -42.70
C LEU B 142 -10.20 11.09 -43.36
N THR B 143 -11.20 10.73 -44.17
CA THR B 143 -12.04 11.73 -44.84
C THR B 143 -12.89 12.52 -43.85
N THR B 144 -13.19 11.91 -42.71
CA THR B 144 -13.84 12.60 -41.58
C THR B 144 -13.14 13.90 -41.23
N PHE B 145 -11.81 13.90 -41.32
CA PHE B 145 -10.98 15.06 -40.96
C PHE B 145 -10.67 15.97 -42.15
N GLU B 146 -10.58 15.41 -43.35
CA GLU B 146 -10.29 16.19 -44.56
C GLU B 146 -11.42 17.17 -44.91
N HIS B 147 -12.64 16.87 -44.44
CA HIS B 147 -13.81 17.71 -44.73
C HIS B 147 -14.03 18.82 -43.69
N LEU B 148 -13.14 18.95 -42.72
CA LEU B 148 -13.24 20.01 -41.75
C LEU B 148 -12.75 21.33 -42.37
N ARG B 149 -13.40 22.42 -41.96
CA ARG B 149 -13.11 23.74 -42.48
C ARG B 149 -11.94 24.37 -41.72
N GLU B 150 -11.57 25.58 -42.11
CA GLU B 150 -10.48 26.30 -41.45
C GLU B 150 -10.84 26.58 -40.00
N MET B 151 -9.89 26.39 -39.11
CA MET B 151 -10.07 26.62 -37.69
C MET B 151 -9.11 27.71 -37.19
N ALA B 152 -9.58 28.52 -36.25
CA ALA B 152 -8.74 29.52 -35.60
C ALA B 152 -7.78 28.87 -34.61
N HIS B 153 -6.64 29.52 -34.40
CA HIS B 153 -5.60 29.06 -33.48
C HIS B 153 -5.40 30.10 -32.37
N PRO B 154 -4.86 29.73 -31.21
CA PRO B 154 -4.33 28.39 -30.93
C PRO B 154 -5.42 27.34 -30.79
N LEU B 155 -5.02 26.08 -30.88
CA LEU B 155 -6.00 24.98 -30.98
C LEU B 155 -5.60 23.84 -30.06
N ILE B 156 -6.58 23.11 -29.53
CA ILE B 156 -6.35 21.90 -28.74
C ILE B 156 -7.17 20.77 -29.36
N PHE B 157 -6.47 19.76 -29.88
CA PHE B 157 -7.09 18.62 -30.54
C PHE B 157 -6.94 17.44 -29.58
N ILE B 158 -8.05 16.80 -29.24
CA ILE B 158 -8.11 15.82 -28.15
C ILE B 158 -8.68 14.53 -28.68
N ASP B 159 -7.88 13.48 -28.69
CA ASP B 159 -8.34 12.14 -29.00
C ASP B 159 -8.94 11.45 -27.78
N ASP B 160 -10.26 11.25 -27.84
CA ASP B 160 -11.01 10.48 -26.85
C ASP B 160 -11.80 9.32 -27.48
N ALA B 161 -11.58 9.07 -28.77
CA ALA B 161 -12.22 7.98 -29.48
C ALA B 161 -11.30 6.77 -29.56
N HIS B 162 -9.99 7.03 -29.52
CA HIS B 162 -8.97 5.99 -29.40
C HIS B 162 -8.75 5.12 -30.65
N ALA B 163 -9.38 5.47 -31.78
CA ALA B 163 -9.27 4.67 -33.00
C ALA B 163 -8.39 5.33 -34.06
N ASN B 164 -7.54 4.54 -34.71
CA ASN B 164 -6.67 5.03 -35.79
C ASN B 164 -5.81 6.23 -35.37
N THR B 165 -5.41 6.26 -34.09
CA THR B 165 -4.84 7.47 -33.47
C THR B 165 -3.58 8.03 -34.15
N PHE B 166 -2.61 7.17 -34.47
CA PHE B 166 -1.35 7.65 -35.02
C PHE B 166 -1.46 8.19 -36.45
N ASN B 167 -2.36 7.63 -37.25
CA ASN B 167 -2.63 8.18 -38.59
C ASN B 167 -3.33 9.53 -38.51
N ILE B 168 -4.19 9.69 -37.51
CA ILE B 168 -4.88 10.96 -37.25
C ILE B 168 -3.91 12.02 -36.77
N MET B 169 -2.94 11.62 -35.96
CA MET B 169 -1.93 12.54 -35.46
C MET B 169 -1.05 12.98 -36.64
N LYS B 170 -0.80 12.07 -37.57
CA LYS B 170 -0.05 12.40 -38.78
C LYS B 170 -0.81 13.44 -39.60
N TRP B 171 -2.11 13.23 -39.75
CA TRP B 171 -2.95 14.16 -40.50
C TRP B 171 -2.95 15.54 -39.83
N ALA B 172 -3.10 15.57 -38.51
CA ALA B 172 -3.16 16.82 -37.78
C ALA B 172 -1.86 17.62 -37.89
N VAL B 173 -0.73 16.94 -37.88
CA VAL B 173 0.56 17.61 -37.98
C VAL B 173 0.70 18.32 -39.34
N ASP B 174 0.27 17.66 -40.40
CA ASP B 174 0.45 18.20 -41.75
C ASP B 174 -0.64 19.18 -42.18
N HIS B 175 -1.82 19.09 -41.56
CA HIS B 175 -2.98 19.80 -42.07
C HIS B 175 -3.73 20.64 -41.03
N LEU B 176 -3.21 20.79 -39.82
CA LEU B 176 -3.93 21.51 -38.76
C LEU B 176 -3.06 22.23 -37.74
N LEU B 177 -2.32 21.45 -36.96
CA LEU B 177 -1.50 21.95 -35.86
C LEU B 177 -0.49 22.96 -36.35
N GLU B 178 -0.50 24.14 -35.72
CA GLU B 178 0.56 25.13 -35.87
C GLU B 178 1.31 25.24 -34.55
N GLU B 179 2.47 25.89 -34.55
CA GLU B 179 3.31 25.96 -33.37
C GLU B 179 2.51 26.37 -32.13
N GLY B 180 2.64 25.59 -31.06
CA GLY B 180 1.97 25.89 -29.80
C GLY B 180 0.69 25.10 -29.56
N ASP B 181 0.15 24.47 -30.60
CA ASP B 181 -1.12 23.76 -30.48
C ASP B 181 -0.94 22.42 -29.77
N TYR B 182 -1.97 21.97 -29.09
CA TYR B 182 -1.90 20.71 -28.41
C TYR B 182 -2.55 19.58 -29.22
N PHE B 183 -1.95 18.39 -29.12
CA PHE B 183 -2.56 17.14 -29.56
C PHE B 183 -2.48 16.19 -28.37
N ILE B 184 -3.63 15.92 -27.75
CA ILE B 184 -3.69 15.11 -26.53
C ILE B 184 -4.28 13.74 -26.81
N ILE B 185 -3.68 12.70 -26.25
CA ILE B 185 -4.24 11.37 -26.32
C ILE B 185 -4.66 10.97 -24.92
N GLU B 186 -5.96 10.81 -24.73
CA GLU B 186 -6.50 10.48 -23.41
C GLU B 186 -6.57 8.97 -23.24
N ASP B 187 -6.20 8.51 -22.05
CA ASP B 187 -6.37 7.14 -21.57
C ASP B 187 -5.41 6.10 -22.12
N MET B 188 -5.11 6.18 -23.41
CA MET B 188 -4.62 5.02 -24.14
C MET B 188 -3.14 4.75 -23.98
N ILE B 189 -2.35 5.80 -23.73
CA ILE B 189 -0.90 5.68 -23.85
C ILE B 189 -0.23 4.66 -22.93
N PRO B 190 -0.56 4.64 -21.64
CA PRO B 190 -0.05 3.59 -20.74
C PRO B 190 -0.43 2.14 -21.14
N TYR B 191 -1.62 1.94 -21.70
CA TYR B 191 -2.03 0.63 -22.18
C TYR B 191 -1.27 0.19 -23.44
N TRP B 192 -1.21 1.08 -24.43
CA TRP B 192 -0.46 0.81 -25.65
C TRP B 192 1.02 0.51 -25.36
N TYR B 193 1.60 1.25 -24.43
CA TYR B 193 3.00 1.07 -24.07
C TYR B 193 3.22 -0.25 -23.33
N ARG B 194 2.24 -0.65 -22.53
CA ARG B 194 2.34 -1.89 -21.79
C ARG B 194 2.24 -3.09 -22.76
N TYR B 195 1.29 -3.02 -23.70
CA TYR B 195 0.98 -4.15 -24.58
C TYR B 195 1.92 -4.25 -25.75
N ALA B 196 2.34 -3.10 -26.27
CA ALA B 196 3.17 -3.05 -27.47
C ALA B 196 4.31 -2.03 -27.31
N PRO B 197 5.20 -2.24 -26.34
CA PRO B 197 6.18 -1.22 -25.95
C PRO B 197 7.14 -0.78 -27.07
N GLN B 198 7.64 -1.72 -27.86
CA GLN B 198 8.65 -1.41 -28.88
C GLN B 198 8.02 -0.67 -30.06
N LEU B 199 6.84 -1.11 -30.48
CA LEU B 199 6.16 -0.46 -31.59
C LEU B 199 5.64 0.91 -31.19
N PHE B 200 5.17 1.05 -29.95
CA PHE B 200 4.68 2.33 -29.45
C PHE B 200 5.81 3.38 -29.43
N SER B 201 6.91 3.04 -28.77
CA SER B 201 8.13 3.86 -28.76
C SER B 201 8.54 4.31 -30.16
N GLU B 202 8.53 3.39 -31.11
CA GLU B 202 8.97 3.71 -32.46
C GLU B 202 7.98 4.68 -33.11
N TYR B 203 6.69 4.40 -32.93
CA TYR B 203 5.62 5.25 -33.46
C TYR B 203 5.70 6.68 -32.93
N LEU B 204 5.83 6.81 -31.62
CA LEU B 204 5.83 8.12 -30.97
C LEU B 204 7.09 8.89 -31.34
N GLY B 205 8.22 8.18 -31.33
CA GLY B 205 9.48 8.78 -31.72
C GLY B 205 9.54 9.23 -33.16
N ALA B 206 8.64 8.73 -34.01
CA ALA B 206 8.59 9.16 -35.40
C ALA B 206 8.17 10.63 -35.52
N PHE B 207 7.49 11.13 -34.50
CA PHE B 207 7.03 12.52 -34.44
C PHE B 207 8.00 13.43 -33.69
N ARG B 208 9.26 13.02 -33.54
CA ARG B 208 10.20 13.75 -32.67
C ARG B 208 10.54 15.18 -33.12
N ASP B 209 10.38 15.46 -34.42
CA ASP B 209 10.69 16.77 -35.00
C ASP B 209 9.52 17.72 -35.05
N VAL B 210 8.32 17.20 -34.80
CA VAL B 210 7.09 17.97 -34.93
C VAL B 210 6.35 18.14 -33.61
N LEU B 211 6.44 17.14 -32.72
CA LEU B 211 5.70 17.16 -31.46
C LEU B 211 6.65 16.92 -30.29
N SER B 212 6.30 17.51 -29.15
CA SER B 212 7.01 17.34 -27.89
C SER B 212 5.99 17.01 -26.78
N MET B 213 6.43 16.29 -25.75
CA MET B 213 5.59 16.01 -24.60
C MET B 213 5.70 17.16 -23.60
N ASP B 214 4.56 17.76 -23.25
CA ASP B 214 4.55 18.92 -22.37
C ASP B 214 4.58 18.46 -20.92
N MET B 215 5.74 18.62 -20.28
CA MET B 215 5.99 18.07 -18.95
C MET B 215 5.32 18.82 -17.82
N LEU B 216 4.84 20.03 -18.07
CA LEU B 216 4.05 20.76 -17.06
C LEU B 216 2.72 20.10 -16.75
N TYR B 217 2.14 19.43 -17.75
CA TYR B 217 0.81 18.83 -17.69
C TYR B 217 0.77 17.30 -17.83
N ALA B 218 1.84 16.70 -18.37
CA ALA B 218 1.79 15.28 -18.74
C ALA B 218 1.75 14.32 -17.56
N ASN B 219 2.20 14.76 -16.39
CA ASN B 219 2.16 13.89 -15.20
C ASN B 219 1.14 14.31 -14.14
N ALA B 220 0.23 15.20 -14.49
CA ALA B 220 -0.67 15.80 -13.49
C ALA B 220 -2.05 15.14 -13.39
N SER B 221 -2.36 14.23 -14.29
CA SER B 221 -3.63 13.49 -14.21
C SER B 221 -3.47 12.10 -14.79
N SER B 222 -4.20 11.13 -14.28
CA SER B 222 -4.01 9.75 -14.74
C SER B 222 -4.60 9.51 -16.14
N GLN B 223 -5.68 10.21 -16.48
CA GLN B 223 -6.27 10.09 -17.82
C GLN B 223 -5.40 10.73 -18.89
N LEU B 224 -4.71 11.82 -18.56
CA LEU B 224 -3.86 12.53 -19.54
C LEU B 224 -2.40 12.05 -19.51
N ASP B 225 -2.12 11.18 -18.56
CA ASP B 225 -0.79 10.70 -18.25
C ASP B 225 0.05 10.34 -19.47
N ARG B 226 1.22 10.98 -19.58
CA ARG B 226 2.19 10.80 -20.68
C ARG B 226 1.61 11.01 -22.08
N GLY B 227 0.56 11.84 -22.17
CA GLY B 227 -0.17 12.01 -23.41
C GLY B 227 -0.46 13.43 -23.83
N VAL B 228 0.07 14.40 -23.09
CA VAL B 228 -0.12 15.80 -23.46
C VAL B 228 1.03 16.20 -24.39
N LEU B 229 0.73 16.38 -25.68
CA LEU B 229 1.72 16.76 -26.68
C LEU B 229 1.38 18.11 -27.29
N ARG B 230 2.39 18.82 -27.78
CA ARG B 230 2.16 20.04 -28.54
C ARG B 230 3.16 20.22 -29.66
N ARG B 231 2.74 20.99 -30.68
CA ARG B 231 3.52 21.26 -31.87
C ARG B 231 4.68 22.20 -31.59
N VAL B 232 5.87 21.85 -32.08
CA VAL B 232 7.07 22.67 -31.91
C VAL B 232 7.46 23.36 -33.23
N ALA B 233 8.37 24.33 -33.14
CA ALA B 233 8.82 25.11 -34.31
C ALA B 233 9.36 24.25 -35.45
N ALA B 234 8.93 24.57 -36.67
CA ALA B 234 9.32 23.81 -37.87
C ALA B 234 10.81 23.92 -38.22
N ASN C 2 11.74 13.57 -40.69
CA ASN C 2 10.30 13.44 -40.32
C ASN C 2 9.82 12.04 -40.61
N ASP C 3 10.22 11.10 -39.76
CA ASP C 3 9.95 9.69 -39.96
C ASP C 3 8.45 9.34 -40.04
N TYR C 4 7.60 10.13 -39.39
CA TYR C 4 6.16 9.88 -39.37
C TYR C 4 5.53 9.93 -40.76
N SER C 5 6.07 10.80 -41.63
CA SER C 5 5.59 10.95 -43.01
C SER C 5 6.09 9.85 -43.96
N ARG C 6 7.08 9.09 -43.51
CA ARG C 6 7.59 7.95 -44.26
C ARG C 6 7.00 6.62 -43.80
N GLN C 7 6.01 6.68 -42.91
CA GLN C 7 5.45 5.50 -42.27
C GLN C 7 3.92 5.50 -42.26
N ASN C 8 3.35 4.31 -42.41
CA ASN C 8 1.96 4.06 -42.06
C ASN C 8 1.93 3.47 -40.68
N PHE C 9 0.83 3.66 -39.97
CA PHE C 9 0.71 3.28 -38.57
C PHE C 9 -0.42 2.30 -38.33
N LEU C 10 -0.10 1.13 -37.79
CA LEU C 10 -1.11 0.19 -37.34
C LEU C 10 -1.91 0.78 -36.20
N ASP C 11 -3.12 0.26 -36.02
CA ASP C 11 -3.94 0.58 -34.87
C ASP C 11 -3.41 -0.28 -33.74
N LEU C 12 -2.85 0.35 -32.70
CA LEU C 12 -2.27 -0.44 -31.60
C LEU C 12 -3.34 -1.15 -30.77
N ASN C 13 -4.61 -0.82 -30.99
CA ASN C 13 -5.70 -1.60 -30.39
C ASN C 13 -5.71 -3.07 -30.85
N LEU C 14 -5.13 -3.37 -32.01
CA LEU C 14 -4.93 -4.76 -32.47
C LEU C 14 -4.22 -5.63 -31.42
N PHE C 15 -3.37 -5.01 -30.62
CA PHE C 15 -2.51 -5.71 -29.66
C PHE C 15 -3.02 -5.65 -28.24
N ARG C 16 -4.29 -5.26 -28.06
CA ARG C 16 -4.91 -5.17 -26.74
C ARG C 16 -4.82 -6.46 -25.95
N GLY C 17 -4.13 -6.41 -24.82
CA GLY C 17 -4.00 -7.56 -23.94
C GLY C 17 -3.39 -8.78 -24.60
N LEU C 18 -2.75 -8.62 -25.74
CA LEU C 18 -2.15 -9.74 -26.48
C LEU C 18 -0.64 -9.59 -26.58
N GLY C 19 -0.20 -8.43 -27.08
CA GLY C 19 1.18 -8.22 -27.42
C GLY C 19 1.33 -8.16 -28.92
N GLU C 20 2.54 -7.83 -29.36
CA GLU C 20 2.85 -7.52 -30.76
C GLU C 20 3.03 -8.79 -31.57
N ASP C 21 3.56 -9.83 -30.92
CA ASP C 21 4.00 -11.03 -31.61
C ASP C 21 3.51 -12.26 -30.87
N PRO C 22 2.67 -13.09 -31.51
CA PRO C 22 2.17 -14.32 -30.87
C PRO C 22 3.23 -15.39 -30.61
N ALA C 23 4.38 -15.31 -31.29
CA ALA C 23 5.50 -16.23 -31.05
C ALA C 23 6.18 -15.86 -29.75
N TYR C 24 6.62 -16.87 -29.00
CA TYR C 24 7.31 -16.65 -27.75
C TYR C 24 8.76 -16.25 -28.02
N HIS C 25 9.23 -15.24 -27.31
CA HIS C 25 10.66 -14.93 -27.27
C HIS C 25 11.10 -14.76 -25.83
N PRO C 26 12.14 -15.46 -25.42
CA PRO C 26 12.67 -15.31 -24.06
C PRO C 26 12.99 -13.85 -23.78
N PRO C 27 12.65 -13.37 -22.58
CA PRO C 27 12.95 -11.98 -22.21
C PRO C 27 14.44 -11.71 -22.18
N VAL C 28 14.80 -10.46 -22.40
CA VAL C 28 16.20 -10.05 -22.46
C VAL C 28 16.43 -8.87 -21.53
N LEU C 29 17.49 -8.96 -20.71
CA LEU C 29 17.89 -7.87 -19.81
C LEU C 29 18.51 -6.73 -20.60
N THR C 30 18.42 -5.51 -20.07
CA THR C 30 18.98 -4.34 -20.74
C THR C 30 19.99 -3.58 -19.87
N ASP C 31 19.58 -3.25 -18.64
CA ASP C 31 20.41 -2.42 -17.75
C ASP C 31 21.21 -3.23 -16.72
N ARG C 32 21.60 -4.46 -17.10
CA ARG C 32 22.42 -5.33 -16.26
C ARG C 32 22.91 -6.56 -17.01
N PRO C 33 24.11 -7.04 -16.69
CA PRO C 33 24.58 -8.32 -17.21
C PRO C 33 23.79 -9.47 -16.59
N ARG C 34 23.71 -10.57 -17.33
CA ARG C 34 22.98 -11.74 -16.89
C ARG C 34 23.71 -12.45 -15.74
N ASP C 35 25.03 -12.46 -15.80
CA ASP C 35 25.83 -13.06 -14.75
C ASP C 35 26.37 -11.98 -13.84
N TRP C 36 25.76 -11.86 -12.67
CA TRP C 36 26.13 -10.87 -11.68
C TRP C 36 27.16 -11.45 -10.72
N PRO C 37 28.31 -10.78 -10.57
CA PRO C 37 29.40 -11.33 -9.74
C PRO C 37 29.04 -11.37 -8.27
N LEU C 38 29.41 -12.45 -7.58
CA LEU C 38 28.94 -12.71 -6.21
C LEU C 38 29.67 -11.89 -5.15
N ASP C 39 30.81 -11.30 -5.50
CA ASP C 39 31.48 -10.33 -4.63
C ASP C 39 30.70 -9.00 -4.53
N ARG C 40 29.86 -8.73 -5.53
CA ARG C 40 28.95 -7.57 -5.53
C ARG C 40 27.48 -7.99 -5.37
N TRP C 41 27.22 -9.11 -4.70
CA TRP C 41 25.86 -9.66 -4.63
C TRP C 41 24.82 -8.65 -4.13
N ALA C 42 25.18 -7.88 -3.11
CA ALA C 42 24.24 -7.00 -2.43
C ALA C 42 23.85 -5.76 -3.24
N GLU C 43 24.64 -5.41 -4.25
CA GLU C 43 24.37 -4.24 -5.10
C GLU C 43 23.60 -4.57 -6.39
N ALA C 44 23.16 -5.81 -6.52
CA ALA C 44 22.41 -6.23 -7.70
C ALA C 44 20.98 -5.68 -7.61
N PRO C 45 20.45 -5.21 -8.73
CA PRO C 45 19.09 -4.66 -8.75
C PRO C 45 18.04 -5.70 -8.35
N ARG C 46 16.98 -5.22 -7.73
CA ARG C 46 15.97 -6.07 -7.13
C ARG C 46 14.76 -6.26 -8.04
N ASP C 47 14.56 -5.35 -8.99
CA ASP C 47 13.41 -5.42 -9.89
C ASP C 47 13.53 -6.57 -10.90
N LEU C 48 12.43 -6.85 -11.62
CA LEU C 48 12.39 -8.00 -12.51
C LEU C 48 13.44 -7.94 -13.60
N GLY C 49 13.65 -6.75 -14.17
CA GLY C 49 14.60 -6.56 -15.26
C GLY C 49 13.99 -6.59 -16.64
N TYR C 50 12.72 -7.00 -16.72
CA TYR C 50 11.96 -6.94 -17.98
C TYR C 50 10.49 -6.67 -17.67
N SER C 51 9.69 -6.50 -18.72
CA SER C 51 8.26 -6.23 -18.58
C SER C 51 7.54 -7.45 -18.04
N ASP C 52 6.68 -7.26 -17.04
CA ASP C 52 5.91 -8.33 -16.42
C ASP C 52 4.54 -8.51 -17.07
N PHE C 53 4.33 -7.84 -18.21
CA PHE C 53 3.16 -8.10 -19.02
C PHE C 53 3.35 -9.41 -19.77
N SER C 54 2.50 -10.39 -19.44
CA SER C 54 2.37 -11.63 -20.19
C SER C 54 3.68 -12.26 -20.67
N PRO C 55 4.58 -12.57 -19.76
CA PRO C 55 5.87 -13.21 -20.10
C PRO C 55 5.84 -14.74 -20.01
N TYR C 56 4.66 -15.36 -19.86
CA TYR C 56 4.59 -16.80 -19.58
C TYR C 56 4.52 -17.66 -20.83
N GLN C 57 5.07 -18.86 -20.74
CA GLN C 57 5.11 -19.79 -21.87
C GLN C 57 4.87 -21.23 -21.45
N TRP C 58 4.66 -22.08 -22.44
CA TRP C 58 4.58 -23.51 -22.25
C TRP C 58 5.22 -24.19 -23.44
N ARG C 59 6.39 -24.77 -23.23
CA ARG C 59 7.13 -25.45 -24.29
C ARG C 59 7.31 -24.59 -25.53
N GLY C 60 7.70 -23.34 -25.34
CA GLY C 60 8.02 -22.45 -26.44
C GLY C 60 6.82 -21.79 -27.09
N LEU C 61 5.64 -21.99 -26.51
CA LEU C 61 4.43 -21.33 -26.97
C LEU C 61 4.02 -20.29 -25.93
N ARG C 62 3.65 -19.10 -26.40
CA ARG C 62 3.13 -18.09 -25.49
C ARG C 62 1.88 -18.62 -24.78
N MET C 63 1.78 -18.36 -23.48
CA MET C 63 0.63 -18.72 -22.67
C MET C 63 0.11 -17.49 -21.97
N LEU C 64 -1.13 -17.12 -22.26
CA LEU C 64 -1.72 -15.92 -21.68
C LEU C 64 -2.42 -16.21 -20.34
N LYS C 65 -2.16 -17.35 -19.74
CA LYS C 65 -2.67 -17.66 -18.40
C LYS C 65 -1.51 -17.53 -17.45
N ASP C 66 -1.66 -16.67 -16.43
CA ASP C 66 -0.57 -16.47 -15.46
C ASP C 66 -0.58 -17.60 -14.42
N PRO C 67 0.52 -17.79 -13.69
CA PRO C 67 0.70 -19.01 -12.88
C PRO C 67 -0.43 -19.33 -11.93
N ASP C 68 -1.07 -18.31 -11.38
CA ASP C 68 -2.14 -18.50 -10.40
C ASP C 68 -3.37 -19.10 -11.07
N THR C 69 -3.66 -18.67 -12.31
CA THR C 69 -4.68 -19.31 -13.15
C THR C 69 -4.38 -20.78 -13.49
N GLN C 70 -3.13 -21.06 -13.85
CA GLN C 70 -2.69 -22.43 -14.13
C GLN C 70 -2.91 -23.34 -12.91
N ALA C 71 -2.68 -22.79 -11.72
CA ALA C 71 -2.87 -23.52 -10.47
C ALA C 71 -4.33 -23.89 -10.28
N VAL C 72 -5.21 -22.95 -10.58
CA VAL C 72 -6.64 -23.19 -10.47
C VAL C 72 -7.08 -24.29 -11.43
N TYR C 73 -6.74 -24.16 -12.70
CA TYR C 73 -7.13 -25.15 -13.73
C TYR C 73 -6.54 -26.54 -13.48
N HIS C 74 -5.40 -26.60 -12.80
CA HIS C 74 -4.80 -27.89 -12.48
C HIS C 74 -5.67 -28.61 -11.48
N ASP C 75 -6.01 -27.90 -10.41
CA ASP C 75 -6.88 -28.42 -9.36
C ASP C 75 -8.22 -28.85 -9.94
N MET C 76 -8.75 -28.02 -10.84
CA MET C 76 -10.08 -28.24 -11.38
C MET C 76 -10.06 -29.49 -12.25
N LEU C 77 -9.01 -29.61 -13.07
CA LEU C 77 -8.78 -30.80 -13.91
C LEU C 77 -8.60 -32.09 -13.06
N TRP C 78 -7.90 -31.96 -11.93
CA TRP C 78 -7.64 -33.12 -11.07
C TRP C 78 -8.92 -33.60 -10.37
N GLU C 79 -9.87 -32.70 -10.16
CA GLU C 79 -11.14 -33.02 -9.50
C GLU C 79 -12.19 -33.54 -10.47
N LEU C 80 -12.36 -32.83 -11.58
CA LEU C 80 -13.43 -33.06 -12.53
C LEU C 80 -13.11 -34.17 -13.53
N ARG C 81 -11.84 -34.23 -13.94
CA ARG C 81 -11.36 -35.16 -14.97
C ARG C 81 -12.21 -35.02 -16.24
N PRO C 82 -12.18 -33.84 -16.86
CA PRO C 82 -13.02 -33.57 -18.01
C PRO C 82 -12.62 -34.42 -19.21
N ARG C 83 -13.60 -34.93 -19.95
CA ARG C 83 -13.34 -35.58 -21.22
C ARG C 83 -13.21 -34.56 -22.32
N THR C 84 -13.76 -33.36 -22.12
CA THR C 84 -13.69 -32.31 -23.13
C THR C 84 -13.35 -30.96 -22.50
N ILE C 85 -12.46 -30.22 -23.17
CA ILE C 85 -12.18 -28.83 -22.83
C ILE C 85 -12.33 -27.98 -24.09
N VAL C 86 -13.28 -27.06 -24.07
CA VAL C 86 -13.52 -26.13 -25.16
C VAL C 86 -12.95 -24.78 -24.76
N GLU C 87 -12.20 -24.17 -25.68
CA GLU C 87 -11.56 -22.88 -25.46
C GLU C 87 -12.01 -21.92 -26.55
N LEU C 88 -12.87 -20.98 -26.20
CA LEU C 88 -13.17 -19.84 -27.08
C LEU C 88 -12.01 -18.85 -27.02
N GLY C 89 -11.40 -18.56 -28.17
CA GLY C 89 -10.20 -17.73 -28.22
C GLY C 89 -8.95 -18.57 -28.04
N VAL C 90 -8.23 -18.80 -29.13
CA VAL C 90 -7.05 -19.67 -29.16
C VAL C 90 -5.72 -18.90 -29.10
N TYR C 91 -5.71 -17.77 -29.82
CA TYR C 91 -4.51 -16.96 -30.08
C TYR C 91 -3.37 -17.78 -30.72
N ASN C 92 -2.42 -18.22 -29.91
CA ASN C 92 -1.22 -18.87 -30.40
C ASN C 92 -1.17 -20.36 -30.02
N GLY C 93 -2.23 -20.84 -29.39
CA GLY C 93 -2.38 -22.25 -29.07
C GLY C 93 -1.75 -22.67 -27.77
N GLY C 94 -1.15 -21.75 -27.02
CA GLY C 94 -0.44 -22.11 -25.81
C GLY C 94 -1.30 -22.86 -24.80
N SER C 95 -2.44 -22.28 -24.45
CA SER C 95 -3.33 -22.90 -23.47
C SER C 95 -3.98 -24.19 -23.99
N LEU C 96 -4.13 -24.32 -25.30
CA LEU C 96 -4.59 -25.57 -25.91
C LEU C 96 -3.60 -26.72 -25.63
N ALA C 97 -2.35 -26.53 -26.02
CA ALA C 97 -1.31 -27.53 -25.80
C ALA C 97 -1.14 -27.84 -24.31
N TRP C 98 -1.25 -26.82 -23.48
CA TRP C 98 -1.12 -26.96 -22.04
C TRP C 98 -2.28 -27.77 -21.43
N PHE C 99 -3.50 -27.53 -21.90
CA PHE C 99 -4.67 -28.27 -21.43
C PHE C 99 -4.57 -29.74 -21.84
N ARG C 100 -4.10 -29.98 -23.07
CA ARG C 100 -3.93 -31.35 -23.57
C ARG C 100 -2.81 -32.06 -22.82
N ASP C 101 -1.70 -31.37 -22.63
CA ASP C 101 -0.55 -31.94 -21.92
C ASP C 101 -0.88 -32.29 -20.46
N LEU C 102 -1.51 -31.36 -19.74
CA LEU C 102 -1.93 -31.61 -18.35
C LEU C 102 -2.83 -32.83 -18.22
N THR C 103 -3.92 -32.87 -18.99
CA THR C 103 -4.86 -33.99 -18.93
C THR C 103 -4.19 -35.32 -19.28
N LYS C 104 -3.19 -35.28 -20.17
CA LYS C 104 -2.43 -36.48 -20.53
C LYS C 104 -1.54 -36.96 -19.36
N ILE C 105 -0.92 -36.04 -18.62
CA ILE C 105 -0.08 -36.42 -17.47
C ILE C 105 -0.94 -37.07 -16.41
N MET C 106 -2.18 -36.61 -16.28
CA MET C 106 -3.08 -37.08 -15.23
C MET C 106 -3.81 -38.38 -15.58
N GLY C 107 -3.58 -38.90 -16.79
CA GLY C 107 -4.22 -40.12 -17.26
C GLY C 107 -5.68 -39.91 -17.66
N ILE C 108 -6.03 -38.66 -17.97
CA ILE C 108 -7.37 -38.27 -18.37
C ILE C 108 -7.47 -38.26 -19.89
N ASP C 109 -8.42 -39.00 -20.43
CA ASP C 109 -8.63 -39.03 -21.87
C ASP C 109 -9.51 -37.85 -22.25
N CYS C 110 -8.86 -36.73 -22.54
CA CYS C 110 -9.56 -35.49 -22.80
C CYS C 110 -9.30 -34.95 -24.21
N GLN C 111 -10.37 -34.59 -24.89
CA GLN C 111 -10.30 -33.89 -26.17
C GLN C 111 -10.31 -32.39 -25.92
N VAL C 112 -9.36 -31.68 -26.49
CA VAL C 112 -9.28 -30.22 -26.39
C VAL C 112 -9.69 -29.60 -27.72
N ILE C 113 -10.58 -28.62 -27.65
CA ILE C 113 -11.15 -28.00 -28.84
C ILE C 113 -10.91 -26.49 -28.74
N GLY C 114 -10.44 -25.89 -29.82
CA GLY C 114 -10.19 -24.46 -29.88
C GLY C 114 -11.03 -23.82 -30.96
N ILE C 115 -11.59 -22.65 -30.66
CA ILE C 115 -12.49 -21.96 -31.56
C ILE C 115 -12.03 -20.52 -31.66
N ASP C 116 -11.88 -20.01 -32.88
CA ASP C 116 -11.30 -18.69 -33.11
C ASP C 116 -11.70 -18.17 -34.49
N ARG C 117 -11.84 -16.84 -34.61
CA ARG C 117 -12.14 -16.22 -35.91
C ARG C 117 -10.92 -16.21 -36.82
N ASP C 118 -9.75 -16.29 -36.20
CA ASP C 118 -8.48 -16.24 -36.90
C ASP C 118 -7.53 -17.26 -36.26
N LEU C 119 -7.32 -18.39 -36.94
CA LEU C 119 -6.38 -19.41 -36.48
C LEU C 119 -4.97 -19.22 -37.08
N SER C 120 -4.72 -18.05 -37.65
CA SER C 120 -3.45 -17.80 -38.35
C SER C 120 -2.28 -17.57 -37.39
N ARG C 121 -2.57 -17.21 -36.14
CA ARG C 121 -1.55 -16.97 -35.13
C ARG C 121 -1.16 -18.22 -34.36
N CYS C 122 -1.88 -19.33 -34.56
CA CYS C 122 -1.59 -20.57 -33.85
C CYS C 122 -0.24 -21.13 -34.25
N GLN C 123 0.61 -21.36 -33.26
CA GLN C 123 2.00 -21.78 -33.46
C GLN C 123 2.24 -23.24 -33.08
N ILE C 124 1.18 -24.02 -32.85
CA ILE C 124 1.38 -25.39 -32.40
C ILE C 124 1.99 -26.20 -33.56
N PRO C 125 3.11 -26.87 -33.31
CA PRO C 125 3.71 -27.76 -34.32
C PRO C 125 2.71 -28.80 -34.86
N ALA C 126 2.77 -29.10 -36.15
CA ALA C 126 1.81 -30.02 -36.77
C ALA C 126 1.85 -31.40 -36.11
N SER C 127 2.98 -31.71 -35.48
CA SER C 127 3.24 -32.99 -34.82
C SER C 127 2.75 -33.08 -33.39
N ASP C 128 2.17 -32.01 -32.87
CA ASP C 128 1.87 -31.91 -31.46
C ASP C 128 0.39 -31.57 -31.28
N MET C 129 -0.44 -32.13 -32.16
CA MET C 129 -1.87 -31.80 -32.25
C MET C 129 -2.79 -32.96 -31.84
N GLU C 130 -2.21 -34.04 -31.33
CA GLU C 130 -2.97 -35.15 -30.76
C GLU C 130 -4.02 -34.65 -29.75
N ASN C 131 -5.27 -35.08 -29.91
CA ASN C 131 -6.38 -34.66 -29.05
C ASN C 131 -6.64 -33.14 -29.04
N ILE C 132 -6.20 -32.45 -30.08
CA ILE C 132 -6.51 -31.03 -30.26
C ILE C 132 -7.18 -30.84 -31.60
N THR C 133 -8.25 -30.06 -31.60
CA THR C 133 -9.06 -29.79 -32.77
C THR C 133 -9.31 -28.30 -32.85
N LEU C 134 -9.24 -27.77 -34.06
CA LEU C 134 -9.31 -26.34 -34.32
C LEU C 134 -10.50 -26.10 -35.23
N HIS C 135 -11.25 -25.05 -34.93
CA HIS C 135 -12.38 -24.63 -35.75
C HIS C 135 -12.26 -23.12 -36.01
N GLN C 136 -12.25 -22.71 -37.28
CA GLN C 136 -12.35 -21.29 -37.62
C GLN C 136 -13.82 -20.88 -37.67
N GLY C 137 -14.14 -19.77 -37.00
CA GLY C 137 -15.50 -19.26 -36.92
C GLY C 137 -15.61 -18.03 -36.06
N ASP C 138 -16.69 -17.27 -36.21
CA ASP C 138 -16.92 -16.08 -35.39
C ASP C 138 -17.85 -16.43 -34.23
N CYS C 139 -17.49 -15.97 -33.03
CA CYS C 139 -18.34 -16.12 -31.85
C CYS C 139 -19.59 -15.25 -31.95
N SER C 140 -19.51 -14.19 -32.75
CA SER C 140 -20.65 -13.30 -32.99
C SER C 140 -21.81 -13.96 -33.77
N ASP C 141 -21.57 -15.14 -34.36
CA ASP C 141 -22.64 -15.94 -34.98
C ASP C 141 -22.78 -17.23 -34.20
N LEU C 142 -23.98 -17.53 -33.72
CA LEU C 142 -24.24 -18.77 -32.99
C LEU C 142 -24.12 -20.02 -33.88
N THR C 143 -24.03 -19.83 -35.20
CA THR C 143 -23.80 -20.95 -36.13
C THR C 143 -22.53 -21.73 -35.78
N THR C 144 -21.48 -21.01 -35.41
CA THR C 144 -20.20 -21.61 -35.05
C THR C 144 -20.36 -22.77 -34.05
N PHE C 145 -21.32 -22.64 -33.13
CA PHE C 145 -21.51 -23.60 -32.03
C PHE C 145 -22.53 -24.69 -32.30
N GLU C 146 -23.53 -24.37 -33.11
CA GLU C 146 -24.59 -25.33 -33.45
C GLU C 146 -24.04 -26.46 -34.32
N HIS C 147 -23.03 -26.15 -35.12
CA HIS C 147 -22.41 -27.11 -36.03
C HIS C 147 -21.39 -28.03 -35.35
N LEU C 148 -21.03 -27.71 -34.11
CA LEU C 148 -20.18 -28.59 -33.29
C LEU C 148 -20.84 -29.94 -33.06
N ARG C 149 -20.08 -31.00 -33.26
CA ARG C 149 -20.57 -32.36 -33.07
C ARG C 149 -20.56 -32.69 -31.58
N GLU C 150 -21.25 -33.77 -31.20
CA GLU C 150 -21.42 -34.13 -29.79
C GLU C 150 -20.11 -34.34 -29.07
N MET C 151 -20.07 -33.95 -27.80
CA MET C 151 -18.85 -34.01 -27.01
C MET C 151 -19.09 -34.78 -25.72
N ALA C 152 -18.07 -35.48 -25.27
CA ALA C 152 -18.13 -36.28 -24.06
C ALA C 152 -18.10 -35.38 -22.82
N HIS C 153 -18.54 -35.92 -21.69
CA HIS C 153 -18.58 -35.19 -20.43
C HIS C 153 -17.83 -35.97 -19.35
N PRO C 154 -17.41 -35.33 -18.25
CA PRO C 154 -17.58 -33.89 -18.01
C PRO C 154 -16.87 -32.98 -19.03
N LEU C 155 -17.25 -31.71 -19.03
CA LEU C 155 -16.79 -30.73 -20.01
C LEU C 155 -16.56 -29.37 -19.36
N ILE C 156 -15.45 -28.71 -19.73
CA ILE C 156 -15.16 -27.34 -19.32
C ILE C 156 -15.19 -26.42 -20.54
N PHE C 157 -16.06 -25.42 -20.52
CA PHE C 157 -16.19 -24.45 -21.59
C PHE C 157 -15.65 -23.13 -21.07
N ILE C 158 -14.75 -22.50 -21.82
CA ILE C 158 -14.01 -21.32 -21.37
C ILE C 158 -14.18 -20.19 -22.38
N ASP C 159 -14.79 -19.09 -21.97
CA ASP C 159 -14.79 -17.88 -22.79
C ASP C 159 -13.51 -17.05 -22.60
N ASP C 160 -12.70 -17.00 -23.65
CA ASP C 160 -11.47 -16.24 -23.65
C ASP C 160 -11.42 -15.31 -24.85
N ALA C 161 -12.57 -15.08 -25.47
CA ALA C 161 -12.72 -14.25 -26.66
C ALA C 161 -13.60 -13.03 -26.36
N HIS C 162 -14.54 -13.19 -25.41
CA HIS C 162 -15.22 -12.09 -24.75
C HIS C 162 -16.25 -11.38 -25.63
N ALA C 163 -16.75 -12.07 -26.65
CA ALA C 163 -17.73 -11.51 -27.57
C ALA C 163 -18.99 -12.35 -27.60
N ASN C 164 -20.15 -11.69 -27.54
CA ASN C 164 -21.45 -12.34 -27.54
C ASN C 164 -21.57 -13.35 -26.37
N THR C 165 -20.93 -13.03 -25.25
CA THR C 165 -20.71 -14.00 -24.17
C THR C 165 -21.98 -14.56 -23.53
N PHE C 166 -22.99 -13.72 -23.33
CA PHE C 166 -24.23 -14.13 -22.67
C PHE C 166 -25.18 -14.91 -23.59
N ASN C 167 -25.21 -14.56 -24.87
CA ASN C 167 -25.95 -15.36 -25.86
C ASN C 167 -25.32 -16.75 -26.03
N ILE C 168 -24.01 -16.82 -25.93
CA ILE C 168 -23.28 -18.08 -26.02
C ILE C 168 -23.54 -18.91 -24.76
N MET C 169 -23.58 -18.26 -23.60
CA MET C 169 -23.85 -18.94 -22.34
C MET C 169 -25.25 -19.53 -22.33
N LYS C 170 -26.22 -18.76 -22.82
CA LYS C 170 -27.60 -19.23 -22.96
C LYS C 170 -27.64 -20.43 -23.91
N TRP C 171 -26.87 -20.35 -24.99
CA TRP C 171 -26.80 -21.45 -25.95
C TRP C 171 -26.22 -22.69 -25.27
N ALA C 172 -25.17 -22.49 -24.48
CA ALA C 172 -24.43 -23.59 -23.88
C ALA C 172 -25.25 -24.28 -22.80
N VAL C 173 -26.06 -23.54 -22.07
CA VAL C 173 -26.91 -24.13 -21.04
C VAL C 173 -27.94 -25.07 -21.69
N ASP C 174 -28.57 -24.60 -22.77
CA ASP C 174 -29.67 -25.32 -23.40
C ASP C 174 -29.21 -26.52 -24.25
N HIS C 175 -28.03 -26.42 -24.87
CA HIS C 175 -27.63 -27.35 -25.93
C HIS C 175 -26.29 -28.07 -25.72
N LEU C 176 -25.62 -27.82 -24.59
CA LEU C 176 -24.31 -28.42 -24.32
C LEU C 176 -24.06 -28.88 -22.88
N LEU C 177 -24.20 -27.98 -21.92
CA LEU C 177 -23.79 -28.25 -20.53
C LEU C 177 -24.72 -29.20 -19.78
N GLU C 178 -24.13 -30.20 -19.14
CA GLU C 178 -24.84 -31.14 -18.29
C GLU C 178 -24.35 -30.91 -16.88
N GLU C 179 -25.05 -31.48 -15.91
CA GLU C 179 -24.73 -31.19 -14.52
C GLU C 179 -23.25 -31.34 -14.21
N GLY C 180 -22.66 -30.31 -13.60
CA GLY C 180 -21.29 -30.36 -13.14
C GLY C 180 -20.26 -29.82 -14.11
N ASP C 181 -20.67 -29.56 -15.36
CA ASP C 181 -19.82 -28.95 -16.36
C ASP C 181 -19.56 -27.50 -16.00
N TYR C 182 -18.47 -26.94 -16.52
CA TYR C 182 -18.12 -25.55 -16.24
C TYR C 182 -18.34 -24.64 -17.43
N PHE C 183 -18.74 -23.41 -17.12
CA PHE C 183 -18.68 -22.30 -18.04
C PHE C 183 -17.91 -21.21 -17.32
N ILE C 184 -16.78 -20.81 -17.90
CA ILE C 184 -15.84 -19.93 -17.23
C ILE C 184 -15.61 -18.70 -18.10
N ILE C 185 -15.94 -17.53 -17.59
CA ILE C 185 -15.68 -16.27 -18.29
C ILE C 185 -14.39 -15.63 -17.76
N GLU C 186 -13.31 -15.72 -18.55
CA GLU C 186 -12.02 -15.16 -18.12
C GLU C 186 -11.95 -13.63 -18.28
N ASP C 187 -11.33 -12.96 -17.31
CA ASP C 187 -10.93 -11.54 -17.38
C ASP C 187 -12.04 -10.52 -17.32
N MET C 188 -13.19 -10.85 -17.88
CA MET C 188 -14.12 -9.84 -18.34
C MET C 188 -15.13 -9.45 -17.26
N ILE C 189 -15.41 -10.35 -16.33
CA ILE C 189 -16.53 -10.13 -15.42
C ILE C 189 -16.38 -8.91 -14.51
N PRO C 190 -15.23 -8.72 -13.88
CA PRO C 190 -14.99 -7.49 -13.10
C PRO C 190 -15.21 -6.18 -13.88
N TYR C 191 -14.90 -6.17 -15.16
CA TYR C 191 -15.05 -4.96 -15.97
C TYR C 191 -16.51 -4.68 -16.35
N TRP C 192 -17.26 -5.71 -16.69
CA TRP C 192 -18.65 -5.56 -17.06
C TRP C 192 -19.50 -5.11 -15.87
N TYR C 193 -19.20 -5.63 -14.69
CA TYR C 193 -19.88 -5.21 -13.45
C TYR C 193 -19.58 -3.76 -13.11
N ARG C 194 -18.37 -3.32 -13.42
CA ARG C 194 -17.98 -1.94 -13.20
C ARG C 194 -18.71 -0.99 -14.14
N TYR C 195 -18.67 -1.30 -15.43
CA TYR C 195 -19.20 -0.43 -16.46
C TYR C 195 -20.71 -0.52 -16.60
N ALA C 196 -21.26 -1.71 -16.35
CA ALA C 196 -22.69 -1.96 -16.55
C ALA C 196 -23.32 -2.81 -15.43
N PRO C 197 -23.29 -2.32 -14.19
CA PRO C 197 -23.70 -3.11 -13.03
C PRO C 197 -25.17 -3.55 -13.04
N GLN C 198 -26.06 -2.70 -13.52
CA GLN C 198 -27.50 -3.01 -13.55
C GLN C 198 -27.75 -4.16 -14.52
N LEU C 199 -27.32 -3.99 -15.77
CA LEU C 199 -27.49 -5.03 -16.79
C LEU C 199 -26.75 -6.31 -16.47
N PHE C 200 -25.56 -6.19 -15.89
CA PHE C 200 -24.73 -7.36 -15.61
C PHE C 200 -25.36 -8.21 -14.51
N SER C 201 -25.94 -7.56 -13.50
CA SER C 201 -26.57 -8.26 -12.40
C SER C 201 -27.89 -8.89 -12.82
N GLU C 202 -28.59 -8.25 -13.76
CA GLU C 202 -29.85 -8.77 -14.33
C GLU C 202 -29.57 -9.98 -15.23
N TYR C 203 -28.51 -9.89 -16.03
CA TYR C 203 -28.16 -10.92 -16.98
C TYR C 203 -27.70 -12.18 -16.25
N LEU C 204 -26.80 -12.01 -15.29
CA LEU C 204 -26.33 -13.14 -14.47
C LEU C 204 -27.46 -13.74 -13.66
N GLY C 205 -28.35 -12.90 -13.14
CA GLY C 205 -29.51 -13.33 -12.40
C GLY C 205 -30.49 -14.15 -13.22
N ALA C 206 -30.52 -13.94 -14.53
CA ALA C 206 -31.39 -14.70 -15.41
C ALA C 206 -31.00 -16.19 -15.45
N PHE C 207 -29.73 -16.47 -15.16
CA PHE C 207 -29.20 -17.83 -15.14
C PHE C 207 -29.22 -18.47 -13.75
N ARG C 208 -30.02 -17.92 -12.83
CA ARG C 208 -29.93 -18.32 -11.42
C ARG C 208 -30.32 -19.79 -11.14
N ASP C 209 -31.20 -20.35 -11.98
CA ASP C 209 -31.66 -21.73 -11.81
C ASP C 209 -30.85 -22.77 -12.58
N VAL C 210 -29.90 -22.34 -13.39
CA VAL C 210 -29.12 -23.27 -14.22
C VAL C 210 -27.62 -23.27 -13.94
N LEU C 211 -27.10 -22.17 -13.40
CA LEU C 211 -25.67 -22.03 -13.12
C LEU C 211 -25.46 -21.43 -11.72
N SER C 212 -24.36 -21.82 -11.09
CA SER C 212 -23.95 -21.20 -9.82
C SER C 212 -22.47 -20.87 -9.87
N MET C 213 -22.05 -19.92 -9.04
CA MET C 213 -20.66 -19.58 -8.92
C MET C 213 -20.00 -20.60 -8.01
N ASP C 214 -18.90 -21.19 -8.50
CA ASP C 214 -18.12 -22.17 -7.76
C ASP C 214 -17.10 -21.46 -6.88
N MET C 215 -17.41 -21.32 -5.59
CA MET C 215 -16.63 -20.53 -4.64
C MET C 215 -15.28 -21.13 -4.28
N LEU C 216 -15.06 -22.37 -4.67
CA LEU C 216 -13.78 -23.02 -4.46
C LEU C 216 -12.71 -22.52 -5.42
N TYR C 217 -13.13 -22.13 -6.63
CA TYR C 217 -12.20 -21.62 -7.64
C TYR C 217 -12.40 -20.13 -7.97
N ALA C 218 -13.56 -19.58 -7.63
CA ALA C 218 -13.96 -18.25 -8.12
C ALA C 218 -13.10 -17.10 -7.61
N ASN C 219 -12.47 -17.28 -6.45
CA ASN C 219 -11.64 -16.23 -5.87
C ASN C 219 -10.13 -16.54 -5.86
N ALA C 220 -9.68 -17.56 -6.60
CA ALA C 220 -8.29 -18.05 -6.52
C ALA C 220 -7.32 -17.49 -7.60
N SER C 221 -7.82 -16.62 -8.46
CA SER C 221 -6.98 -16.00 -9.49
C SER C 221 -7.64 -14.78 -10.03
N SER C 222 -6.85 -13.76 -10.32
CA SER C 222 -7.41 -12.50 -10.80
C SER C 222 -8.03 -12.63 -12.19
N GLN C 223 -7.51 -13.53 -13.03
CA GLN C 223 -8.05 -13.72 -14.38
C GLN C 223 -9.40 -14.43 -14.34
N LEU C 224 -9.60 -15.30 -13.36
CA LEU C 224 -10.83 -16.08 -13.24
C LEU C 224 -11.79 -15.44 -12.26
N ASP C 225 -11.36 -14.34 -11.64
CA ASP C 225 -12.11 -13.61 -10.62
C ASP C 225 -13.61 -13.56 -10.90
N ARG C 226 -14.37 -14.23 -10.03
CA ARG C 226 -15.84 -14.25 -10.03
C ARG C 226 -16.43 -14.69 -11.36
N GLY C 227 -15.68 -15.50 -12.09
CA GLY C 227 -16.05 -15.92 -13.42
C GLY C 227 -16.23 -17.42 -13.57
N VAL C 228 -16.07 -18.17 -12.49
CA VAL C 228 -16.16 -19.63 -12.57
C VAL C 228 -17.56 -20.11 -12.18
N LEU C 229 -18.26 -20.67 -13.15
CA LEU C 229 -19.64 -21.11 -12.99
C LEU C 229 -19.79 -22.59 -13.35
N ARG C 230 -20.75 -23.28 -12.75
CA ARG C 230 -21.12 -24.61 -13.23
C ARG C 230 -22.62 -24.87 -13.33
N ARG C 231 -22.95 -25.92 -14.09
CA ARG C 231 -24.32 -26.35 -14.34
C ARG C 231 -24.92 -26.99 -13.10
N VAL C 232 -26.18 -26.67 -12.82
CA VAL C 232 -27.00 -27.43 -11.88
C VAL C 232 -28.02 -28.27 -12.63
N ALA C 233 -28.53 -29.32 -11.98
CA ALA C 233 -29.51 -30.23 -12.57
C ALA C 233 -30.77 -29.52 -13.05
N ASN D 2 41.46 -18.76 -4.79
CA ASN D 2 40.06 -19.15 -4.45
C ASN D 2 39.85 -19.28 -2.94
N ASP D 3 39.15 -18.29 -2.37
CA ASP D 3 38.89 -18.22 -0.93
C ASP D 3 37.92 -19.30 -0.42
N TYR D 4 37.08 -19.84 -1.32
CA TYR D 4 36.04 -20.80 -0.94
C TYR D 4 36.57 -22.21 -0.67
N SER D 5 37.59 -22.62 -1.42
CA SER D 5 38.09 -24.00 -1.38
C SER D 5 38.69 -24.37 -0.02
N ARG D 6 39.26 -23.38 0.66
CA ARG D 6 39.90 -23.58 1.97
C ARG D 6 38.93 -23.38 3.15
N GLN D 7 38.13 -22.33 3.10
CA GLN D 7 37.19 -21.99 4.18
C GLN D 7 36.30 -23.16 4.60
N ASN D 8 35.99 -23.23 5.89
CA ASN D 8 34.95 -24.09 6.41
C ASN D 8 33.84 -23.18 6.92
N PHE D 9 32.64 -23.34 6.37
CA PHE D 9 31.54 -22.42 6.60
C PHE D 9 30.65 -22.85 7.77
N LEU D 10 30.37 -21.93 8.68
CA LEU D 10 29.38 -22.13 9.73
C LEU D 10 27.98 -22.25 9.13
N ASP D 11 27.07 -22.87 9.89
CA ASP D 11 25.64 -22.87 9.53
C ASP D 11 25.08 -21.50 9.88
N LEU D 12 24.52 -20.81 8.90
CA LEU D 12 23.96 -19.47 9.11
C LEU D 12 22.61 -19.53 9.85
N ASN D 13 22.01 -20.71 9.94
CA ASN D 13 20.81 -20.93 10.76
C ASN D 13 21.09 -20.73 12.25
N LEU D 14 22.35 -20.86 12.65
CA LEU D 14 22.77 -20.50 14.01
C LEU D 14 22.32 -19.10 14.41
N PHE D 15 22.22 -18.20 13.42
CA PHE D 15 21.88 -16.80 13.63
C PHE D 15 20.40 -16.48 13.36
N ARG D 16 19.56 -17.49 13.18
CA ARG D 16 18.13 -17.29 12.89
C ARG D 16 17.48 -16.40 13.96
N GLY D 17 17.12 -15.19 13.57
CA GLY D 17 16.42 -14.26 14.44
C GLY D 17 17.28 -13.59 15.52
N LEU D 18 18.58 -13.88 15.54
CA LEU D 18 19.49 -13.29 16.52
C LEU D 18 20.38 -12.25 15.86
N GLY D 19 21.14 -12.68 14.87
CA GLY D 19 22.19 -11.86 14.30
C GLY D 19 23.52 -12.56 14.55
N GLU D 20 24.59 -11.97 14.02
CA GLU D 20 25.91 -12.61 14.02
C GLU D 20 26.75 -12.29 15.27
N ASP D 21 26.30 -11.34 16.07
CA ASP D 21 27.09 -10.86 17.20
C ASP D 21 26.18 -10.42 18.37
N PRO D 22 26.27 -11.08 19.53
CA PRO D 22 25.45 -10.69 20.69
C PRO D 22 25.78 -9.31 21.28
N ALA D 23 27.00 -8.83 21.04
CA ALA D 23 27.42 -7.49 21.47
C ALA D 23 26.84 -6.41 20.55
N TYR D 24 26.60 -5.23 21.13
CA TYR D 24 26.01 -4.12 20.40
C TYR D 24 27.04 -3.29 19.66
N HIS D 25 26.80 -3.09 18.36
CA HIS D 25 27.59 -2.17 17.55
C HIS D 25 26.62 -1.16 16.92
N PRO D 26 26.83 0.14 17.14
CA PRO D 26 25.95 1.15 16.56
C PRO D 26 25.83 0.98 15.04
N PRO D 27 24.69 1.36 14.45
CA PRO D 27 24.58 1.36 12.99
C PRO D 27 25.64 2.26 12.34
N VAL D 28 26.02 1.94 11.11
CA VAL D 28 27.04 2.70 10.38
C VAL D 28 26.54 3.07 8.98
N LEU D 29 26.78 4.32 8.60
CA LEU D 29 26.39 4.83 7.29
C LEU D 29 27.44 4.45 6.25
N THR D 30 26.98 4.10 5.05
CA THR D 30 27.85 3.69 3.96
C THR D 30 27.70 4.62 2.74
N ASP D 31 26.47 4.72 2.23
CA ASP D 31 26.14 5.50 1.03
C ASP D 31 25.80 6.98 1.26
N ARG D 32 26.16 7.53 2.41
CA ARG D 32 26.04 8.98 2.67
C ARG D 32 26.90 9.45 3.85
N PRO D 33 27.10 10.77 3.95
CA PRO D 33 27.82 11.34 5.09
C PRO D 33 26.89 11.47 6.28
N ARG D 34 27.47 11.51 7.48
CA ARG D 34 26.70 11.67 8.71
C ARG D 34 26.09 13.06 8.80
N ASP D 35 26.84 14.04 8.32
CA ASP D 35 26.40 15.41 8.33
C ASP D 35 26.01 15.84 6.92
N TRP D 36 24.71 15.85 6.65
CA TRP D 36 24.20 16.37 5.40
C TRP D 36 24.25 17.89 5.47
N PRO D 37 24.71 18.56 4.40
CA PRO D 37 24.71 20.01 4.37
C PRO D 37 23.30 20.54 4.23
N LEU D 38 22.99 21.61 4.97
CA LEU D 38 21.62 22.13 5.03
C LEU D 38 21.18 22.86 3.75
N ASP D 39 22.13 23.33 2.94
CA ASP D 39 21.78 23.96 1.64
C ASP D 39 21.31 22.94 0.59
N ARG D 40 21.53 21.65 0.85
CA ARG D 40 20.98 20.57 0.04
C ARG D 40 20.02 19.72 0.90
N TRP D 41 19.30 20.36 1.81
CA TRP D 41 18.45 19.63 2.74
C TRP D 41 17.41 18.75 2.04
N ALA D 42 16.73 19.30 1.03
CA ALA D 42 15.66 18.58 0.33
C ALA D 42 16.19 17.43 -0.52
N GLU D 43 17.47 17.50 -0.91
CA GLU D 43 18.12 16.46 -1.71
C GLU D 43 18.42 15.19 -0.90
N ALA D 44 18.56 15.33 0.42
CA ALA D 44 18.94 14.21 1.31
C ALA D 44 18.00 13.01 1.19
N PRO D 45 18.53 11.79 1.20
CA PRO D 45 17.69 10.59 1.11
C PRO D 45 16.84 10.39 2.35
N ARG D 46 15.63 9.86 2.16
CA ARG D 46 14.63 9.78 3.23
C ARG D 46 14.59 8.41 3.91
N ASP D 47 15.16 7.38 3.27
CA ASP D 47 15.20 6.04 3.84
C ASP D 47 16.18 5.99 5.01
N LEU D 48 16.05 4.95 5.82
CA LEU D 48 16.73 4.86 7.10
C LEU D 48 18.24 4.94 6.96
N GLY D 49 18.77 4.16 6.03
CA GLY D 49 20.19 4.16 5.73
C GLY D 49 20.99 3.03 6.35
N TYR D 50 20.33 2.19 7.14
CA TYR D 50 20.92 0.95 7.62
C TYR D 50 19.87 -0.15 7.68
N SER D 51 20.29 -1.37 7.96
CA SER D 51 19.37 -2.50 8.11
C SER D 51 18.41 -2.27 9.29
N ASP D 52 17.12 -2.44 9.04
CA ASP D 52 16.11 -2.33 10.09
C ASP D 52 15.94 -3.63 10.92
N PHE D 53 16.80 -4.62 10.69
CA PHE D 53 16.61 -5.95 11.28
C PHE D 53 16.31 -5.86 12.77
N SER D 54 17.31 -5.59 13.58
CA SER D 54 17.14 -5.55 15.03
C SER D 54 18.14 -4.55 15.58
N PRO D 55 17.91 -3.27 15.28
CA PRO D 55 18.90 -2.23 15.54
C PRO D 55 18.88 -1.71 16.97
N TYR D 56 17.96 -2.22 17.79
CA TYR D 56 17.64 -1.60 19.07
C TYR D 56 18.57 -2.02 20.22
N GLN D 57 18.66 -1.16 21.22
CA GLN D 57 19.50 -1.42 22.38
C GLN D 57 19.00 -0.78 23.65
N TRP D 58 19.60 -1.20 24.76
CA TRP D 58 19.39 -0.60 26.06
C TRP D 58 20.72 -0.64 26.82
N ARG D 59 21.33 0.54 27.00
CA ARG D 59 22.55 0.72 27.79
C ARG D 59 23.77 -0.05 27.25
N GLY D 60 23.94 -0.03 25.94
CA GLY D 60 25.04 -0.73 25.29
C GLY D 60 24.81 -2.21 25.08
N LEU D 61 23.60 -2.67 25.40
CA LEU D 61 23.22 -4.07 25.23
C LEU D 61 22.16 -4.15 24.15
N ARG D 62 22.36 -5.03 23.17
CA ARG D 62 21.37 -5.28 22.14
C ARG D 62 20.04 -5.69 22.77
N MET D 63 18.94 -5.20 22.22
CA MET D 63 17.60 -5.51 22.73
C MET D 63 16.72 -5.96 21.58
N LEU D 64 16.32 -7.22 21.59
CA LEU D 64 15.52 -7.79 20.52
C LEU D 64 14.04 -7.46 20.66
N LYS D 65 13.68 -6.79 21.74
CA LYS D 65 12.35 -6.23 21.89
C LYS D 65 12.33 -4.89 21.17
N ASP D 66 11.45 -4.74 20.19
CA ASP D 66 11.41 -3.48 19.45
C ASP D 66 10.53 -2.46 20.20
N PRO D 67 10.55 -1.19 19.79
CA PRO D 67 9.91 -0.11 20.56
C PRO D 67 8.44 -0.34 20.91
N ASP D 68 7.67 -0.87 19.98
CA ASP D 68 6.24 -1.05 20.22
C ASP D 68 6.01 -2.11 21.32
N THR D 69 6.88 -3.12 21.36
CA THR D 69 6.82 -4.16 22.39
C THR D 69 7.24 -3.61 23.76
N GLN D 70 8.20 -2.67 23.76
CA GLN D 70 8.63 -2.02 24.98
C GLN D 70 7.51 -1.18 25.61
N ALA D 71 6.66 -0.57 24.78
CA ALA D 71 5.54 0.22 25.28
C ALA D 71 4.49 -0.66 25.94
N VAL D 72 4.15 -1.76 25.28
CA VAL D 72 3.25 -2.74 25.87
C VAL D 72 3.76 -3.18 27.24
N TYR D 73 5.01 -3.62 27.32
CA TYR D 73 5.56 -4.17 28.57
C TYR D 73 5.69 -3.09 29.65
N HIS D 74 5.99 -1.86 29.25
CA HIS D 74 6.00 -0.77 30.22
C HIS D 74 4.63 -0.62 30.88
N ASP D 75 3.57 -0.65 30.07
CA ASP D 75 2.20 -0.48 30.57
C ASP D 75 1.82 -1.65 31.47
N MET D 76 2.21 -2.85 31.05
CA MET D 76 1.90 -4.06 31.78
C MET D 76 2.55 -4.03 33.15
N LEU D 77 3.82 -3.63 33.18
CA LEU D 77 4.54 -3.49 34.44
C LEU D 77 3.86 -2.44 35.33
N TRP D 78 3.46 -1.33 34.73
CA TRP D 78 2.83 -0.26 35.48
C TRP D 78 1.54 -0.72 36.13
N GLU D 79 0.78 -1.56 35.44
CA GLU D 79 -0.54 -1.96 35.90
C GLU D 79 -0.46 -3.11 36.91
N LEU D 80 0.29 -4.15 36.55
CA LEU D 80 0.39 -5.38 37.34
C LEU D 80 1.35 -5.29 38.54
N ARG D 81 2.40 -4.47 38.41
CA ARG D 81 3.46 -4.34 39.42
C ARG D 81 4.06 -5.72 39.85
N PRO D 82 4.66 -6.43 38.89
CA PRO D 82 5.14 -7.79 39.13
C PRO D 82 6.35 -7.82 40.05
N ARG D 83 6.33 -8.77 40.99
CA ARG D 83 7.46 -9.03 41.87
C ARG D 83 8.47 -9.98 41.24
N THR D 84 8.07 -10.71 40.20
CA THR D 84 8.95 -11.63 39.50
C THR D 84 8.70 -11.53 38.00
N ILE D 85 9.76 -11.66 37.23
CA ILE D 85 9.69 -11.76 35.77
C ILE D 85 10.65 -12.85 35.34
N VAL D 86 10.13 -13.88 34.69
CA VAL D 86 10.92 -14.96 34.15
C VAL D 86 10.98 -14.78 32.63
N GLU D 87 12.19 -14.73 32.09
CA GLU D 87 12.41 -14.76 30.65
C GLU D 87 13.08 -16.07 30.29
N LEU D 88 12.43 -16.88 29.46
CA LEU D 88 13.09 -17.98 28.77
C LEU D 88 13.77 -17.40 27.56
N GLY D 89 15.04 -17.73 27.36
CA GLY D 89 15.82 -17.10 26.31
C GLY D 89 16.34 -15.76 26.78
N VAL D 90 17.67 -15.70 26.93
CA VAL D 90 18.37 -14.57 27.50
C VAL D 90 19.24 -13.86 26.45
N TYR D 91 19.96 -14.66 25.65
CA TYR D 91 20.87 -14.13 24.66
C TYR D 91 21.86 -13.17 25.32
N ASN D 92 21.93 -11.93 24.84
CA ASN D 92 22.87 -10.95 25.33
C ASN D 92 22.50 -10.38 26.71
N GLY D 93 21.27 -10.61 27.14
CA GLY D 93 20.80 -10.17 28.45
C GLY D 93 20.19 -8.77 28.42
N GLY D 94 19.90 -8.27 27.23
CA GLY D 94 19.40 -6.92 27.06
C GLY D 94 18.00 -6.76 27.59
N SER D 95 17.13 -7.71 27.32
CA SER D 95 15.76 -7.62 27.79
C SER D 95 15.73 -7.71 29.32
N LEU D 96 16.62 -8.52 29.91
CA LEU D 96 16.70 -8.70 31.37
C LEU D 96 17.07 -7.41 32.09
N ALA D 97 18.10 -6.73 31.61
CA ALA D 97 18.57 -5.50 32.25
C ALA D 97 17.49 -4.42 32.14
N TRP D 98 16.91 -4.31 30.96
CA TRP D 98 15.74 -3.47 30.74
C TRP D 98 14.59 -3.69 31.74
N PHE D 99 14.29 -4.96 32.03
CA PHE D 99 13.15 -5.32 32.88
C PHE D 99 13.43 -4.95 34.33
N ARG D 100 14.68 -5.12 34.74
CA ARG D 100 15.13 -4.79 36.09
C ARG D 100 15.16 -3.27 36.24
N ASP D 101 15.68 -2.59 35.24
CA ASP D 101 15.78 -1.14 35.27
C ASP D 101 14.39 -0.49 35.34
N LEU D 102 13.45 -1.04 34.57
CA LEU D 102 12.09 -0.47 34.47
C LEU D 102 11.30 -0.68 35.73
N THR D 103 11.49 -1.82 36.38
CA THR D 103 10.83 -2.10 37.64
C THR D 103 11.39 -1.21 38.77
N LYS D 104 12.70 -1.00 38.76
CA LYS D 104 13.39 -0.22 39.80
C LYS D 104 12.97 1.26 39.77
N ILE D 105 12.86 1.80 38.57
CA ILE D 105 12.49 3.20 38.41
C ILE D 105 10.99 3.41 38.68
N MET D 106 10.20 2.35 38.54
CA MET D 106 8.79 2.36 38.95
C MET D 106 8.57 2.14 40.47
N GLY D 107 9.65 1.88 41.20
CA GLY D 107 9.59 1.61 42.63
C GLY D 107 9.02 0.24 42.97
N ILE D 108 9.02 -0.65 41.97
CA ILE D 108 8.54 -2.02 42.14
C ILE D 108 9.71 -2.88 42.56
N ASP D 109 9.48 -3.78 43.50
CA ASP D 109 10.53 -4.70 43.95
C ASP D 109 10.41 -5.99 43.15
N CYS D 110 11.14 -6.06 42.04
CA CYS D 110 11.06 -7.19 41.11
C CYS D 110 12.40 -7.89 40.87
N GLN D 111 12.43 -9.20 41.14
CA GLN D 111 13.52 -10.07 40.71
C GLN D 111 13.26 -10.49 39.26
N VAL D 112 14.30 -10.46 38.44
CA VAL D 112 14.25 -10.88 37.06
C VAL D 112 15.07 -12.17 36.93
N ILE D 113 14.47 -13.22 36.37
CA ILE D 113 15.08 -14.52 36.24
C ILE D 113 15.22 -14.88 34.77
N GLY D 114 16.44 -14.96 34.27
CA GLY D 114 16.69 -15.40 32.91
C GLY D 114 17.06 -16.87 32.84
N ILE D 115 16.42 -17.61 31.93
CA ILE D 115 16.71 -19.02 31.69
C ILE D 115 17.20 -19.18 30.25
N ASP D 116 18.23 -20.00 30.05
CA ASP D 116 18.83 -20.23 28.75
C ASP D 116 19.75 -21.45 28.77
N ARG D 117 19.85 -22.15 27.64
CA ARG D 117 20.77 -23.29 27.54
C ARG D 117 22.23 -22.84 27.43
N ASP D 118 22.45 -21.57 27.09
CA ASP D 118 23.76 -21.06 26.75
C ASP D 118 23.89 -19.62 27.25
N LEU D 119 24.57 -19.44 28.36
CA LEU D 119 24.69 -18.12 28.99
C LEU D 119 25.96 -17.39 28.56
N SER D 120 26.74 -18.01 27.67
CA SER D 120 28.01 -17.46 27.21
C SER D 120 27.87 -16.20 26.38
N ARG D 121 26.71 -16.00 25.77
CA ARG D 121 26.47 -14.82 24.94
C ARG D 121 26.09 -13.59 25.78
N CYS D 122 25.72 -13.81 27.03
CA CYS D 122 25.25 -12.74 27.92
C CYS D 122 26.36 -11.76 28.29
N GLN D 123 26.06 -10.47 28.21
CA GLN D 123 27.07 -9.41 28.29
C GLN D 123 26.76 -8.30 29.30
N ILE D 124 25.85 -8.55 30.25
CA ILE D 124 25.60 -7.57 31.32
C ILE D 124 26.86 -7.50 32.18
N PRO D 125 27.36 -6.30 32.49
CA PRO D 125 28.45 -6.17 33.47
C PRO D 125 28.01 -6.67 34.85
N ALA D 126 28.89 -7.34 35.60
CA ALA D 126 28.52 -7.77 36.97
C ALA D 126 28.04 -6.60 37.81
N SER D 127 28.64 -5.43 37.58
CA SER D 127 28.24 -4.18 38.23
C SER D 127 26.74 -3.86 38.12
N ASP D 128 26.12 -4.26 37.01
CA ASP D 128 24.69 -4.03 36.78
C ASP D 128 23.85 -5.33 36.81
N MET D 129 24.28 -6.31 37.59
CA MET D 129 23.56 -7.58 37.70
C MET D 129 22.60 -7.62 38.88
N GLU D 130 22.45 -6.52 39.60
CA GLU D 130 21.54 -6.45 40.73
C GLU D 130 20.14 -6.97 40.38
N ASN D 131 19.64 -7.93 41.16
CA ASN D 131 18.29 -8.45 41.02
C ASN D 131 18.06 -9.24 39.71
N ILE D 132 19.12 -9.84 39.17
CA ILE D 132 19.00 -10.70 38.00
C ILE D 132 19.64 -12.07 38.28
N THR D 133 18.82 -13.13 38.24
CA THR D 133 19.29 -14.49 38.45
C THR D 133 19.25 -15.28 37.14
N LEU D 134 20.41 -15.82 36.75
CA LEU D 134 20.56 -16.57 35.51
C LEU D 134 20.53 -18.06 35.82
N HIS D 135 19.92 -18.84 34.94
CA HIS D 135 19.88 -20.30 35.05
C HIS D 135 20.22 -20.95 33.71
N GLN D 136 21.02 -22.03 33.75
CA GLN D 136 21.40 -22.77 32.55
C GLN D 136 20.62 -24.08 32.50
N GLY D 137 20.02 -24.35 31.35
CA GLY D 137 19.18 -25.51 31.16
C GLY D 137 18.48 -25.47 29.81
N ASP D 138 18.20 -26.64 29.24
CA ASP D 138 17.43 -26.72 28.01
C ASP D 138 15.95 -26.56 28.35
N CYS D 139 15.25 -25.76 27.55
CA CYS D 139 13.79 -25.68 27.60
C CYS D 139 13.18 -26.98 27.07
N SER D 140 13.91 -27.65 26.19
CA SER D 140 13.46 -28.90 25.57
C SER D 140 13.17 -30.05 26.56
N ASP D 141 13.61 -29.91 27.81
CA ASP D 141 13.21 -30.88 28.86
C ASP D 141 12.88 -30.19 30.19
N LEU D 142 11.83 -30.69 30.85
CA LEU D 142 11.16 -29.99 31.93
C LEU D 142 11.93 -29.88 33.25
N THR D 143 13.01 -30.64 33.38
CA THR D 143 13.86 -30.59 34.57
C THR D 143 14.33 -29.16 34.90
N THR D 144 14.57 -28.37 33.85
CA THR D 144 14.99 -26.98 33.98
C THR D 144 14.08 -26.14 34.87
N PHE D 145 12.77 -26.41 34.79
CA PHE D 145 11.75 -25.64 35.52
C PHE D 145 11.44 -26.23 36.90
N GLU D 146 11.66 -27.53 37.06
CA GLU D 146 11.42 -28.21 38.33
C GLU D 146 12.45 -27.82 39.40
N HIS D 147 13.63 -27.37 38.97
CA HIS D 147 14.68 -26.93 39.90
C HIS D 147 14.52 -25.45 40.30
N LEU D 148 13.51 -24.78 39.74
CA LEU D 148 13.22 -23.39 40.09
C LEU D 148 12.61 -23.29 41.49
N ARG D 149 13.17 -22.37 42.29
CA ARG D 149 12.67 -22.07 43.63
C ARG D 149 11.34 -21.33 43.59
N GLU D 150 10.70 -21.22 44.75
CA GLU D 150 9.44 -20.54 44.88
C GLU D 150 9.62 -19.03 44.65
N MET D 151 8.63 -18.43 43.99
CA MET D 151 8.75 -17.07 43.47
C MET D 151 7.63 -16.18 43.99
N ALA D 152 7.90 -14.88 44.04
CA ALA D 152 6.92 -13.91 44.49
C ALA D 152 5.93 -13.59 43.36
N HIS D 153 4.75 -13.15 43.76
CA HIS D 153 3.68 -12.77 42.83
C HIS D 153 3.26 -11.31 43.10
N PRO D 154 2.75 -10.60 42.10
CA PRO D 154 2.46 -11.11 40.75
C PRO D 154 3.69 -11.43 39.90
N LEU D 155 3.47 -12.13 38.78
CA LEU D 155 4.54 -12.72 38.00
C LEU D 155 4.25 -12.67 36.49
N ILE D 156 5.30 -12.48 35.68
CA ILE D 156 5.17 -12.52 34.22
C ILE D 156 6.19 -13.50 33.67
N PHE D 157 5.70 -14.58 33.07
CA PHE D 157 6.53 -15.60 32.46
C PHE D 157 6.55 -15.35 30.96
N ILE D 158 7.72 -15.03 30.40
CA ILE D 158 7.85 -14.71 28.98
C ILE D 158 8.64 -15.79 28.26
N ASP D 159 8.10 -16.31 27.17
CA ASP D 159 8.81 -17.29 26.36
C ASP D 159 9.42 -16.64 25.13
N ASP D 160 10.74 -16.68 25.06
CA ASP D 160 11.52 -16.17 23.95
C ASP D 160 12.50 -17.20 23.39
N ALA D 161 12.36 -18.44 23.85
CA ALA D 161 13.19 -19.55 23.40
C ALA D 161 12.43 -20.34 22.33
N HIS D 162 11.14 -20.57 22.59
CA HIS D 162 10.21 -21.16 21.63
C HIS D 162 10.36 -22.66 21.45
N ALA D 163 11.01 -23.34 22.39
CA ALA D 163 11.10 -24.80 22.33
C ALA D 163 10.21 -25.41 23.40
N ASN D 164 9.49 -26.46 23.02
CA ASN D 164 8.67 -27.22 23.96
C ASN D 164 7.63 -26.35 24.69
N THR D 165 7.06 -25.38 23.99
CA THR D 165 6.33 -24.28 24.61
C THR D 165 5.05 -24.70 25.34
N PHE D 166 4.22 -25.49 24.67
CA PHE D 166 2.92 -25.87 25.24
C PHE D 166 3.04 -26.80 26.44
N ASN D 167 4.06 -27.65 26.47
CA ASN D 167 4.35 -28.46 27.65
C ASN D 167 4.79 -27.57 28.82
N ILE D 168 5.62 -26.59 28.52
CA ILE D 168 6.08 -25.66 29.54
C ILE D 168 4.92 -24.82 30.07
N MET D 169 3.96 -24.50 29.21
CA MET D 169 2.77 -23.75 29.61
C MET D 169 1.94 -24.59 30.57
N LYS D 170 1.78 -25.87 30.23
CA LYS D 170 1.14 -26.83 31.12
C LYS D 170 1.85 -26.83 32.46
N TRP D 171 3.18 -26.88 32.44
CA TRP D 171 3.94 -26.92 33.70
C TRP D 171 3.66 -25.66 34.51
N ALA D 172 3.65 -24.51 33.84
CA ALA D 172 3.51 -23.22 34.48
C ALA D 172 2.13 -23.05 35.12
N VAL D 173 1.10 -23.52 34.45
CA VAL D 173 -0.26 -23.48 35.01
C VAL D 173 -0.39 -24.39 36.23
N ASP D 174 0.28 -25.54 36.20
CA ASP D 174 0.17 -26.56 37.24
C ASP D 174 1.13 -26.39 38.42
N HIS D 175 2.10 -25.48 38.32
CA HIS D 175 3.15 -25.43 39.32
C HIS D 175 3.66 -24.03 39.69
N LEU D 176 3.17 -22.99 39.03
CA LEU D 176 3.76 -21.66 39.18
C LEU D 176 2.72 -20.54 39.21
N LEU D 177 1.95 -20.42 38.12
CA LEU D 177 1.08 -19.27 37.91
C LEU D 177 -0.05 -19.20 38.94
N GLU D 178 -0.29 -17.99 39.44
CA GLU D 178 -1.42 -17.69 40.29
C GLU D 178 -2.38 -16.78 39.52
N GLU D 179 -3.56 -16.53 40.09
CA GLU D 179 -4.54 -15.70 39.39
C GLU D 179 -3.94 -14.32 39.12
N GLY D 180 -4.08 -13.85 37.87
CA GLY D 180 -3.56 -12.56 37.47
C GLY D 180 -2.19 -12.57 36.79
N ASP D 181 -1.45 -13.67 36.93
CA ASP D 181 -0.11 -13.76 36.37
C ASP D 181 -0.19 -13.98 34.87
N TYR D 182 0.87 -13.61 34.17
CA TYR D 182 0.89 -13.65 32.72
C TYR D 182 1.80 -14.78 32.22
N PHE D 183 1.40 -15.39 31.10
CA PHE D 183 2.28 -16.27 30.33
C PHE D 183 2.30 -15.77 28.89
N ILE D 184 3.42 -15.23 28.45
CA ILE D 184 3.51 -14.57 27.17
C ILE D 184 4.37 -15.36 26.21
N ILE D 185 3.84 -15.68 25.04
CA ILE D 185 4.57 -16.32 23.96
C ILE D 185 4.85 -15.27 22.90
N GLU D 186 6.12 -14.96 22.70
CA GLU D 186 6.56 -13.94 21.74
C GLU D 186 6.84 -14.55 20.36
N ASP D 187 6.54 -13.78 19.31
CA ASP D 187 6.97 -14.08 17.93
C ASP D 187 6.31 -15.26 17.23
N MET D 188 5.96 -16.30 17.98
CA MET D 188 5.78 -17.62 17.41
C MET D 188 4.34 -17.95 17.04
N ILE D 189 3.39 -17.35 17.74
CA ILE D 189 1.99 -17.73 17.64
C ILE D 189 1.38 -17.48 16.26
N PRO D 190 1.64 -16.35 15.62
CA PRO D 190 1.19 -16.15 14.24
C PRO D 190 1.69 -17.28 13.33
N TYR D 191 2.96 -17.62 13.45
CA TYR D 191 3.55 -18.66 12.61
C TYR D 191 2.99 -20.07 12.84
N TRP D 192 2.76 -20.45 14.09
CA TRP D 192 2.25 -21.77 14.40
C TRP D 192 0.80 -21.94 13.92
N TYR D 193 0.03 -20.86 13.96
CA TYR D 193 -1.33 -20.89 13.41
C TYR D 193 -1.31 -21.08 11.89
N ARG D 194 -0.35 -20.43 11.23
CA ARG D 194 -0.22 -20.50 9.79
C ARG D 194 0.18 -21.90 9.32
N TYR D 195 1.20 -22.47 9.95
CA TYR D 195 1.74 -23.76 9.53
C TYR D 195 0.91 -24.95 10.03
N ALA D 196 0.36 -24.83 11.22
CA ALA D 196 -0.45 -25.90 11.82
C ALA D 196 -1.67 -25.32 12.54
N PRO D 197 -2.64 -24.81 11.78
CA PRO D 197 -3.84 -24.18 12.37
C PRO D 197 -4.68 -25.12 13.21
N GLN D 198 -4.75 -26.38 12.81
CA GLN D 198 -5.65 -27.35 13.43
C GLN D 198 -5.11 -27.78 14.80
N LEU D 199 -3.85 -28.23 14.84
CA LEU D 199 -3.22 -28.61 16.10
C LEU D 199 -3.03 -27.40 17.03
N PHE D 200 -2.74 -26.23 16.46
CA PHE D 200 -2.54 -25.03 17.26
C PHE D 200 -3.83 -24.64 17.98
N SER D 201 -4.95 -24.65 17.25
CA SER D 201 -6.25 -24.30 17.80
C SER D 201 -6.63 -25.24 18.95
N GLU D 202 -6.43 -26.53 18.73
CA GLU D 202 -6.72 -27.56 19.73
C GLU D 202 -5.87 -27.35 20.98
N TYR D 203 -4.58 -27.14 20.77
CA TYR D 203 -3.61 -27.03 21.85
C TYR D 203 -3.89 -25.82 22.73
N LEU D 204 -4.09 -24.67 22.10
CA LEU D 204 -4.38 -23.43 22.81
C LEU D 204 -5.74 -23.50 23.49
N GLY D 205 -6.68 -24.18 22.84
CA GLY D 205 -8.04 -24.32 23.36
C GLY D 205 -8.14 -25.31 24.50
N ALA D 206 -7.12 -26.16 24.63
CA ALA D 206 -7.02 -27.08 25.76
C ALA D 206 -6.87 -26.30 27.08
N PHE D 207 -6.40 -25.06 26.97
CA PHE D 207 -6.17 -24.17 28.12
C PHE D 207 -7.32 -23.22 28.41
N ARG D 208 -8.50 -23.46 27.84
CA ARG D 208 -9.58 -22.46 27.88
C ARG D 208 -10.04 -22.10 29.31
N ASP D 209 -9.96 -23.06 30.23
CA ASP D 209 -10.44 -22.88 31.60
C ASP D 209 -9.48 -22.19 32.59
N VAL D 210 -8.23 -21.98 32.18
CA VAL D 210 -7.17 -21.50 33.06
C VAL D 210 -6.44 -20.25 32.54
N LEU D 211 -6.35 -20.10 31.22
CA LEU D 211 -5.74 -18.91 30.63
C LEU D 211 -6.70 -18.20 29.67
N SER D 212 -6.50 -16.89 29.52
CA SER D 212 -7.28 -16.08 28.58
C SER D 212 -6.37 -15.07 27.85
N MET D 213 -6.69 -14.77 26.60
CA MET D 213 -5.97 -13.72 25.86
C MET D 213 -6.36 -12.32 26.35
N ASP D 214 -5.37 -11.57 26.83
CA ASP D 214 -5.57 -10.22 27.36
C ASP D 214 -5.63 -9.25 26.20
N MET D 215 -6.84 -8.81 25.87
CA MET D 215 -7.09 -8.05 24.66
C MET D 215 -6.56 -6.62 24.73
N LEU D 216 -6.35 -6.09 25.94
CA LEU D 216 -5.76 -4.77 26.08
C LEU D 216 -4.33 -4.71 25.54
N TYR D 217 -3.60 -5.82 25.62
CA TYR D 217 -2.20 -5.88 25.18
C TYR D 217 -1.94 -6.76 23.94
N ALA D 218 -2.85 -7.68 23.63
CA ALA D 218 -2.60 -8.71 22.61
C ALA D 218 -2.50 -8.19 21.19
N ASN D 219 -3.13 -7.07 20.87
CA ASN D 219 -3.07 -6.52 19.52
C ASN D 219 -2.21 -5.25 19.43
N ALA D 220 -1.31 -5.04 20.37
CA ALA D 220 -0.59 -3.76 20.46
C ALA D 220 0.84 -3.84 19.97
N SER D 221 1.32 -5.04 19.65
CA SER D 221 2.69 -5.22 19.21
C SER D 221 2.77 -6.43 18.28
N SER D 222 3.60 -6.34 17.25
CA SER D 222 3.73 -7.43 16.30
C SER D 222 4.54 -8.63 16.86
N GLN D 223 5.37 -8.39 17.88
CA GLN D 223 6.11 -9.45 18.55
C GLN D 223 5.25 -10.17 19.58
N LEU D 224 4.32 -9.47 20.21
CA LEU D 224 3.43 -10.09 21.22
C LEU D 224 2.08 -10.47 20.62
N ASP D 225 1.96 -10.33 19.31
CA ASP D 225 0.68 -10.41 18.61
C ASP D 225 -0.02 -11.73 18.90
N ARG D 226 -1.13 -11.63 19.63
CA ARG D 226 -2.04 -12.75 19.92
C ARG D 226 -1.41 -13.82 20.82
N GLY D 227 -0.39 -13.44 21.59
CA GLY D 227 0.29 -14.33 22.49
C GLY D 227 0.41 -13.82 23.92
N VAL D 228 -0.39 -12.82 24.28
CA VAL D 228 -0.38 -12.31 25.65
C VAL D 228 -1.53 -12.97 26.43
N LEU D 229 -1.18 -13.92 27.30
CA LEU D 229 -2.16 -14.70 28.04
C LEU D 229 -2.02 -14.46 29.54
N ARG D 230 -3.06 -14.80 30.30
CA ARG D 230 -3.02 -14.66 31.76
C ARG D 230 -4.02 -15.54 32.52
N ARG D 231 -3.83 -15.59 33.84
CA ARG D 231 -4.53 -16.43 34.84
C ARG D 231 -3.82 -17.79 34.95
N ASN E 2 -32.26 22.83 21.30
CA ASN E 2 -32.12 21.62 22.16
C ASN E 2 -30.93 21.72 23.14
N ASP E 3 -30.04 20.73 23.13
CA ASP E 3 -28.88 20.67 24.02
C ASP E 3 -27.81 21.70 23.59
N TYR E 4 -27.68 21.91 22.28
CA TYR E 4 -26.75 22.91 21.74
C TYR E 4 -27.08 24.33 22.22
N SER E 5 -28.37 24.63 22.39
CA SER E 5 -28.84 25.95 22.83
C SER E 5 -28.33 26.28 24.22
N ARG E 6 -28.30 25.27 25.07
CA ARG E 6 -27.90 25.43 26.46
C ARG E 6 -26.38 25.51 26.63
N GLN E 7 -25.63 25.00 25.65
CA GLN E 7 -24.17 24.84 25.77
C GLN E 7 -23.35 26.04 25.27
N ASN E 8 -22.14 26.17 25.85
CA ASN E 8 -21.07 27.03 25.33
C ASN E 8 -19.88 26.13 25.02
N PHE E 9 -19.40 26.20 23.78
CA PHE E 9 -18.42 25.25 23.26
C PHE E 9 -16.99 25.78 23.32
N LEU E 10 -16.08 24.95 23.81
CA LEU E 10 -14.66 25.26 23.78
C LEU E 10 -14.17 25.20 22.34
N ASP E 11 -13.13 25.98 22.05
CA ASP E 11 -12.46 25.89 20.75
C ASP E 11 -11.63 24.61 20.79
N LEU E 12 -11.95 23.65 19.94
CA LEU E 12 -11.28 22.35 19.99
C LEU E 12 -9.81 22.39 19.54
N ASN E 13 -9.40 23.52 18.97
CA ASN E 13 -7.99 23.78 18.66
C ASN E 13 -7.14 23.88 19.95
N LEU E 14 -7.78 24.15 21.08
CA LEU E 14 -7.11 24.09 22.39
C LEU E 14 -6.39 22.77 22.62
N PHE E 15 -6.85 21.70 21.97
CA PHE E 15 -6.33 20.35 22.17
C PHE E 15 -5.53 19.82 20.98
N ARG E 16 -5.18 20.71 20.04
CA ARG E 16 -4.44 20.34 18.82
C ARG E 16 -3.13 19.61 19.13
N GLY E 17 -3.05 18.34 18.74
CA GLY E 17 -1.88 17.53 18.99
C GLY E 17 -1.63 17.15 20.45
N LEU E 18 -2.51 17.55 21.36
CA LEU E 18 -2.34 17.31 22.79
C LEU E 18 -3.27 16.25 23.35
N GLY E 19 -4.57 16.45 23.20
CA GLY E 19 -5.59 15.65 23.89
C GLY E 19 -6.37 16.52 24.87
N GLU E 20 -7.45 15.97 25.40
CA GLU E 20 -8.35 16.72 26.29
C GLU E 20 -7.84 16.82 27.73
N ASP E 21 -6.99 15.88 28.13
CA ASP E 21 -6.59 15.75 29.53
C ASP E 21 -5.10 15.42 29.60
N PRO E 22 -4.31 16.30 30.23
CA PRO E 22 -2.88 16.03 30.40
C PRO E 22 -2.59 14.87 31.36
N ALA E 23 -3.53 14.53 32.23
CA ALA E 23 -3.40 13.35 33.11
C ALA E 23 -3.55 12.07 32.30
N TYR E 24 -2.82 11.03 32.73
CA TYR E 24 -2.84 9.75 32.03
C TYR E 24 -4.04 8.92 32.45
N HIS E 25 -4.70 8.33 31.47
CA HIS E 25 -5.76 7.36 31.73
C HIS E 25 -5.57 6.16 30.82
N PRO E 26 -5.49 4.97 31.40
CA PRO E 26 -5.28 3.75 30.61
C PRO E 26 -6.38 3.59 29.58
N PRO E 27 -6.08 3.10 28.39
CA PRO E 27 -7.13 2.76 27.43
C PRO E 27 -8.13 1.77 28.03
N VAL E 28 -9.40 1.85 27.62
CA VAL E 28 -10.40 0.88 28.02
C VAL E 28 -11.16 0.36 26.79
N LEU E 29 -11.49 -0.92 26.80
CA LEU E 29 -12.20 -1.55 25.69
C LEU E 29 -13.69 -1.26 25.80
N THR E 30 -14.34 -1.09 24.64
CA THR E 30 -15.77 -0.80 24.59
C THR E 30 -16.58 -1.86 23.80
N ASP E 31 -15.94 -2.48 22.81
CA ASP E 31 -16.61 -3.46 21.93
C ASP E 31 -16.12 -4.91 22.05
N ARG E 32 -15.35 -5.22 23.10
CA ARG E 32 -14.98 -6.61 23.40
C ARG E 32 -14.67 -6.84 24.87
N PRO E 33 -14.71 -8.09 25.29
CA PRO E 33 -14.23 -8.45 26.63
C PRO E 33 -12.72 -8.35 26.69
N ARG E 34 -12.19 -8.00 27.85
CA ARG E 34 -10.75 -7.94 28.05
C ARG E 34 -10.17 -9.36 28.04
N ASP E 35 -10.90 -10.30 28.61
CA ASP E 35 -10.45 -11.68 28.71
C ASP E 35 -11.11 -12.54 27.65
N TRP E 36 -10.41 -12.67 26.52
CA TRP E 36 -10.92 -13.44 25.38
C TRP E 36 -10.71 -14.95 25.58
N PRO E 37 -11.75 -15.76 25.41
CA PRO E 37 -11.64 -17.20 25.66
C PRO E 37 -10.85 -17.92 24.57
N LEU E 38 -9.99 -18.86 24.99
CA LEU E 38 -9.00 -19.45 24.10
C LEU E 38 -9.57 -20.52 23.17
N ASP E 39 -10.69 -21.13 23.55
CA ASP E 39 -11.42 -22.04 22.64
C ASP E 39 -11.98 -21.32 21.41
N ARG E 40 -12.10 -19.99 21.50
CA ARG E 40 -12.55 -19.12 20.40
C ARG E 40 -11.44 -18.15 19.97
N TRP E 41 -10.19 -18.59 20.04
CA TRP E 41 -9.03 -17.74 19.77
C TRP E 41 -8.99 -17.22 18.32
N ALA E 42 -9.32 -18.08 17.37
CA ALA E 42 -9.35 -17.71 15.95
C ALA E 42 -10.26 -16.51 15.67
N GLU E 43 -11.39 -16.45 16.37
CA GLU E 43 -12.44 -15.44 16.13
C GLU E 43 -12.19 -14.06 16.78
N ALA E 44 -11.11 -13.91 17.54
CA ALA E 44 -10.83 -12.66 18.26
C ALA E 44 -10.38 -11.55 17.31
N PRO E 45 -10.87 -10.32 17.54
CA PRO E 45 -10.56 -9.21 16.63
C PRO E 45 -9.08 -8.83 16.68
N ARG E 46 -8.56 -8.32 15.56
CA ARG E 46 -7.12 -8.09 15.37
C ARG E 46 -6.70 -6.63 15.50
N ASP E 47 -7.66 -5.71 15.39
CA ASP E 47 -7.38 -4.29 15.56
C ASP E 47 -7.04 -3.96 17.01
N LEU E 48 -6.47 -2.77 17.21
CA LEU E 48 -5.99 -2.34 18.53
C LEU E 48 -7.08 -2.35 19.60
N GLY E 49 -8.28 -1.91 19.24
CA GLY E 49 -9.41 -1.90 20.16
C GLY E 49 -9.64 -0.56 20.85
N TYR E 50 -8.85 0.45 20.47
CA TYR E 50 -9.00 1.82 20.98
C TYR E 50 -8.22 2.82 20.12
N SER E 51 -8.42 4.11 20.40
CA SER E 51 -7.73 5.17 19.66
C SER E 51 -6.20 5.09 19.81
N ASP E 52 -5.49 5.05 18.69
CA ASP E 52 -4.01 5.08 18.69
C ASP E 52 -3.41 6.49 18.67
N PHE E 53 -4.22 7.52 18.94
CA PHE E 53 -3.72 8.90 18.84
C PHE E 53 -2.47 9.12 19.70
N SER E 54 -2.61 9.14 21.02
CA SER E 54 -1.42 9.29 21.89
C SER E 54 -1.59 8.52 23.18
N PRO E 55 -1.48 7.20 23.10
CA PRO E 55 -1.76 6.32 24.23
C PRO E 55 -0.53 5.96 25.09
N TYR E 56 0.59 6.67 24.92
CA TYR E 56 1.83 6.29 25.55
C TYR E 56 2.07 7.04 26.87
N GLN E 57 2.75 6.35 27.80
CA GLN E 57 3.01 6.87 29.13
C GLN E 57 4.41 6.51 29.65
N TRP E 58 4.74 7.11 30.79
CA TRP E 58 5.96 6.82 31.52
C TRP E 58 5.68 7.05 33.01
N ARG E 59 5.65 5.98 33.79
CA ARG E 59 5.42 6.06 35.23
C ARG E 59 4.15 6.80 35.61
N GLY E 60 3.09 6.56 34.86
CA GLY E 60 1.81 7.20 35.12
C GLY E 60 1.63 8.60 34.55
N LEU E 61 2.58 9.05 33.75
CA LEU E 61 2.49 10.36 33.08
C LEU E 61 2.36 10.15 31.57
N ARG E 62 1.47 10.90 30.93
CA ARG E 62 1.36 10.88 29.47
C ARG E 62 2.69 11.27 28.82
N MET E 63 3.01 10.59 27.74
CA MET E 63 4.23 10.81 26.97
C MET E 63 3.86 11.04 25.52
N LEU E 64 4.12 12.23 25.00
CA LEU E 64 3.77 12.54 23.61
C LEU E 64 4.86 12.09 22.63
N LYS E 65 5.93 11.51 23.14
CA LYS E 65 6.95 10.92 22.31
C LYS E 65 6.65 9.44 22.15
N ASP E 66 6.38 9.01 20.93
CA ASP E 66 5.98 7.62 20.70
C ASP E 66 7.21 6.70 20.67
N PRO E 67 7.01 5.37 20.69
CA PRO E 67 8.11 4.42 20.87
C PRO E 67 9.31 4.58 19.95
N ASP E 68 9.10 4.73 18.65
CA ASP E 68 10.23 4.81 17.72
C ASP E 68 11.07 6.07 18.03
N THR E 69 10.43 7.13 18.51
CA THR E 69 11.14 8.35 18.90
C THR E 69 11.94 8.17 20.20
N GLN E 70 11.37 7.44 21.14
CA GLN E 70 12.09 7.06 22.36
C GLN E 70 13.37 6.30 21.99
N ALA E 71 13.28 5.38 21.04
CA ALA E 71 14.42 4.57 20.62
C ALA E 71 15.58 5.42 20.06
N VAL E 72 15.22 6.49 19.34
CA VAL E 72 16.20 7.42 18.79
C VAL E 72 16.86 8.24 19.91
N TYR E 73 16.06 8.82 20.80
CA TYR E 73 16.60 9.61 21.91
C TYR E 73 17.41 8.75 22.87
N HIS E 74 17.11 7.45 22.93
CA HIS E 74 17.91 6.57 23.76
C HIS E 74 19.30 6.43 23.16
N ASP E 75 19.37 6.07 21.89
CA ASP E 75 20.65 5.96 21.19
C ASP E 75 21.45 7.24 21.35
N MET E 76 20.79 8.38 21.12
CA MET E 76 21.44 9.70 21.15
C MET E 76 21.93 10.07 22.54
N LEU E 77 21.20 9.67 23.58
CA LEU E 77 21.60 9.92 24.95
C LEU E 77 22.82 9.06 25.29
N TRP E 78 22.80 7.81 24.82
CA TRP E 78 23.87 6.85 25.10
C TRP E 78 25.18 7.25 24.44
N GLU E 79 25.10 7.76 23.22
CA GLU E 79 26.30 8.08 22.44
C GLU E 79 26.91 9.41 22.91
N LEU E 80 26.04 10.39 23.12
CA LEU E 80 26.42 11.78 23.33
C LEU E 80 26.72 12.09 24.79
N ARG E 81 25.99 11.45 25.69
CA ARG E 81 26.14 11.62 27.14
C ARG E 81 25.98 13.09 27.54
N PRO E 82 24.82 13.66 27.27
CA PRO E 82 24.57 15.08 27.54
C PRO E 82 24.48 15.42 29.03
N ARG E 83 25.06 16.55 29.40
CA ARG E 83 24.94 17.09 30.75
C ARG E 83 23.74 18.05 30.89
N THR E 84 23.13 18.44 29.78
CA THR E 84 21.95 19.30 29.80
C THR E 84 21.01 18.92 28.68
N ILE E 85 19.72 18.80 29.00
CA ILE E 85 18.67 18.60 28.01
C ILE E 85 17.60 19.66 28.25
N VAL E 86 17.46 20.59 27.31
CA VAL E 86 16.40 21.60 27.36
C VAL E 86 15.20 21.08 26.57
N GLU E 87 14.00 21.41 27.03
CA GLU E 87 12.77 21.00 26.38
C GLU E 87 11.83 22.19 26.32
N LEU E 88 11.84 22.89 25.19
CA LEU E 88 10.82 23.91 24.90
C LEU E 88 9.46 23.22 24.83
N GLY E 89 8.45 23.80 25.45
CA GLY E 89 7.15 23.15 25.57
C GLY E 89 7.19 21.92 26.47
N VAL E 90 6.42 21.96 27.56
CA VAL E 90 6.47 20.93 28.62
C VAL E 90 5.21 20.04 28.67
N TYR E 91 4.04 20.68 28.56
CA TYR E 91 2.74 20.01 28.73
C TYR E 91 2.62 19.35 30.13
N ASN E 92 2.56 18.04 30.19
CA ASN E 92 2.35 17.33 31.44
C ASN E 92 3.65 16.85 32.08
N GLY E 93 4.78 17.07 31.40
CA GLY E 93 6.08 16.80 31.97
C GLY E 93 6.54 15.36 31.87
N GLY E 94 5.79 14.54 31.14
CA GLY E 94 6.16 13.14 30.95
C GLY E 94 7.55 12.99 30.35
N SER E 95 7.81 13.72 29.28
CA SER E 95 9.12 13.67 28.64
C SER E 95 10.23 14.15 29.57
N LEU E 96 9.96 15.17 30.38
CA LEU E 96 10.95 15.67 31.33
C LEU E 96 11.34 14.55 32.30
N ALA E 97 10.34 13.91 32.90
CA ALA E 97 10.57 12.82 33.84
C ALA E 97 11.32 11.64 33.20
N TRP E 98 11.06 11.40 31.94
CA TRP E 98 11.65 10.32 31.18
C TRP E 98 13.13 10.60 30.85
N PHE E 99 13.42 11.80 30.36
CA PHE E 99 14.79 12.19 30.03
C PHE E 99 15.67 12.14 31.26
N ARG E 100 15.15 12.61 32.39
CA ARG E 100 15.88 12.59 33.64
C ARG E 100 16.10 11.14 34.13
N ASP E 101 15.09 10.30 33.94
CA ASP E 101 15.16 8.92 34.41
C ASP E 101 16.13 8.10 33.57
N LEU E 102 16.18 8.39 32.27
CA LEU E 102 16.99 7.62 31.34
C LEU E 102 18.45 7.93 31.53
N THR E 103 18.76 9.21 31.72
CA THR E 103 20.12 9.63 31.99
C THR E 103 20.59 9.12 33.34
N LYS E 104 19.68 9.04 34.30
CA LYS E 104 20.00 8.60 35.65
C LYS E 104 20.37 7.11 35.66
N ILE E 105 19.52 6.31 35.01
CA ILE E 105 19.75 4.88 34.81
C ILE E 105 21.07 4.61 34.04
N MET E 106 21.40 5.49 33.10
CA MET E 106 22.61 5.40 32.28
C MET E 106 23.87 5.89 33.00
N GLY E 107 23.70 6.51 34.17
CA GLY E 107 24.82 6.98 34.97
C GLY E 107 25.32 8.36 34.55
N ILE E 108 24.59 9.02 33.67
CA ILE E 108 24.94 10.37 33.21
C ILE E 108 24.42 11.39 34.21
N ASP E 109 25.25 12.38 34.54
CA ASP E 109 24.82 13.51 35.37
C ASP E 109 24.24 14.57 34.45
N CYS E 110 22.93 14.55 34.29
CA CYS E 110 22.24 15.43 33.34
C CYS E 110 21.11 16.20 34.01
N GLN E 111 21.13 17.52 33.85
CA GLN E 111 20.04 18.40 34.27
C GLN E 111 19.03 18.50 33.13
N VAL E 112 17.75 18.59 33.48
CA VAL E 112 16.67 18.66 32.51
C VAL E 112 15.89 19.94 32.77
N ILE E 113 15.64 20.72 31.72
CA ILE E 113 15.07 22.04 31.85
C ILE E 113 13.86 22.18 30.94
N GLY E 114 12.67 22.17 31.52
CA GLY E 114 11.46 22.40 30.76
C GLY E 114 11.08 23.88 30.77
N ILE E 115 10.80 24.42 29.59
CA ILE E 115 10.31 25.79 29.45
C ILE E 115 8.92 25.76 28.81
N ASP E 116 8.03 26.64 29.28
CA ASP E 116 6.64 26.70 28.81
C ASP E 116 5.86 27.92 29.32
N ARG E 117 4.97 28.44 28.49
CA ARG E 117 4.08 29.56 28.85
C ARG E 117 3.17 29.23 30.02
N ASP E 118 2.85 27.95 30.17
CA ASP E 118 1.78 27.49 31.05
C ASP E 118 2.20 26.12 31.61
N LEU E 119 2.62 26.11 32.88
CA LEU E 119 3.12 24.89 33.54
C LEU E 119 2.08 24.25 34.45
N SER E 120 0.85 24.72 34.40
CA SER E 120 -0.22 24.20 35.25
C SER E 120 -0.59 22.75 34.90
N ARG E 121 -0.43 22.38 33.63
CA ARG E 121 -0.75 21.02 33.17
C ARG E 121 0.28 19.96 33.62
N CYS E 122 1.44 20.41 34.10
CA CYS E 122 2.50 19.52 34.54
C CYS E 122 2.05 18.65 35.72
N GLN E 123 2.24 17.34 35.57
CA GLN E 123 1.75 16.34 36.52
C GLN E 123 2.88 15.69 37.33
N ILE E 124 4.13 16.11 37.12
CA ILE E 124 5.25 15.52 37.85
C ILE E 124 5.07 15.85 39.33
N PRO E 125 5.05 14.81 40.18
CA PRO E 125 4.94 15.04 41.63
C PRO E 125 6.16 15.80 42.12
N ALA E 126 5.96 16.73 43.06
CA ALA E 126 7.06 17.55 43.58
C ALA E 126 8.17 16.70 44.23
N SER E 127 7.81 15.53 44.73
CA SER E 127 8.75 14.59 45.35
C SER E 127 9.69 13.88 44.37
N ASP E 128 9.53 14.14 43.07
CA ASP E 128 10.23 13.40 42.02
C ASP E 128 10.80 14.37 40.97
N MET E 129 11.31 15.51 41.45
CA MET E 129 11.78 16.58 40.58
C MET E 129 13.30 16.75 40.65
N GLU E 130 14.00 15.73 41.12
CA GLU E 130 15.46 15.81 41.18
C GLU E 130 16.04 16.01 39.80
N ASN E 131 16.93 17.00 39.67
CA ASN E 131 17.59 17.33 38.41
C ASN E 131 16.61 17.79 37.33
N ILE E 132 15.50 18.40 37.74
CA ILE E 132 14.54 18.97 36.81
C ILE E 132 14.22 20.39 37.24
N THR E 133 14.28 21.32 36.29
CA THR E 133 14.02 22.73 36.54
C THR E 133 12.95 23.24 35.59
N LEU E 134 11.98 23.96 36.13
CA LEU E 134 10.88 24.50 35.34
C LEU E 134 10.99 26.02 35.31
N HIS E 135 11.00 26.59 34.10
CA HIS E 135 10.90 28.04 33.89
C HIS E 135 9.61 28.35 33.14
N GLN E 136 8.86 29.34 33.61
CA GLN E 136 7.62 29.76 32.95
C GLN E 136 7.82 31.05 32.15
N GLY E 137 7.65 30.95 30.85
CA GLY E 137 7.72 32.09 29.94
C GLY E 137 7.27 31.71 28.54
N ASP E 138 6.94 32.71 27.73
CA ASP E 138 6.50 32.48 26.36
C ASP E 138 7.72 32.27 25.45
N CYS E 139 7.58 31.36 24.49
CA CYS E 139 8.64 31.03 23.54
C CYS E 139 8.77 32.09 22.46
N SER E 140 7.65 32.61 21.99
CA SER E 140 7.64 33.72 21.02
C SER E 140 8.60 34.82 21.46
N ASP E 141 8.64 35.09 22.77
CA ASP E 141 9.54 36.08 23.37
C ASP E 141 10.84 35.45 23.88
N LEU E 142 11.97 35.96 23.40
CA LEU E 142 13.28 35.39 23.73
C LEU E 142 13.82 35.83 25.10
N THR E 143 13.03 36.64 25.81
CA THR E 143 13.26 36.98 27.22
C THR E 143 13.32 35.73 28.09
N THR E 144 12.59 34.69 27.68
CA THR E 144 12.50 33.43 28.38
C THR E 144 13.85 32.69 28.49
N PHE E 145 14.67 32.80 27.46
CA PHE E 145 15.97 32.12 27.40
C PHE E 145 17.15 32.98 27.90
N GLU E 146 16.96 34.30 27.95
CA GLU E 146 18.03 35.22 28.35
C GLU E 146 18.45 35.03 29.81
N HIS E 147 17.46 34.80 30.67
CA HIS E 147 17.70 34.67 32.12
C HIS E 147 18.11 33.27 32.55
N LEU E 148 18.30 32.37 31.59
CA LEU E 148 18.73 31.00 31.89
C LEU E 148 20.15 30.98 32.39
N ARG E 149 20.37 30.30 33.51
CA ARG E 149 21.70 30.02 34.03
C ARG E 149 22.53 29.32 32.93
N GLU E 150 23.85 29.49 32.95
CA GLU E 150 24.70 28.87 31.94
C GLU E 150 24.87 27.39 32.28
N MET E 151 24.47 26.54 31.34
CA MET E 151 24.39 25.10 31.56
C MET E 151 25.66 24.40 31.08
N ALA E 152 25.90 23.20 31.61
CA ALA E 152 27.00 22.36 31.18
C ALA E 152 26.68 21.66 29.85
N HIS E 153 27.72 21.30 29.13
CA HIS E 153 27.60 20.67 27.82
C HIS E 153 28.26 19.29 27.89
N PRO E 154 27.97 18.38 26.96
CA PRO E 154 27.11 18.62 25.79
C PRO E 154 25.65 18.92 26.14
N LEU E 155 24.93 19.52 25.20
CA LEU E 155 23.56 19.99 25.40
C LEU E 155 22.68 19.53 24.26
N ILE E 156 21.43 19.22 24.58
CA ILE E 156 20.41 18.88 23.58
C ILE E 156 19.22 19.83 23.79
N PHE E 157 18.92 20.62 22.77
CA PHE E 157 17.86 21.61 22.81
C PHE E 157 16.74 21.11 21.90
N ILE E 158 15.56 20.93 22.46
CA ILE E 158 14.42 20.34 21.75
C ILE E 158 13.26 21.33 21.64
N ASP E 159 12.91 21.68 20.41
CA ASP E 159 11.71 22.47 20.17
C ASP E 159 10.45 21.61 20.11
N ASP E 160 9.61 21.76 21.13
CA ASP E 160 8.31 21.09 21.17
C ASP E 160 7.16 22.07 21.34
N ALA E 161 7.42 23.35 21.05
CA ALA E 161 6.42 24.42 21.12
C ALA E 161 6.12 25.02 19.73
N HIS E 162 7.12 25.01 18.85
CA HIS E 162 6.94 25.30 17.42
C HIS E 162 6.49 26.74 17.13
N ALA E 163 6.85 27.66 18.01
CA ALA E 163 6.57 29.08 17.81
C ALA E 163 7.90 29.80 17.65
N ASN E 164 7.94 30.73 16.69
CA ASN E 164 9.09 31.60 16.46
C ASN E 164 10.41 30.82 16.39
N THR E 165 10.35 29.68 15.71
CA THR E 165 11.35 28.62 15.84
C THR E 165 12.70 28.96 15.25
N PHE E 166 12.73 29.76 14.20
CA PHE E 166 14.00 30.06 13.54
C PHE E 166 14.75 31.21 14.23
N ASN E 167 14.03 32.12 14.87
CA ASN E 167 14.67 33.14 15.72
C ASN E 167 15.28 32.51 16.98
N ILE E 168 14.65 31.44 17.47
CA ILE E 168 15.18 30.71 18.64
C ILE E 168 16.38 29.86 18.23
N MET E 169 16.38 29.36 17.00
CA MET E 169 17.49 28.57 16.48
C MET E 169 18.69 29.46 16.21
N LYS E 170 18.43 30.69 15.77
CA LYS E 170 19.46 31.70 15.56
C LYS E 170 20.13 32.04 16.89
N TRP E 171 19.30 32.30 17.90
CA TRP E 171 19.76 32.65 19.25
C TRP E 171 20.53 31.51 19.89
N ALA E 172 20.09 30.28 19.66
CA ALA E 172 20.72 29.11 20.24
C ALA E 172 22.15 28.98 19.73
N VAL E 173 22.33 29.19 18.43
CA VAL E 173 23.62 29.04 17.79
C VAL E 173 24.63 30.07 18.31
N ASP E 174 24.16 31.30 18.51
CA ASP E 174 25.03 32.43 18.85
C ASP E 174 25.23 32.65 20.35
N HIS E 175 24.43 31.99 21.19
CA HIS E 175 24.47 32.24 22.64
C HIS E 175 24.54 31.00 23.55
N LEU E 176 24.47 29.80 22.98
CA LEU E 176 24.23 28.58 23.78
C LEU E 176 24.85 27.30 23.22
N LEU E 177 24.66 27.04 21.93
CA LEU E 177 25.11 25.79 21.32
C LEU E 177 26.62 25.77 21.07
N GLU E 178 27.28 24.76 21.64
CA GLU E 178 28.69 24.48 21.38
C GLU E 178 28.79 23.34 20.37
N GLU E 179 30.00 23.09 19.88
CA GLU E 179 30.22 22.03 18.89
C GLU E 179 29.82 20.67 19.44
N GLY E 180 29.01 19.92 18.69
CA GLY E 180 28.51 18.62 19.09
C GLY E 180 27.07 18.60 19.58
N ASP E 181 26.58 19.77 20.01
CA ASP E 181 25.26 19.90 20.61
C ASP E 181 24.17 19.80 19.55
N TYR E 182 23.00 19.28 19.93
CA TYR E 182 21.86 19.12 19.02
C TYR E 182 20.83 20.26 19.14
N PHE E 183 20.17 20.55 18.02
CA PHE E 183 18.97 21.37 18.00
C PHE E 183 17.91 20.58 17.23
N ILE E 184 16.97 20.00 17.96
CA ILE E 184 15.97 19.11 17.39
C ILE E 184 14.61 19.80 17.29
N ILE E 185 14.09 19.87 16.06
CA ILE E 185 12.76 20.38 15.79
C ILE E 185 11.80 19.20 15.58
N GLU E 186 10.98 18.92 16.58
CA GLU E 186 10.01 17.83 16.49
C GLU E 186 8.79 18.25 15.67
N ASP E 187 8.28 17.29 14.90
CA ASP E 187 6.97 17.34 14.23
C ASP E 187 6.81 18.26 13.02
N MET E 188 7.38 19.47 13.09
CA MET E 188 6.99 20.56 12.20
C MET E 188 7.64 20.57 10.83
N ILE E 189 8.87 20.05 10.72
CA ILE E 189 9.64 20.26 9.49
C ILE E 189 8.92 19.77 8.23
N PRO E 190 8.38 18.55 8.22
CA PRO E 190 7.64 18.05 7.05
C PRO E 190 6.49 18.97 6.64
N TYR E 191 5.74 19.50 7.61
CA TYR E 191 4.62 20.41 7.35
C TYR E 191 5.06 21.77 6.85
N TRP E 192 6.12 22.31 7.43
CA TRP E 192 6.66 23.59 6.98
C TRP E 192 7.21 23.53 5.56
N TYR E 193 7.80 22.39 5.17
CA TYR E 193 8.32 22.23 3.81
C TYR E 193 7.17 22.08 2.80
N ARG E 194 6.05 21.52 3.26
CA ARG E 194 4.86 21.31 2.43
C ARG E 194 4.19 22.65 2.09
N TYR E 195 3.98 23.48 3.11
CA TYR E 195 3.24 24.73 2.96
C TYR E 195 4.09 25.86 2.39
N ALA E 196 5.36 25.89 2.80
CA ALA E 196 6.29 26.95 2.42
C ALA E 196 7.65 26.37 1.96
N PRO E 197 7.64 25.61 0.86
CA PRO E 197 8.87 24.97 0.38
C PRO E 197 10.03 25.93 0.07
N GLN E 198 9.76 27.06 -0.59
CA GLN E 198 10.83 27.99 -0.96
C GLN E 198 11.38 28.74 0.25
N LEU E 199 10.49 29.31 1.06
CA LEU E 199 10.91 30.07 2.24
C LEU E 199 11.60 29.18 3.28
N PHE E 200 11.19 27.92 3.36
CA PHE E 200 11.78 26.99 4.33
C PHE E 200 13.19 26.57 3.93
N SER E 201 13.38 26.25 2.65
CA SER E 201 14.69 25.80 2.17
C SER E 201 15.77 26.87 2.31
N GLU E 202 15.40 28.14 2.10
CA GLU E 202 16.30 29.28 2.28
C GLU E 202 16.67 29.51 3.76
N TYR E 203 15.66 29.46 4.63
CA TYR E 203 15.85 29.72 6.05
C TYR E 203 16.79 28.68 6.67
N LEU E 204 16.50 27.41 6.43
CA LEU E 204 17.33 26.30 6.89
C LEU E 204 18.76 26.45 6.36
N GLY E 205 18.88 26.80 5.07
CA GLY E 205 20.16 26.93 4.39
C GLY E 205 21.07 28.01 4.92
N ALA E 206 20.50 29.01 5.59
CA ALA E 206 21.28 30.06 6.24
C ALA E 206 22.10 29.53 7.41
N PHE E 207 21.79 28.33 7.86
CA PHE E 207 22.54 27.65 8.92
C PHE E 207 23.53 26.59 8.41
N ARG E 208 23.84 26.62 7.11
CA ARG E 208 24.68 25.57 6.53
C ARG E 208 26.13 25.61 7.07
N ASP E 209 26.58 26.80 7.48
CA ASP E 209 27.94 26.96 8.00
C ASP E 209 28.06 26.53 9.46
N VAL E 210 26.96 26.54 10.22
CA VAL E 210 27.00 26.22 11.65
C VAL E 210 26.35 24.88 12.00
N LEU E 211 25.11 24.68 11.55
CA LEU E 211 24.37 23.44 11.80
C LEU E 211 24.36 22.49 10.61
N SER E 212 24.11 21.22 10.88
CA SER E 212 23.99 20.16 9.88
C SER E 212 22.89 19.17 10.30
N MET E 213 22.39 18.39 9.34
CA MET E 213 21.41 17.34 9.64
C MET E 213 22.11 16.00 9.92
N ASP E 214 21.85 15.43 11.10
CA ASP E 214 22.43 14.16 11.51
C ASP E 214 21.65 12.98 10.91
N MET E 215 22.25 12.33 9.91
CA MET E 215 21.58 11.29 9.12
C MET E 215 21.44 9.94 9.83
N LEU E 216 22.12 9.77 10.95
CA LEU E 216 22.00 8.54 11.72
C LEU E 216 20.68 8.50 12.47
N TYR E 217 20.16 9.69 12.80
CA TYR E 217 18.95 9.81 13.60
C TYR E 217 17.76 10.47 12.88
N ALA E 218 18.00 11.12 11.75
CA ALA E 218 17.00 12.00 11.14
C ALA E 218 15.91 11.25 10.35
N ASN E 219 16.16 10.00 9.97
CA ASN E 219 15.14 9.18 9.31
C ASN E 219 14.69 7.99 10.17
N ALA E 220 14.96 8.07 11.47
CA ALA E 220 14.73 6.94 12.38
C ALA E 220 13.39 6.99 13.12
N SER E 221 12.62 8.05 12.90
CA SER E 221 11.34 8.23 13.58
C SER E 221 10.52 9.30 12.87
N SER E 222 9.21 9.11 12.77
CA SER E 222 8.36 10.06 12.04
C SER E 222 8.13 11.40 12.75
N GLN E 223 8.33 11.47 14.06
CA GLN E 223 8.21 12.75 14.78
C GLN E 223 9.47 13.58 14.60
N LEU E 224 10.62 12.92 14.49
CA LEU E 224 11.90 13.62 14.35
C LEU E 224 12.27 13.82 12.89
N ASP E 225 11.42 13.32 11.99
CA ASP E 225 11.65 13.34 10.55
C ASP E 225 12.34 14.59 10.02
N ARG E 226 13.56 14.40 9.50
CA ARG E 226 14.39 15.46 8.94
C ARG E 226 14.47 16.72 9.82
N GLY E 227 14.66 16.51 11.12
CA GLY E 227 14.70 17.61 12.08
C GLY E 227 15.70 17.43 13.21
N VAL E 228 16.64 16.50 13.06
CA VAL E 228 17.69 16.32 14.06
C VAL E 228 18.93 17.03 13.54
N LEU E 229 19.16 18.24 14.05
CA LEU E 229 20.31 19.05 13.67
C LEU E 229 21.36 19.06 14.77
N ARG E 230 22.55 19.56 14.45
CA ARG E 230 23.63 19.70 15.44
C ARG E 230 24.76 20.60 14.96
N ARG E 231 25.50 21.15 15.91
CA ARG E 231 26.52 22.17 15.64
C ARG E 231 27.84 21.53 15.18
N VAL E 232 27.82 21.02 13.95
CA VAL E 232 28.89 20.17 13.42
C VAL E 232 29.07 20.47 11.92
N ALA E 233 30.30 20.33 11.42
CA ALA E 233 30.65 20.80 10.08
C ALA E 233 30.23 19.86 8.95
N ALA E 234 29.78 20.45 7.84
CA ALA E 234 29.72 19.80 6.52
C ALA E 234 28.89 18.52 6.48
N ASN F 2 -10.36 -29.18 32.18
CA ASN F 2 -8.91 -28.84 32.14
C ASN F 2 -8.14 -29.79 31.22
N ASP F 3 -8.52 -29.81 29.94
CA ASP F 3 -7.97 -30.74 28.94
C ASP F 3 -6.45 -30.66 28.73
N TYR F 4 -5.83 -29.54 29.12
CA TYR F 4 -4.39 -29.34 28.94
C TYR F 4 -3.55 -30.35 29.72
N SER F 5 -4.06 -30.78 30.88
CA SER F 5 -3.33 -31.68 31.78
C SER F 5 -3.18 -33.11 31.27
N ARG F 6 -4.11 -33.54 30.41
CA ARG F 6 -4.10 -34.90 29.86
C ARG F 6 -3.07 -35.11 28.73
N GLN F 7 -2.86 -34.08 27.91
CA GLN F 7 -2.11 -34.25 26.67
C GLN F 7 -0.61 -34.07 26.85
N ASN F 8 0.14 -34.71 25.95
CA ASN F 8 1.52 -34.34 25.65
C ASN F 8 1.48 -33.54 24.37
N PHE F 9 2.06 -32.34 24.40
CA PHE F 9 2.00 -31.42 23.28
C PHE F 9 3.22 -31.59 22.39
N LEU F 10 2.98 -31.83 21.11
CA LEU F 10 4.05 -31.88 20.12
C LEU F 10 4.66 -30.49 19.94
N ASP F 11 5.91 -30.44 19.51
CA ASP F 11 6.61 -29.20 19.26
C ASP F 11 6.21 -28.72 17.85
N LEU F 12 5.49 -27.59 17.79
CA LEU F 12 4.91 -27.12 16.52
C LEU F 12 5.97 -26.65 15.55
N ASN F 13 7.19 -26.46 16.06
CA ASN F 13 8.36 -26.17 15.23
C ASN F 13 8.70 -27.28 14.25
N LEU F 14 8.28 -28.51 14.54
CA LEU F 14 8.40 -29.62 13.59
C LEU F 14 7.69 -29.31 12.26
N PHE F 15 6.60 -28.56 12.33
CA PHE F 15 5.77 -28.23 11.16
C PHE F 15 6.14 -26.92 10.47
N ARG F 16 7.27 -26.33 10.85
CA ARG F 16 7.75 -25.07 10.30
C ARG F 16 7.92 -25.13 8.78
N GLY F 17 7.22 -24.24 8.08
CA GLY F 17 7.28 -24.14 6.63
C GLY F 17 6.82 -25.36 5.85
N LEU F 18 6.08 -26.25 6.50
CA LEU F 18 5.69 -27.55 5.91
C LEU F 18 4.20 -27.86 6.03
N GLY F 19 3.66 -27.79 7.24
CA GLY F 19 2.27 -28.15 7.51
C GLY F 19 2.19 -29.39 8.38
N GLU F 20 0.98 -29.73 8.82
CA GLU F 20 0.78 -30.89 9.72
C GLU F 20 0.91 -32.24 9.05
N ASP F 21 0.52 -32.32 7.78
CA ASP F 21 0.40 -33.58 7.07
C ASP F 21 1.11 -33.51 5.71
N PRO F 22 2.06 -34.41 5.44
CA PRO F 22 2.62 -34.57 4.10
C PRO F 22 1.59 -34.82 3.00
N ALA F 23 0.53 -35.55 3.34
CA ALA F 23 -0.51 -35.90 2.38
C ALA F 23 -1.31 -34.68 1.95
N TYR F 24 -1.72 -34.67 0.69
CA TYR F 24 -2.52 -33.59 0.15
C TYR F 24 -3.95 -33.71 0.61
N HIS F 25 -4.50 -32.60 1.10
CA HIS F 25 -5.89 -32.51 1.56
C HIS F 25 -6.52 -31.29 0.90
N PRO F 26 -7.45 -31.50 -0.02
CA PRO F 26 -8.11 -30.39 -0.72
C PRO F 26 -8.75 -29.37 0.22
N PRO F 27 -8.52 -28.08 -0.03
CA PRO F 27 -9.05 -27.01 0.81
C PRO F 27 -10.52 -27.16 1.19
N VAL F 28 -10.89 -26.68 2.37
CA VAL F 28 -12.26 -26.73 2.85
C VAL F 28 -12.77 -25.30 3.05
N LEU F 29 -13.81 -24.94 2.31
CA LEU F 29 -14.51 -23.67 2.52
C LEU F 29 -15.15 -23.61 3.91
N THR F 30 -14.75 -22.63 4.73
CA THR F 30 -15.15 -22.60 6.15
C THR F 30 -16.41 -21.77 6.45
N ASP F 31 -16.63 -20.68 5.70
CA ASP F 31 -17.73 -19.73 6.01
C ASP F 31 -18.68 -19.43 4.82
N ARG F 32 -18.73 -20.32 3.84
CA ARG F 32 -19.60 -20.17 2.67
C ARG F 32 -19.95 -21.52 2.04
N PRO F 33 -21.07 -21.56 1.31
CA PRO F 33 -21.41 -22.75 0.54
C PRO F 33 -20.55 -22.72 -0.72
N ARG F 34 -20.26 -23.90 -1.27
CA ARG F 34 -19.50 -23.98 -2.50
C ARG F 34 -20.27 -23.37 -3.65
N ASP F 35 -21.59 -23.56 -3.68
CA ASP F 35 -22.42 -22.96 -4.72
C ASP F 35 -23.06 -21.69 -4.22
N TRP F 36 -22.78 -20.60 -4.94
CA TRP F 36 -23.31 -19.30 -4.59
C TRP F 36 -24.35 -18.93 -5.63
N PRO F 37 -25.56 -18.58 -5.21
CA PRO F 37 -26.63 -18.25 -6.14
C PRO F 37 -26.31 -16.97 -6.92
N LEU F 38 -26.61 -17.00 -8.22
CA LEU F 38 -26.20 -15.96 -9.13
C LEU F 38 -27.05 -14.69 -9.00
N ASP F 39 -28.29 -14.82 -8.57
CA ASP F 39 -29.11 -13.65 -8.26
C ASP F 39 -28.56 -12.83 -7.06
N ARG F 40 -27.69 -13.44 -6.26
CA ARG F 40 -26.98 -12.72 -5.20
C ARG F 40 -25.47 -12.71 -5.47
N TRP F 41 -25.10 -12.62 -6.74
CA TRP F 41 -23.71 -12.62 -7.14
C TRP F 41 -22.90 -11.48 -6.51
N ALA F 42 -23.50 -10.29 -6.45
CA ALA F 42 -22.77 -9.12 -5.97
C ALA F 42 -22.43 -9.20 -4.46
N GLU F 43 -23.17 -10.03 -3.74
CA GLU F 43 -23.00 -10.21 -2.30
C GLU F 43 -21.91 -11.23 -1.91
N ALA F 44 -21.45 -12.03 -2.87
CA ALA F 44 -20.50 -13.11 -2.59
C ALA F 44 -19.17 -12.60 -2.04
N PRO F 45 -18.61 -13.27 -1.04
CA PRO F 45 -17.31 -12.84 -0.50
C PRO F 45 -16.23 -12.91 -1.57
N ARG F 46 -15.22 -12.06 -1.45
CA ARG F 46 -14.21 -11.88 -2.50
C ARG F 46 -12.85 -12.47 -2.13
N ASP F 47 -12.61 -12.75 -0.85
CA ASP F 47 -11.35 -13.36 -0.41
C ASP F 47 -11.29 -14.85 -0.78
N LEU F 48 -10.13 -15.45 -0.57
CA LEU F 48 -9.85 -16.81 -1.04
C LEU F 48 -10.85 -17.84 -0.49
N GLY F 49 -11.15 -17.75 0.80
CA GLY F 49 -12.12 -18.64 1.43
C GLY F 49 -11.50 -19.74 2.25
N TYR F 50 -10.16 -19.76 2.29
CA TYR F 50 -9.42 -20.73 3.11
C TYR F 50 -7.95 -20.31 3.24
N SER F 51 -7.18 -21.04 4.03
CA SER F 51 -5.78 -20.66 4.27
C SER F 51 -4.91 -20.76 3.01
N ASP F 52 -4.26 -19.64 2.68
CA ASP F 52 -3.34 -19.58 1.54
C ASP F 52 -1.91 -20.02 1.86
N PHE F 53 -1.70 -20.73 2.98
CA PHE F 53 -0.33 -21.08 3.38
C PHE F 53 0.42 -21.87 2.30
N SER F 54 0.03 -23.13 2.09
CA SER F 54 0.69 -23.97 1.09
C SER F 54 -0.35 -24.90 0.48
N PRO F 55 -1.24 -24.34 -0.33
CA PRO F 55 -2.38 -25.07 -0.85
C PRO F 55 -2.19 -25.63 -2.27
N TYR F 56 -0.94 -25.74 -2.73
CA TYR F 56 -0.69 -26.12 -4.11
C TYR F 56 -0.35 -27.60 -4.20
N GLN F 57 -0.61 -28.18 -5.37
CA GLN F 57 -0.45 -29.61 -5.58
C GLN F 57 -0.14 -29.99 -7.02
N TRP F 58 0.30 -31.23 -7.20
CA TRP F 58 0.58 -31.81 -8.51
C TRP F 58 0.17 -33.28 -8.51
N ARG F 59 -0.90 -33.60 -9.25
CA ARG F 59 -1.40 -34.96 -9.38
C ARG F 59 -1.71 -35.59 -8.03
N GLY F 60 -2.36 -34.83 -7.16
CA GLY F 60 -2.77 -35.30 -5.86
C GLY F 60 -1.67 -35.32 -4.81
N LEU F 61 -0.51 -34.75 -5.12
CA LEU F 61 0.59 -34.62 -4.15
C LEU F 61 0.83 -33.15 -3.86
N ARG F 62 1.12 -32.84 -2.60
CA ARG F 62 1.45 -31.47 -2.19
C ARG F 62 2.74 -30.98 -2.86
N MET F 63 2.76 -29.69 -3.17
CA MET F 63 3.89 -29.05 -3.81
C MET F 63 4.20 -27.83 -2.99
N LEU F 64 5.38 -27.78 -2.38
CA LEU F 64 5.80 -26.61 -1.63
C LEU F 64 6.37 -25.52 -2.53
N LYS F 65 6.33 -25.73 -3.84
CA LYS F 65 6.70 -24.69 -4.80
C LYS F 65 5.45 -24.00 -5.33
N ASP F 66 5.34 -22.71 -5.06
CA ASP F 66 4.16 -21.93 -5.46
C ASP F 66 4.27 -21.60 -6.96
N PRO F 67 3.17 -21.19 -7.60
CA PRO F 67 3.12 -21.03 -9.05
C PRO F 67 4.19 -20.15 -9.69
N ASP F 68 4.57 -19.07 -9.02
CA ASP F 68 5.56 -18.16 -9.58
C ASP F 68 6.93 -18.84 -9.70
N THR F 69 7.22 -19.72 -8.74
CA THR F 69 8.41 -20.54 -8.77
C THR F 69 8.32 -21.61 -9.87
N GLN F 70 7.15 -22.21 -10.01
CA GLN F 70 6.92 -23.22 -11.05
C GLN F 70 7.22 -22.64 -12.43
N ALA F 71 6.81 -21.39 -12.67
CA ALA F 71 6.95 -20.78 -13.97
C ALA F 71 8.41 -20.49 -14.27
N VAL F 72 9.14 -20.03 -13.26
CA VAL F 72 10.59 -19.86 -13.37
C VAL F 72 11.28 -21.17 -13.74
N TYR F 73 10.94 -22.24 -13.03
CA TYR F 73 11.59 -23.54 -13.26
C TYR F 73 11.19 -24.13 -14.60
N HIS F 74 10.00 -23.78 -15.08
CA HIS F 74 9.60 -24.16 -16.42
C HIS F 74 10.55 -23.52 -17.46
N ASP F 75 10.75 -22.20 -17.35
CA ASP F 75 11.60 -21.45 -18.28
C ASP F 75 13.04 -21.94 -18.25
N MET F 76 13.51 -22.29 -17.06
CA MET F 76 14.87 -22.75 -16.85
C MET F 76 15.05 -24.14 -17.43
N LEU F 77 14.03 -24.98 -17.30
CA LEU F 77 14.09 -26.33 -17.86
C LEU F 77 14.03 -26.31 -19.39
N TRP F 78 13.28 -25.35 -19.94
CA TRP F 78 13.08 -25.26 -21.38
C TRP F 78 14.33 -24.69 -22.08
N GLU F 79 15.07 -23.83 -21.37
CA GLU F 79 16.31 -23.26 -21.88
C GLU F 79 17.50 -24.22 -21.73
N LEU F 80 17.66 -24.78 -20.54
CA LEU F 80 18.84 -25.58 -20.19
C LEU F 80 18.77 -27.02 -20.71
N ARG F 81 17.56 -27.58 -20.72
CA ARG F 81 17.32 -28.99 -21.05
C ARG F 81 18.23 -29.93 -20.22
N PRO F 82 18.00 -29.96 -18.92
CA PRO F 82 18.89 -30.67 -18.00
C PRO F 82 18.74 -32.19 -18.09
N ARG F 83 19.86 -32.89 -18.05
CA ARG F 83 19.87 -34.35 -17.99
C ARG F 83 19.79 -34.85 -16.56
N THR F 84 19.94 -33.96 -15.58
CA THR F 84 19.87 -34.32 -14.16
C THR F 84 19.33 -33.16 -13.31
N ILE F 85 18.49 -33.50 -12.33
CA ILE F 85 17.99 -32.53 -11.36
C ILE F 85 18.07 -33.16 -9.97
N VAL F 86 19.01 -32.69 -9.17
CA VAL F 86 19.15 -33.12 -7.79
C VAL F 86 18.30 -32.21 -6.89
N GLU F 87 17.35 -32.81 -6.17
CA GLU F 87 16.61 -32.11 -5.14
C GLU F 87 17.14 -32.56 -3.78
N LEU F 88 17.67 -31.61 -3.03
CA LEU F 88 18.11 -31.83 -1.67
C LEU F 88 16.89 -31.48 -0.80
N GLY F 89 16.45 -32.42 0.05
CA GLY F 89 15.20 -32.29 0.78
C GLY F 89 13.98 -32.57 -0.08
N VAL F 90 13.20 -33.57 0.32
CA VAL F 90 12.10 -34.10 -0.51
C VAL F 90 10.70 -33.77 0.03
N TYR F 91 10.49 -34.07 1.31
CA TYR F 91 9.17 -34.05 1.94
C TYR F 91 8.27 -35.11 1.25
N ASN F 92 7.08 -34.71 0.81
CA ASN F 92 6.11 -35.62 0.19
C ASN F 92 6.50 -36.13 -1.19
N GLY F 93 7.38 -35.43 -1.88
CA GLY F 93 7.85 -35.85 -3.19
C GLY F 93 7.08 -35.26 -4.35
N GLY F 94 6.25 -34.25 -4.10
CA GLY F 94 5.50 -33.59 -5.16
C GLY F 94 6.40 -32.85 -6.14
N SER F 95 7.44 -32.20 -5.65
CA SER F 95 8.39 -31.52 -6.51
C SER F 95 9.18 -32.51 -7.38
N LEU F 96 9.51 -33.68 -6.83
CA LEU F 96 10.19 -34.74 -7.59
C LEU F 96 9.33 -35.18 -8.77
N ALA F 97 8.08 -35.50 -8.50
CA ALA F 97 7.14 -35.97 -9.51
C ALA F 97 6.87 -34.88 -10.55
N TRP F 98 6.87 -33.64 -10.10
CA TRP F 98 6.60 -32.50 -10.97
C TRP F 98 7.78 -32.32 -11.93
N PHE F 99 8.99 -32.23 -11.38
CA PHE F 99 10.19 -32.07 -12.19
C PHE F 99 10.31 -33.20 -13.21
N ARG F 100 10.04 -34.43 -12.78
CA ARG F 100 10.12 -35.58 -13.68
C ARG F 100 9.04 -35.50 -14.76
N ASP F 101 7.83 -35.12 -14.38
CA ASP F 101 6.72 -35.01 -15.33
C ASP F 101 6.98 -33.91 -16.35
N LEU F 102 7.56 -32.79 -15.89
CA LEU F 102 7.75 -31.61 -16.73
C LEU F 102 8.85 -31.85 -17.77
N THR F 103 9.99 -32.35 -17.32
CA THR F 103 11.06 -32.76 -18.22
C THR F 103 10.55 -33.74 -19.28
N LYS F 104 9.63 -34.62 -18.87
CA LYS F 104 9.10 -35.67 -19.74
C LYS F 104 8.20 -35.14 -20.88
N ILE F 105 7.36 -34.14 -20.62
CA ILE F 105 6.56 -33.53 -21.69
C ILE F 105 7.36 -32.62 -22.60
N MET F 106 8.54 -32.19 -22.14
CA MET F 106 9.41 -31.34 -22.94
C MET F 106 10.30 -32.19 -23.86
N GLY F 107 10.24 -33.51 -23.71
CA GLY F 107 11.10 -34.41 -24.46
C GLY F 107 12.54 -34.39 -23.97
N ILE F 108 12.76 -33.94 -22.74
CA ILE F 108 14.07 -33.98 -22.12
C ILE F 108 14.22 -35.29 -21.33
N ASP F 109 15.30 -36.01 -21.61
CA ASP F 109 15.62 -37.25 -20.89
C ASP F 109 16.38 -36.91 -19.60
N CYS F 110 15.62 -36.73 -18.51
CA CYS F 110 16.17 -36.25 -17.24
C CYS F 110 15.98 -37.29 -16.13
N GLN F 111 17.03 -37.48 -15.34
CA GLN F 111 16.95 -38.25 -14.10
C GLN F 111 16.74 -37.27 -12.96
N VAL F 112 15.82 -37.58 -12.07
CA VAL F 112 15.53 -36.73 -10.93
C VAL F 112 15.96 -37.49 -9.68
N ILE F 113 16.86 -36.91 -8.90
CA ILE F 113 17.33 -37.52 -7.67
C ILE F 113 16.91 -36.68 -6.48
N GLY F 114 16.27 -37.31 -5.50
CA GLY F 114 15.92 -36.67 -4.25
C GLY F 114 16.72 -37.23 -3.07
N ILE F 115 17.21 -36.34 -2.21
CA ILE F 115 17.95 -36.73 -1.00
C ILE F 115 17.21 -36.19 0.23
N ASP F 116 17.23 -36.97 1.32
CA ASP F 116 16.54 -36.61 2.56
C ASP F 116 16.93 -37.58 3.68
N ARG F 117 17.07 -37.06 4.90
CA ARG F 117 17.26 -37.90 6.08
C ARG F 117 16.01 -38.76 6.35
N ASP F 118 14.85 -38.28 5.90
CA ASP F 118 13.57 -38.94 6.17
C ASP F 118 12.73 -39.03 4.90
N LEU F 119 12.56 -40.25 4.38
CA LEU F 119 11.77 -40.51 3.17
C LEU F 119 10.43 -41.17 3.50
N SER F 120 10.06 -41.18 4.78
CA SER F 120 8.79 -41.77 5.21
C SER F 120 7.61 -40.88 4.83
N ARG F 121 7.87 -39.59 4.69
CA ARG F 121 6.84 -38.64 4.27
C ARG F 121 6.60 -38.65 2.78
N CYS F 122 7.51 -39.25 2.02
CA CYS F 122 7.34 -39.38 0.57
C CYS F 122 6.09 -40.20 0.23
N GLN F 123 5.26 -39.66 -0.66
CA GLN F 123 3.96 -40.24 -1.01
C GLN F 123 3.82 -40.55 -2.51
N ILE F 124 4.92 -40.52 -3.26
CA ILE F 124 4.87 -40.93 -4.65
C ILE F 124 4.63 -42.44 -4.69
N PRO F 125 3.53 -42.88 -5.30
CA PRO F 125 3.28 -44.32 -5.47
C PRO F 125 4.45 -45.02 -6.16
N ALA F 126 4.69 -46.29 -5.84
CA ALA F 126 5.86 -46.99 -6.38
C ALA F 126 5.80 -47.22 -7.89
N SER F 127 4.59 -47.29 -8.45
CA SER F 127 4.40 -47.39 -9.90
C SER F 127 4.86 -46.14 -10.63
N ASP F 128 4.72 -45.00 -9.96
CA ASP F 128 4.90 -43.68 -10.55
C ASP F 128 6.30 -43.10 -10.26
N MET F 129 7.31 -43.96 -10.23
CA MET F 129 8.67 -43.57 -9.82
C MET F 129 9.70 -43.69 -10.94
N GLU F 130 9.24 -43.66 -12.19
CA GLU F 130 10.11 -43.73 -13.37
C GLU F 130 11.06 -42.54 -13.44
N ASN F 131 12.35 -42.80 -13.63
CA ASN F 131 13.36 -41.73 -13.70
C ASN F 131 13.45 -40.90 -12.42
N ILE F 132 13.14 -41.51 -11.28
CA ILE F 132 13.29 -40.87 -9.97
C ILE F 132 14.07 -41.82 -9.06
N THR F 133 14.97 -41.27 -8.26
CA THR F 133 15.82 -42.06 -7.38
C THR F 133 15.88 -41.40 -6.01
N LEU F 134 15.55 -42.15 -4.97
CA LEU F 134 15.53 -41.64 -3.61
C LEU F 134 16.76 -42.11 -2.85
N HIS F 135 17.33 -41.22 -2.05
CA HIS F 135 18.56 -41.53 -1.30
C HIS F 135 18.46 -41.00 0.12
N GLN F 136 18.66 -41.89 1.09
CA GLN F 136 18.50 -41.55 2.49
C GLN F 136 19.84 -41.25 3.16
N GLY F 137 20.14 -39.97 3.29
CA GLY F 137 21.29 -39.51 4.05
C GLY F 137 21.02 -38.18 4.73
N ASP F 138 21.93 -37.74 5.58
CA ASP F 138 21.83 -36.41 6.18
C ASP F 138 22.63 -35.40 5.37
N CYS F 139 22.10 -34.17 5.30
CA CYS F 139 22.69 -33.10 4.50
C CYS F 139 23.96 -32.55 5.14
N SER F 140 23.95 -32.41 6.47
CA SER F 140 25.15 -31.98 7.18
C SER F 140 26.37 -32.83 6.81
N ASP F 141 26.23 -34.14 6.88
CA ASP F 141 27.32 -35.07 6.56
C ASP F 141 27.58 -35.13 5.05
N LEU F 142 28.81 -34.80 4.64
CA LEU F 142 29.19 -34.76 3.22
C LEU F 142 29.30 -36.15 2.57
N THR F 143 29.29 -37.21 3.38
CA THR F 143 29.39 -38.58 2.85
C THR F 143 28.15 -38.96 2.04
N THR F 144 27.01 -38.35 2.38
CA THR F 144 25.76 -38.54 1.64
C THR F 144 25.95 -38.31 0.14
N PHE F 145 26.63 -37.21 -0.18
CA PHE F 145 26.83 -36.77 -1.57
C PHE F 145 27.96 -37.55 -2.24
N GLU F 146 29.00 -37.85 -1.46
CA GLU F 146 30.16 -38.58 -1.96
C GLU F 146 29.79 -39.94 -2.56
N HIS F 147 28.78 -40.59 -2.00
CA HIS F 147 28.47 -41.99 -2.31
C HIS F 147 27.86 -42.23 -3.70
N LEU F 148 27.57 -41.15 -4.44
CA LEU F 148 27.39 -41.25 -5.90
C LEU F 148 27.61 -39.90 -6.57
N ARG F 149 28.22 -39.91 -7.74
CA ARG F 149 28.35 -38.70 -8.57
C ARG F 149 28.40 -38.97 -10.09
N GLU F 150 27.88 -40.13 -10.53
CA GLU F 150 27.77 -40.42 -11.96
C GLU F 150 26.44 -39.87 -12.49
N MET F 151 26.45 -38.60 -12.86
CA MET F 151 25.26 -37.89 -13.35
C MET F 151 25.55 -37.15 -14.65
N ALA F 152 24.65 -37.27 -15.61
CA ALA F 152 24.80 -36.59 -16.91
C ALA F 152 24.46 -35.10 -16.78
N HIS F 153 25.05 -34.29 -17.65
CA HIS F 153 24.92 -32.84 -17.62
C HIS F 153 24.21 -32.34 -18.87
N PRO F 154 23.59 -31.15 -18.86
CA PRO F 154 23.59 -30.23 -17.71
C PRO F 154 22.79 -30.69 -16.49
N LEU F 155 22.97 -29.98 -15.38
CA LEU F 155 22.55 -30.44 -14.06
C LEU F 155 22.10 -29.27 -13.20
N ILE F 156 20.92 -29.37 -12.59
CA ILE F 156 20.41 -28.36 -11.66
C ILE F 156 20.41 -28.94 -10.28
N PHE F 157 21.06 -28.26 -9.33
CA PHE F 157 21.16 -28.72 -7.95
C PHE F 157 20.37 -27.77 -7.05
N ILE F 158 19.34 -28.29 -6.38
CA ILE F 158 18.43 -27.46 -5.56
C ILE F 158 18.53 -27.80 -4.09
N ASP F 159 18.81 -26.79 -3.26
CA ASP F 159 18.78 -26.96 -1.81
C ASP F 159 17.43 -26.53 -1.24
N ASP F 160 16.67 -27.51 -0.76
CA ASP F 160 15.47 -27.26 0.06
C ASP F 160 15.63 -27.79 1.48
N ALA F 161 16.74 -28.47 1.75
CA ALA F 161 17.00 -28.97 3.10
C ALA F 161 17.40 -27.83 4.03
N HIS F 162 18.15 -26.87 3.47
CA HIS F 162 18.57 -25.65 4.18
C HIS F 162 19.52 -25.91 5.34
N ALA F 163 20.26 -27.02 5.30
CA ALA F 163 21.23 -27.34 6.36
C ALA F 163 22.64 -27.45 5.79
N ASN F 164 23.61 -26.94 6.54
CA ASN F 164 25.03 -26.96 6.17
C ASN F 164 25.24 -26.56 4.71
N THR F 165 24.42 -25.62 4.25
CA THR F 165 24.28 -25.31 2.82
C THR F 165 25.58 -24.91 2.14
N PHE F 166 26.39 -24.12 2.82
CA PHE F 166 27.57 -23.53 2.20
C PHE F 166 28.73 -24.52 2.05
N ASN F 167 28.89 -25.43 3.01
CA ASN F 167 29.84 -26.52 2.84
C ASN F 167 29.43 -27.45 1.70
N ILE F 168 28.12 -27.64 1.54
CA ILE F 168 27.59 -28.47 0.46
C ILE F 168 27.90 -27.83 -0.89
N MET F 169 27.82 -26.50 -0.95
CA MET F 169 28.07 -25.78 -2.18
C MET F 169 29.53 -25.93 -2.59
N LYS F 170 30.44 -26.00 -1.62
CA LYS F 170 31.86 -26.20 -1.91
C LYS F 170 32.07 -27.55 -2.60
N TRP F 171 31.63 -28.62 -1.94
CA TRP F 171 31.71 -29.96 -2.49
C TRP F 171 31.09 -30.02 -3.90
N ALA F 172 30.07 -29.20 -4.13
CA ALA F 172 29.38 -29.19 -5.42
C ALA F 172 30.27 -28.63 -6.52
N VAL F 173 30.84 -27.45 -6.29
CA VAL F 173 31.70 -26.79 -7.29
C VAL F 173 32.92 -27.64 -7.63
N ASP F 174 33.49 -28.30 -6.63
CA ASP F 174 34.69 -29.12 -6.79
C ASP F 174 34.41 -30.46 -7.49
N HIS F 175 33.37 -31.17 -7.04
CA HIS F 175 33.21 -32.58 -7.36
C HIS F 175 31.97 -32.93 -8.20
N LEU F 176 31.36 -31.93 -8.84
CA LEU F 176 30.08 -32.14 -9.55
C LEU F 176 29.80 -31.18 -10.70
N LEU F 177 29.77 -29.88 -10.42
CA LEU F 177 29.22 -28.90 -11.38
C LEU F 177 30.19 -28.61 -12.53
N GLU F 178 29.63 -28.48 -13.71
CA GLU F 178 30.36 -28.06 -14.90
C GLU F 178 29.82 -26.71 -15.35
N GLU F 179 30.42 -26.14 -16.41
CA GLU F 179 29.97 -24.85 -16.94
C GLU F 179 28.52 -24.92 -17.40
N GLY F 180 27.66 -24.07 -16.83
CA GLY F 180 26.26 -24.00 -17.18
C GLY F 180 25.30 -24.62 -16.18
N ASP F 181 25.80 -25.54 -15.36
CA ASP F 181 25.00 -26.20 -14.34
C ASP F 181 24.57 -25.22 -13.25
N TYR F 182 23.39 -25.45 -12.68
CA TYR F 182 22.83 -24.54 -11.69
C TYR F 182 23.02 -25.06 -10.29
N PHE F 183 23.10 -24.13 -9.34
CA PHE F 183 23.02 -24.42 -7.93
C PHE F 183 22.10 -23.38 -7.33
N ILE F 184 21.00 -23.84 -6.74
CA ILE F 184 19.92 -22.96 -6.31
C ILE F 184 19.62 -23.13 -4.82
N ILE F 185 19.69 -22.02 -4.08
CA ILE F 185 19.31 -21.98 -2.69
C ILE F 185 17.92 -21.35 -2.57
N GLU F 186 16.91 -22.17 -2.32
CA GLU F 186 15.54 -21.70 -2.20
C GLU F 186 15.30 -21.15 -0.80
N ASP F 187 14.55 -20.06 -0.73
CA ASP F 187 13.96 -19.52 0.50
C ASP F 187 14.88 -18.80 1.49
N MET F 188 16.08 -19.31 1.70
CA MET F 188 16.92 -18.88 2.83
C MET F 188 17.76 -17.63 2.60
N ILE F 189 18.06 -17.31 1.35
CA ILE F 189 19.04 -16.27 1.05
C ILE F 189 18.65 -14.92 1.65
N PRO F 190 17.43 -14.43 1.40
CA PRO F 190 17.00 -13.17 2.00
C PRO F 190 17.16 -13.18 3.52
N TYR F 191 16.71 -14.24 4.18
CA TYR F 191 16.76 -14.36 5.65
C TYR F 191 18.17 -14.38 6.22
N TRP F 192 19.10 -15.01 5.52
CA TRP F 192 20.50 -15.08 5.95
C TRP F 192 21.21 -13.74 5.78
N TYR F 193 20.76 -12.92 4.84
CA TYR F 193 21.30 -11.58 4.63
C TYR F 193 20.77 -10.63 5.73
N ARG F 194 19.57 -10.93 6.19
CA ARG F 194 18.93 -10.14 7.24
C ARG F 194 19.62 -10.31 8.60
N TYR F 195 19.93 -11.56 8.94
CA TYR F 195 20.46 -11.92 10.24
C TYR F 195 21.97 -11.82 10.32
N ALA F 196 22.65 -12.17 9.23
CA ALA F 196 24.11 -12.16 9.17
C ALA F 196 24.63 -11.56 7.87
N PRO F 197 24.46 -10.26 7.67
CA PRO F 197 24.85 -9.63 6.40
C PRO F 197 26.37 -9.70 6.09
N GLN F 198 27.22 -9.35 7.05
CA GLN F 198 28.67 -9.30 6.78
C GLN F 198 29.24 -10.70 6.47
N LEU F 199 28.71 -11.71 7.15
CA LEU F 199 29.18 -13.09 7.02
C LEU F 199 28.68 -13.69 5.73
N PHE F 200 27.39 -13.53 5.49
CA PHE F 200 26.77 -13.99 4.26
C PHE F 200 27.45 -13.38 3.03
N SER F 201 27.81 -12.10 3.11
CA SER F 201 28.51 -11.41 2.02
C SER F 201 29.90 -11.99 1.81
N GLU F 202 30.58 -12.32 2.90
CA GLU F 202 31.93 -12.91 2.85
C GLU F 202 31.89 -14.34 2.27
N TYR F 203 30.96 -15.16 2.77
CA TYR F 203 30.82 -16.55 2.35
C TYR F 203 30.47 -16.62 0.87
N LEU F 204 29.50 -15.80 0.46
CA LEU F 204 29.04 -15.80 -0.92
C LEU F 204 30.11 -15.26 -1.87
N GLY F 205 30.81 -14.22 -1.43
CA GLY F 205 31.84 -13.59 -2.24
C GLY F 205 33.03 -14.49 -2.51
N ALA F 206 33.16 -15.56 -1.73
CA ALA F 206 34.24 -16.54 -1.90
C ALA F 206 34.09 -17.31 -3.19
N PHE F 207 32.85 -17.43 -3.67
CA PHE F 207 32.55 -18.16 -4.90
C PHE F 207 32.62 -17.28 -6.16
N ARG F 208 33.07 -16.04 -6.03
CA ARG F 208 33.11 -15.08 -7.15
C ARG F 208 33.75 -15.61 -8.45
N ASP F 209 34.78 -16.43 -8.32
CA ASP F 209 35.47 -16.95 -9.51
C ASP F 209 34.81 -18.17 -10.13
N VAL F 210 33.96 -18.86 -9.37
CA VAL F 210 33.34 -20.11 -9.82
C VAL F 210 31.85 -19.98 -10.16
N LEU F 211 31.09 -19.26 -9.33
CA LEU F 211 29.64 -19.12 -9.49
C LEU F 211 29.18 -17.67 -9.66
N SER F 212 28.06 -17.49 -10.34
CA SER F 212 27.45 -16.19 -10.60
C SER F 212 25.95 -16.23 -10.33
N MET F 213 25.30 -15.07 -10.27
CA MET F 213 23.86 -15.00 -10.02
C MET F 213 23.16 -14.75 -11.34
N ASP F 214 22.30 -15.68 -11.74
CA ASP F 214 21.54 -15.58 -12.98
C ASP F 214 20.40 -14.57 -12.81
N MET F 215 20.61 -13.36 -13.31
CA MET F 215 19.66 -12.27 -13.16
C MET F 215 18.37 -12.41 -13.97
N LEU F 216 18.35 -13.34 -14.92
CA LEU F 216 17.14 -13.64 -15.67
C LEU F 216 16.07 -14.33 -14.82
N TYR F 217 16.52 -15.18 -13.88
CA TYR F 217 15.62 -15.96 -13.04
C TYR F 217 15.62 -15.53 -11.57
N ALA F 218 16.59 -14.72 -11.15
CA ALA F 218 16.86 -14.54 -9.73
C ALA F 218 15.92 -13.57 -9.02
N ASN F 219 15.21 -12.73 -9.77
CA ASN F 219 14.17 -11.87 -9.18
C ASN F 219 12.76 -12.23 -9.62
N ALA F 220 12.59 -13.39 -10.24
CA ALA F 220 11.30 -13.76 -10.84
C ALA F 220 10.34 -14.48 -9.90
N SER F 221 10.77 -14.72 -8.66
CA SER F 221 9.94 -15.45 -7.68
C SER F 221 10.51 -15.27 -6.28
N SER F 222 9.64 -15.03 -5.31
CA SER F 222 10.07 -14.75 -3.95
C SER F 222 10.72 -15.96 -3.26
N GLN F 223 10.37 -17.19 -3.67
CA GLN F 223 11.01 -18.39 -3.13
C GLN F 223 12.44 -18.51 -3.63
N LEU F 224 12.67 -18.14 -4.89
CA LEU F 224 13.98 -18.26 -5.51
C LEU F 224 14.80 -16.98 -5.35
N ASP F 225 14.16 -15.93 -4.81
CA ASP F 225 14.74 -14.58 -4.69
C ASP F 225 16.23 -14.58 -4.38
N ARG F 226 17.02 -14.10 -5.33
CA ARG F 226 18.47 -13.88 -5.17
C ARG F 226 19.23 -15.13 -4.73
N GLY F 227 18.76 -16.28 -5.21
CA GLY F 227 19.33 -17.57 -4.85
C GLY F 227 19.60 -18.47 -6.04
N VAL F 228 19.45 -17.98 -7.26
CA VAL F 228 19.71 -18.78 -8.45
C VAL F 228 21.15 -18.54 -8.91
N LEU F 229 22.00 -19.53 -8.69
CA LEU F 229 23.42 -19.43 -9.03
C LEU F 229 23.80 -20.47 -10.09
N ARG F 230 24.78 -20.17 -10.92
CA ARG F 230 25.29 -21.12 -11.93
C ARG F 230 26.79 -20.96 -12.22
N ARG F 231 27.42 -22.05 -12.63
CA ARG F 231 28.85 -22.08 -12.94
C ARG F 231 29.24 -21.29 -14.21
N VAL F 232 30.34 -20.55 -14.13
CA VAL F 232 30.89 -19.78 -15.27
C VAL F 232 32.24 -20.36 -15.73
#